data_3FO3
#
_entry.id   3FO3
#
_cell.length_a   193.790
_cell.length_b   193.790
_cell.length_c   193.790
_cell.angle_alpha   90.00
_cell.angle_beta   90.00
_cell.angle_gamma   90.00
#
_symmetry.space_group_name_H-M   'P 21 3'
#
loop_
_entity.id
_entity.type
_entity.pdbx_description
1 polymer 'Eight-heme nitrite reductase'
2 non-polymer 'HEME C'
3 non-polymer 'SULFITE ION'
4 non-polymer 'CALCIUM ION'
5 non-polymer 'SULFATE ION'
6 non-polymer THIOSULFATE
7 non-polymer 'SODIUM ION'
8 non-polymer 1-(2-METHOXY-ETHOXY)-2-{2-[2-(2-METHOXY-ETHOXY]-ETHOXY}-ETHANE
9 non-polymer 2-AMINO-2-HYDROXYMETHYL-PROPANE-1,3-DIOL
10 non-polymer 'TETRAETHYLENE GLYCOL'
11 non-polymer 'ACETATE ION'
12 water water
#
_entity_poly.entity_id   1
_entity_poly.type   'polypeptide(L)'
_entity_poly.pdbx_seq_one_letter_code
;EPGENLKPVDAMQCFDCHTQIEDMHTVGKHATVNCVHCHDATEHVETASSRRMGERPVTRMDLEACATCHTAQFNSFVEV
RHESHPRLEKATPTSRSPMFDKLIAGHGFAFEHAEPRSHAFMLVDHFVVDRAYGGRFQFKNWQKVTDGMGAVRGAWTVLT
DADPESSDQRRFLSQTATAANPVCLNCKTQDHILDWAYMGDEHEAAKWSRTSEVVEFARDLNHPLNCFMCHDPHSAGPRV
VRDGLINAVVDRGLGTYPHDPVKSEQQGMTKVTFQRGREDFRAIGLLDTADSNVMCAQCHVEYNCNPGYQLSDGSRVGMD
DRRANHFFWANVFDYKEAAQEIDFFDFRHATTGAALPKLQHPEAETFWGSVHERNGVACADCHMPKVQLENGKVYTSHSQ
RTPRDMMGQACLNCHAEWTEDQALYAIDYIKNYTHGKIVKSEYWLAKMIDLFPVAKRAGVSEDVLNQARELHYDAHLYWE
WWTAENSVGFHNPDQARESLMTSISKSKEAVSLLNDAIDAQVASR
;
_entity_poly.pdbx_strand_id   A,B
#
loop_
_chem_comp.id
_chem_comp.type
_chem_comp.name
_chem_comp.formula
ACT non-polymer 'ACETATE ION' 'C2 H3 O2 -1'
CA non-polymer 'CALCIUM ION' 'Ca 2'
HEC non-polymer 'HEME C' 'C34 H34 Fe N4 O4'
NA non-polymer 'SODIUM ION' 'Na 1'
PG4 non-polymer 'TETRAETHYLENE GLYCOL' 'C8 H18 O5'
PG6 non-polymer 1-(2-METHOXY-ETHOXY)-2-{2-[2-(2-METHOXY-ETHOXY]-ETHOXY}-ETHANE 'C12 H26 O6'
SO3 non-polymer 'SULFITE ION' 'O3 S -2'
SO4 non-polymer 'SULFATE ION' 'O4 S -2'
THJ non-polymer THIOSULFATE 'O3 S2 -2'
TRS non-polymer 2-AMINO-2-HYDROXYMETHYL-PROPANE-1,3-DIOL 'C4 H12 N O3 1'
#
# COMPACT_ATOMS: atom_id res chain seq x y z
N ASN A 5 7.28 -21.14 -7.01
CA ASN A 5 7.34 -20.40 -5.72
C ASN A 5 8.80 -20.38 -5.23
N LEU A 6 9.20 -19.31 -4.57
CA LEU A 6 10.57 -19.22 -4.03
C LEU A 6 10.80 -20.25 -2.95
N LYS A 7 12.00 -20.81 -2.94
CA LYS A 7 12.40 -21.77 -1.92
C LYS A 7 13.60 -21.17 -1.21
N PRO A 8 13.54 -21.07 0.11
CA PRO A 8 14.67 -20.42 0.80
C PRO A 8 15.94 -21.25 0.73
N VAL A 9 17.05 -20.55 0.82
CA VAL A 9 18.37 -21.17 0.88
C VAL A 9 18.91 -21.11 2.26
N ASP A 10 19.92 -21.94 2.53
CA ASP A 10 20.56 -21.94 3.83
C ASP A 10 21.52 -20.76 3.98
N ALA A 11 21.03 -19.67 4.58
CA ALA A 11 21.85 -18.46 4.74
C ALA A 11 23.08 -18.71 5.59
N MET A 12 22.99 -19.63 6.54
CA MET A 12 24.14 -19.90 7.39
C MET A 12 25.33 -20.38 6.61
N GLN A 13 25.12 -21.14 5.55
CA GLN A 13 26.21 -21.55 4.68
C GLN A 13 26.86 -20.34 4.01
N CYS A 14 26.04 -19.43 3.46
CA CYS A 14 26.61 -18.23 2.87
C CYS A 14 27.48 -17.49 3.87
N PHE A 15 27.02 -17.42 5.11
CA PHE A 15 27.70 -16.66 6.16
C PHE A 15 29.06 -17.21 6.53
N ASP A 16 29.33 -18.46 6.20
CA ASP A 16 30.66 -19.04 6.48
C ASP A 16 31.72 -18.33 5.65
N CYS A 17 31.32 -17.71 4.53
CA CYS A 17 32.19 -16.91 3.70
C CYS A 17 31.89 -15.44 3.85
N HIS A 18 30.63 -15.06 3.86
CA HIS A 18 30.23 -13.66 3.81
C HIS A 18 30.01 -13.07 5.19
N THR A 19 31.11 -12.80 5.90
CA THR A 19 31.04 -12.33 7.27
C THR A 19 30.49 -10.90 7.44
N GLN A 20 30.75 -10.00 6.48
CA GLN A 20 30.18 -8.63 6.58
C GLN A 20 28.67 -8.70 6.38
N ILE A 21 28.24 -9.50 5.41
CA ILE A 21 26.80 -9.65 5.20
C ILE A 21 26.18 -10.27 6.44
N GLU A 22 26.83 -11.28 7.02
CA GLU A 22 26.30 -11.88 8.23
C GLU A 22 26.08 -10.83 9.31
N ASP A 23 27.09 -9.98 9.51
CA ASP A 23 27.01 -8.99 10.57
C ASP A 23 25.85 -8.01 10.30
N MET A 24 25.68 -7.63 9.05
CA MET A 24 24.65 -6.67 8.69
C MET A 24 23.24 -7.29 8.74
N HIS A 25 23.10 -8.46 8.16
CA HIS A 25 21.82 -9.13 7.97
C HIS A 25 21.25 -9.65 9.27
N THR A 26 22.11 -10.23 10.11
CA THR A 26 21.58 -10.87 11.31
C THR A 26 21.10 -9.87 12.36
N VAL A 27 21.61 -8.64 12.31
CA VAL A 27 21.32 -7.61 13.30
C VAL A 27 20.16 -6.69 12.89
N GLY A 28 20.00 -6.46 11.59
CA GLY A 28 19.02 -5.51 11.09
C GLY A 28 17.62 -6.03 10.94
N LYS A 29 16.79 -5.23 10.27
CA LYS A 29 15.38 -5.51 10.16
C LYS A 29 15.03 -6.41 9.00
N HIS A 30 16.04 -6.89 8.28
CA HIS A 30 15.90 -7.93 7.28
C HIS A 30 16.45 -9.30 7.72
N ALA A 31 16.63 -9.49 9.02
CA ALA A 31 17.19 -10.76 9.52
C ALA A 31 16.37 -11.95 9.11
N THR A 32 15.07 -11.76 8.89
CA THR A 32 14.20 -12.87 8.49
C THR A 32 14.00 -12.98 6.99
N VAL A 33 14.60 -12.08 6.22
CA VAL A 33 14.40 -12.05 4.79
C VAL A 33 15.46 -12.92 4.11
N ASN A 34 15.02 -14.01 3.53
CA ASN A 34 15.95 -14.96 2.95
C ASN A 34 16.62 -14.45 1.68
N CYS A 35 17.87 -14.87 1.46
CA CYS A 35 18.67 -14.42 0.34
C CYS A 35 18.04 -14.68 -1.01
N VAL A 36 17.20 -15.72 -1.10
CA VAL A 36 16.57 -16.09 -2.38
C VAL A 36 15.68 -14.99 -2.94
N HIS A 37 15.25 -14.06 -2.11
CA HIS A 37 14.46 -12.94 -2.63
C HIS A 37 15.22 -12.10 -3.60
N CYS A 38 16.56 -12.10 -3.52
CA CYS A 38 17.37 -11.23 -4.37
C CYS A 38 18.53 -11.92 -5.07
N HIS A 39 18.87 -13.15 -4.67
CA HIS A 39 20.03 -13.83 -5.23
C HIS A 39 19.69 -15.25 -5.65
N ASP A 40 20.16 -15.63 -6.82
CA ASP A 40 20.13 -17.01 -7.30
C ASP A 40 21.59 -17.48 -7.24
N ALA A 41 21.89 -18.22 -6.18
CA ALA A 41 23.29 -18.56 -5.84
C ALA A 41 23.53 -20.06 -5.83
N THR A 42 22.65 -20.85 -6.45
CA THR A 42 22.77 -22.30 -6.42
C THR A 42 24.11 -22.77 -6.97
N GLU A 43 24.44 -22.34 -8.17
CA GLU A 43 25.69 -22.78 -8.79
C GLU A 43 26.90 -22.14 -8.09
N HIS A 44 26.75 -20.91 -7.62
CA HIS A 44 27.79 -20.22 -6.86
C HIS A 44 28.17 -21.04 -5.63
N VAL A 45 27.20 -21.45 -4.84
CA VAL A 45 27.48 -22.19 -3.62
C VAL A 45 28.15 -23.51 -3.90
N GLU A 46 27.82 -24.12 -5.03
CA GLU A 46 28.43 -25.43 -5.40
C GLU A 46 29.90 -25.29 -5.80
N THR A 47 30.32 -24.09 -6.19
CA THR A 47 31.63 -23.88 -6.79
C THR A 47 32.57 -22.93 -6.07
N ALA A 48 32.05 -22.12 -5.14
CA ALA A 48 32.84 -21.12 -4.45
C ALA A 48 33.76 -21.75 -3.39
N SER A 49 34.83 -21.03 -3.12
CA SER A 49 35.52 -21.13 -1.84
C SER A 49 35.55 -19.76 -1.23
N SER A 50 36.05 -19.64 0.00
CA SER A 50 36.17 -18.33 0.63
C SER A 50 37.09 -17.39 -0.12
N ARG A 51 37.91 -17.94 -1.00
CA ARG A 51 38.91 -17.17 -1.77
C ARG A 51 38.64 -17.10 -3.26
N ARG A 52 37.61 -17.77 -3.76
CA ARG A 52 37.34 -17.84 -5.18
C ARG A 52 35.84 -17.87 -5.37
N MET A 53 35.32 -16.92 -6.14
CA MET A 53 33.86 -16.84 -6.34
C MET A 53 33.28 -18.09 -6.97
N GLY A 54 33.99 -18.74 -7.87
CA GLY A 54 33.38 -19.76 -8.67
C GLY A 54 32.32 -19.13 -9.58
N GLU A 55 31.23 -19.83 -9.78
CA GLU A 55 30.16 -19.29 -10.63
C GLU A 55 29.56 -18.05 -9.97
N ARG A 56 29.31 -17.04 -10.78
CA ARG A 56 28.76 -15.80 -10.28
C ARG A 56 27.28 -15.94 -9.94
N PRO A 57 26.87 -15.66 -8.69
CA PRO A 57 25.44 -15.72 -8.39
C PRO A 57 24.72 -14.58 -9.14
N VAL A 58 23.44 -14.76 -9.43
CA VAL A 58 22.66 -13.73 -10.08
C VAL A 58 21.92 -12.91 -9.04
N THR A 59 22.10 -11.60 -9.11
CA THR A 59 21.47 -10.66 -8.17
C THR A 59 20.41 -9.86 -8.91
N ARG A 60 19.22 -9.87 -8.35
CA ARG A 60 18.08 -9.04 -8.81
C ARG A 60 18.25 -7.61 -8.38
N MET A 61 18.07 -6.70 -9.33
CA MET A 61 18.16 -5.27 -9.07
C MET A 61 16.86 -4.56 -9.43
N ASP A 62 15.87 -5.31 -9.88
CA ASP A 62 14.56 -4.72 -10.18
C ASP A 62 13.87 -4.29 -8.90
N LEU A 63 13.09 -3.23 -9.01
CA LEU A 63 12.42 -2.67 -7.83
C LEU A 63 11.32 -3.59 -7.33
N GLU A 64 10.82 -4.46 -8.20
CA GLU A 64 9.84 -5.43 -7.75
C GLU A 64 10.35 -6.46 -6.76
N ALA A 65 11.67 -6.59 -6.65
CA ALA A 65 12.24 -7.44 -5.61
C ALA A 65 11.85 -6.96 -4.23
N CYS A 66 11.61 -5.66 -4.10
CA CYS A 66 11.21 -5.04 -2.84
C CYS A 66 9.71 -4.85 -2.74
N ALA A 67 9.06 -4.71 -3.88
CA ALA A 67 7.60 -4.45 -3.95
C ALA A 67 6.90 -5.64 -3.35
C ALA A 67 6.58 -5.51 -3.47
N THR A 68 7.54 -6.80 -3.46
N THR A 68 6.94 -6.79 -3.35
CA THR A 68 7.03 -8.05 -2.90
CA THR A 68 5.94 -7.73 -2.82
C THR A 68 6.50 -7.87 -1.48
C THR A 68 5.80 -7.50 -1.31
N CYS A 69 7.22 -7.12 -0.63
N CYS A 69 6.92 -7.27 -0.62
CA CYS A 69 6.84 -6.96 0.79
C CYS A 69 6.60 -5.49 1.14
N HIS A 70 6.85 -4.57 0.19
CA HIS A 70 6.72 -3.15 0.45
C HIS A 70 5.95 -2.49 -0.72
N THR A 71 4.75 -2.96 -0.97
CA THR A 71 3.92 -2.46 -2.08
C THR A 71 3.61 -0.98 -1.91
N ALA A 72 3.35 -0.52 -0.70
CA ALA A 72 2.92 0.90 -0.53
C ALA A 72 4.03 1.86 -0.97
N GLN A 73 5.26 1.56 -0.58
CA GLN A 73 6.39 2.39 -0.97
C GLN A 73 6.66 2.29 -2.48
N PHE A 74 6.61 1.07 -3.03
CA PHE A 74 6.77 0.89 -4.47
C PHE A 74 5.71 1.65 -5.26
N ASN A 75 4.46 1.48 -4.89
CA ASN A 75 3.40 2.08 -5.66
C ASN A 75 3.44 3.61 -5.57
N SER A 76 3.81 4.16 -4.42
CA SER A 76 3.95 5.61 -4.33
C SER A 76 5.13 6.07 -5.18
N PHE A 77 6.21 5.32 -5.18
CA PHE A 77 7.36 5.68 -5.99
C PHE A 77 7.06 5.76 -7.50
N VAL A 78 6.33 4.78 -8.03
CA VAL A 78 6.15 4.68 -9.47
C VAL A 78 5.05 5.58 -10.01
N GLU A 79 4.30 6.25 -9.14
CA GLU A 79 3.26 7.16 -9.61
C GLU A 79 3.87 8.22 -10.52
N VAL A 80 3.15 8.50 -11.60
CA VAL A 80 3.53 9.56 -12.51
C VAL A 80 2.74 10.81 -12.16
N ARG A 81 3.43 11.90 -11.89
CA ARG A 81 2.78 13.17 -11.66
C ARG A 81 2.54 13.83 -13.02
N HIS A 82 1.32 13.72 -13.53
CA HIS A 82 1.06 14.21 -14.88
C HIS A 82 1.16 15.72 -14.95
N GLU A 83 1.01 16.40 -13.83
CA GLU A 83 1.13 17.84 -13.79
C GLU A 83 2.57 18.33 -13.87
N SER A 84 3.53 17.43 -13.71
CA SER A 84 4.92 17.75 -13.96
C SER A 84 5.12 17.63 -15.45
N HIS A 85 5.01 18.77 -16.11
CA HIS A 85 4.97 18.81 -17.56
C HIS A 85 6.20 18.16 -18.19
N PRO A 86 5.99 17.28 -19.14
CA PRO A 86 7.09 16.51 -19.68
C PRO A 86 7.73 17.16 -20.92
N ARG A 87 9.02 16.87 -21.09
CA ARG A 87 9.82 17.30 -22.21
C ARG A 87 9.74 18.81 -22.44
N LEU A 88 9.71 19.56 -21.35
CA LEU A 88 9.51 21.01 -21.36
C LEU A 88 10.86 21.72 -21.34
N GLU A 89 11.27 22.28 -22.48
CA GLU A 89 12.57 22.90 -22.64
C GLU A 89 12.69 24.14 -21.76
N LYS A 90 13.81 24.26 -21.05
CA LYS A 90 14.02 25.38 -20.14
C LYS A 90 14.41 26.67 -20.86
N ALA A 91 15.00 26.55 -22.04
CA ALA A 91 15.47 27.70 -22.82
C ALA A 91 14.32 28.31 -23.62
N THR A 92 13.25 28.66 -22.93
CA THR A 92 12.10 29.29 -23.59
C THR A 92 11.59 30.41 -22.71
N PRO A 93 10.84 31.36 -23.29
CA PRO A 93 10.44 32.51 -22.48
C PRO A 93 9.54 32.17 -21.32
N THR A 94 8.86 31.05 -21.39
CA THR A 94 7.91 30.66 -20.35
C THR A 94 8.46 29.67 -19.34
N SER A 95 9.74 29.32 -19.45
CA SER A 95 10.37 28.40 -18.51
C SER A 95 11.48 29.07 -17.71
N ARG A 96 12.42 28.28 -17.22
CA ARG A 96 13.32 28.74 -16.18
C ARG A 96 14.41 29.67 -16.67
N SER A 97 14.83 29.55 -17.92
CA SER A 97 15.98 30.31 -18.39
C SER A 97 15.75 30.83 -19.80
N PRO A 98 15.01 31.93 -19.92
CA PRO A 98 14.68 32.44 -21.25
C PRO A 98 15.87 32.69 -22.16
N MET A 99 17.00 33.13 -21.61
CA MET A 99 18.17 33.44 -22.42
C MET A 99 19.24 32.36 -22.34
N PHE A 100 18.84 31.13 -22.02
CA PHE A 100 19.82 30.05 -21.83
C PHE A 100 20.68 29.80 -23.06
N ASP A 101 20.10 29.83 -24.25
CA ASP A 101 20.90 29.51 -25.44
C ASP A 101 22.06 30.47 -25.63
N LYS A 102 21.82 31.75 -25.45
CA LYS A 102 22.90 32.72 -25.59
C LYS A 102 23.96 32.52 -24.51
N LEU A 103 23.51 32.29 -23.26
CA LEU A 103 24.40 32.21 -22.13
C LEU A 103 25.20 30.93 -22.08
N ILE A 104 24.64 29.83 -22.57
CA ILE A 104 25.29 28.52 -22.49
C ILE A 104 25.98 28.13 -23.79
N ALA A 105 25.95 29.01 -24.78
CA ALA A 105 26.52 28.72 -26.08
C ALA A 105 27.94 28.16 -25.95
N GLY A 106 28.16 27.01 -26.56
CA GLY A 106 29.42 26.28 -26.43
C GLY A 106 29.28 25.01 -25.63
N HIS A 107 28.18 24.88 -24.88
CA HIS A 107 27.94 23.71 -24.05
C HIS A 107 26.87 22.81 -24.68
N GLY A 108 26.98 21.52 -24.42
CA GLY A 108 26.02 20.56 -24.94
C GLY A 108 24.59 20.73 -24.48
N PHE A 109 24.37 21.40 -23.34
CA PHE A 109 23.00 21.64 -22.90
C PHE A 109 22.22 22.52 -23.87
N ALA A 110 22.90 23.27 -24.74
CA ALA A 110 22.20 24.01 -25.79
C ALA A 110 21.38 23.12 -26.71
N PHE A 111 21.71 21.84 -26.80
CA PHE A 111 20.95 20.93 -27.66
C PHE A 111 19.59 20.55 -27.10
N GLU A 112 19.48 20.46 -25.79
CA GLU A 112 18.22 20.25 -25.10
C GLU A 112 18.45 20.22 -23.63
N HIS A 113 17.60 20.91 -22.87
CA HIS A 113 17.63 20.84 -21.40
C HIS A 113 16.20 21.06 -20.93
N ALA A 114 15.52 19.97 -20.61
CA ALA A 114 14.13 20.02 -20.17
C ALA A 114 14.06 20.09 -18.66
N GLU A 115 12.91 20.51 -18.15
CA GLU A 115 12.61 20.43 -16.73
C GLU A 115 12.54 18.97 -16.30
N PRO A 116 12.84 18.70 -15.02
CA PRO A 116 12.71 17.32 -14.54
C PRO A 116 11.24 16.92 -14.48
N ARG A 117 11.00 15.62 -14.61
CA ARG A 117 9.70 15.04 -14.35
C ARG A 117 9.85 13.88 -13.38
N SER A 118 8.81 13.08 -13.21
CA SER A 118 8.77 12.07 -12.16
C SER A 118 9.93 11.06 -12.28
N HIS A 119 10.39 10.63 -11.13
CA HIS A 119 11.54 9.73 -11.03
C HIS A 119 11.46 8.46 -11.87
N ALA A 120 10.26 7.92 -12.07
CA ALA A 120 10.13 6.70 -12.85
C ALA A 120 10.85 6.79 -14.19
N PHE A 121 10.92 8.00 -14.75
CA PHE A 121 11.45 8.21 -16.08
C PHE A 121 12.93 8.58 -16.14
N MET A 122 13.65 8.57 -15.03
CA MET A 122 14.99 9.15 -15.08
C MET A 122 15.92 8.48 -16.06
N LEU A 123 15.89 7.17 -16.12
CA LEU A 123 16.82 6.48 -16.98
C LEU A 123 16.42 6.60 -18.44
N VAL A 124 15.14 6.40 -18.74
CA VAL A 124 14.69 6.58 -20.12
C VAL A 124 14.89 8.02 -20.60
N ASP A 125 14.68 9.00 -19.72
CA ASP A 125 14.83 10.39 -20.13
C ASP A 125 16.30 10.72 -20.43
N HIS A 126 17.20 10.18 -19.60
CA HIS A 126 18.63 10.28 -19.84
C HIS A 126 18.98 9.69 -21.21
N PHE A 127 18.40 8.53 -21.52
CA PHE A 127 18.70 7.86 -22.77
C PHE A 127 18.20 8.62 -24.00
N VAL A 128 17.04 9.28 -23.92
CA VAL A 128 16.41 9.85 -25.10
C VAL A 128 16.61 11.33 -25.31
N VAL A 129 17.13 12.05 -24.33
CA VAL A 129 17.29 13.50 -24.47
C VAL A 129 18.22 13.81 -25.63
N ASP A 130 17.99 14.92 -26.32
CA ASP A 130 18.74 15.19 -27.53
C ASP A 130 20.24 15.44 -27.30
N ARG A 131 20.65 15.81 -26.09
CA ARG A 131 22.05 16.12 -25.82
C ARG A 131 22.90 14.90 -25.50
N ALA A 132 22.32 13.71 -25.37
CA ALA A 132 22.98 12.57 -24.69
C ALA A 132 23.64 11.54 -25.61
N TYR A 133 22.88 10.99 -26.55
CA TYR A 133 23.32 9.84 -27.36
C TYR A 133 23.09 10.07 -28.85
N GLY A 134 23.11 11.33 -29.26
CA GLY A 134 22.98 11.62 -30.69
C GLY A 134 21.65 11.21 -31.28
N GLY A 135 20.62 11.09 -30.45
CA GLY A 135 19.33 10.60 -30.94
C GLY A 135 19.26 9.11 -31.15
N ARG A 136 20.30 8.37 -30.75
CA ARG A 136 20.30 6.91 -30.95
C ARG A 136 19.10 6.20 -30.34
N PHE A 137 18.77 6.58 -29.11
CA PHE A 137 17.69 5.97 -28.37
C PHE A 137 16.43 6.84 -28.42
N GLN A 138 15.31 6.18 -28.63
CA GLN A 138 14.00 6.84 -28.70
C GLN A 138 12.98 5.97 -28.04
N PHE A 139 11.88 6.55 -27.58
CA PHE A 139 10.75 5.73 -27.19
C PHE A 139 10.28 4.92 -28.40
N LYS A 140 9.76 3.74 -28.15
CA LYS A 140 9.30 2.87 -29.24
C LYS A 140 8.23 3.54 -30.09
N ASN A 141 7.40 4.35 -29.45
CA ASN A 141 6.45 5.21 -30.14
C ASN A 141 6.11 6.34 -29.18
N TRP A 142 5.40 7.36 -29.64
CA TRP A 142 5.13 8.52 -28.82
C TRP A 142 4.10 8.22 -27.72
N GLN A 143 3.43 7.08 -27.74
CA GLN A 143 2.55 6.71 -26.64
C GLN A 143 3.33 6.34 -25.38
N LYS A 144 4.54 5.80 -25.56
CA LYS A 144 5.26 5.22 -24.44
C LYS A 144 5.74 6.26 -23.44
N VAL A 145 5.67 7.54 -23.79
CA VAL A 145 6.12 8.60 -22.90
C VAL A 145 5.32 8.65 -21.62
N THR A 146 4.14 8.05 -21.62
CA THR A 146 3.29 8.05 -20.44
C THR A 146 3.60 6.90 -19.48
N ASP A 147 4.41 5.94 -19.92
CA ASP A 147 4.44 4.64 -19.26
C ASP A 147 5.51 4.56 -18.16
N GLY A 148 5.19 5.09 -16.99
CA GLY A 148 6.13 5.11 -15.89
C GLY A 148 6.39 3.72 -15.38
N MET A 149 5.34 2.91 -15.21
CA MET A 149 5.53 1.54 -14.74
C MET A 149 6.39 0.76 -15.71
N GLY A 150 6.19 0.97 -16.99
CA GLY A 150 7.01 0.30 -18.00
C GLY A 150 8.46 0.69 -17.91
N ALA A 151 8.74 1.97 -17.78
CA ALA A 151 10.10 2.45 -17.60
C ALA A 151 10.73 1.79 -16.37
N VAL A 152 9.96 1.67 -15.29
CA VAL A 152 10.48 1.07 -14.07
C VAL A 152 10.79 -0.43 -14.29
N ARG A 153 9.92 -1.12 -15.02
CA ARG A 153 10.15 -2.52 -15.34
C ARG A 153 11.44 -2.67 -16.13
N GLY A 154 11.71 -1.74 -17.04
CA GLY A 154 12.99 -1.65 -17.69
C GLY A 154 12.99 -0.72 -18.88
N ALA A 155 14.04 0.07 -18.99
CA ALA A 155 14.19 1.02 -20.09
C ALA A 155 14.00 0.35 -21.44
N TRP A 156 14.58 -0.83 -21.62
CA TRP A 156 14.56 -1.45 -22.95
C TRP A 156 13.21 -2.10 -23.28
N THR A 157 12.25 -2.07 -22.36
CA THR A 157 10.88 -2.44 -22.67
C THR A 157 10.15 -1.32 -23.37
N VAL A 158 10.63 -0.08 -23.25
CA VAL A 158 9.94 1.08 -23.83
C VAL A 158 10.74 1.88 -24.84
N LEU A 159 12.02 1.55 -25.01
CA LEU A 159 12.89 2.26 -25.94
C LEU A 159 13.40 1.38 -27.07
N THR A 160 13.86 2.03 -28.11
CA THR A 160 14.56 1.42 -29.25
C THR A 160 15.93 2.05 -29.43
N ASP A 161 16.81 1.29 -30.07
CA ASP A 161 18.16 1.69 -30.45
C ASP A 161 18.21 1.75 -31.96
N ALA A 162 18.59 2.89 -32.50
CA ALA A 162 18.63 3.10 -33.95
C ALA A 162 19.60 2.17 -34.65
N ASP A 163 20.63 1.70 -33.95
CA ASP A 163 21.59 0.79 -34.59
C ASP A 163 22.22 -0.17 -33.60
N PRO A 164 21.54 -1.29 -33.34
CA PRO A 164 22.11 -2.28 -32.44
C PRO A 164 23.45 -2.85 -32.87
N GLU A 165 23.83 -2.65 -34.12
CA GLU A 165 25.07 -3.23 -34.65
C GLU A 165 26.31 -2.37 -34.44
N SER A 166 26.15 -1.19 -33.87
CA SER A 166 27.31 -0.36 -33.56
C SER A 166 27.24 0.15 -32.14
N SER A 167 28.38 0.45 -31.56
CA SER A 167 28.41 0.92 -30.18
C SER A 167 29.11 2.25 -29.98
N ASP A 168 29.39 2.95 -31.08
CA ASP A 168 30.03 4.26 -30.99
C ASP A 168 28.97 5.33 -30.71
N GLN A 169 29.40 6.37 -30.03
CA GLN A 169 28.57 7.58 -29.90
C GLN A 169 28.62 8.36 -31.21
N ARG A 170 27.45 8.55 -31.83
CA ARG A 170 27.37 9.36 -33.03
C ARG A 170 26.01 10.00 -33.16
N ARG A 171 25.95 11.04 -34.00
CA ARG A 171 24.66 11.68 -34.29
C ARG A 171 23.83 10.91 -35.31
N PHE A 172 22.62 10.57 -34.92
CA PHE A 172 21.61 9.98 -35.79
C PHE A 172 20.61 11.03 -36.27
N LEU A 173 20.43 12.08 -35.46
CA LEU A 173 19.62 13.25 -35.83
C LEU A 173 20.55 14.45 -35.83
N SER A 174 20.28 15.44 -36.69
CA SER A 174 21.28 16.49 -36.91
C SER A 174 21.57 17.35 -35.70
N GLN A 175 20.53 17.71 -34.96
CA GLN A 175 20.69 18.64 -33.85
C GLN A 175 20.62 17.95 -32.52
N THR A 176 21.59 17.06 -32.34
CA THR A 176 21.81 16.31 -31.13
C THR A 176 23.26 16.41 -30.75
N ALA A 177 23.56 15.99 -29.53
CA ALA A 177 24.94 15.87 -29.04
C ALA A 177 25.10 14.50 -28.41
N THR A 178 26.35 14.15 -28.12
CA THR A 178 26.71 12.86 -27.55
C THR A 178 27.44 13.06 -26.22
N ALA A 179 26.80 13.80 -25.33
CA ALA A 179 27.42 14.15 -24.05
C ALA A 179 27.45 12.99 -23.05
N ALA A 180 26.61 11.98 -23.23
CA ALA A 180 26.56 10.90 -22.24
C ALA A 180 27.88 10.17 -22.13
N ASN A 181 28.18 9.78 -20.90
CA ASN A 181 29.36 9.00 -20.57
C ASN A 181 28.97 8.13 -19.38
N PRO A 182 29.81 7.15 -19.02
CA PRO A 182 29.43 6.22 -17.97
C PRO A 182 29.15 6.85 -16.62
N VAL A 183 29.79 7.96 -16.31
CA VAL A 183 29.57 8.54 -14.99
C VAL A 183 28.10 8.96 -14.83
N CYS A 184 27.49 9.49 -15.90
CA CYS A 184 26.09 9.94 -15.81
C CYS A 184 25.19 8.91 -15.19
N LEU A 185 25.41 7.65 -15.58
CA LEU A 185 24.46 6.58 -15.26
C LEU A 185 24.34 6.35 -13.77
N ASN A 186 25.37 6.73 -13.01
CA ASN A 186 25.35 6.58 -11.58
C ASN A 186 24.25 7.36 -10.88
N CYS A 187 23.75 8.40 -11.54
CA CYS A 187 22.61 9.16 -11.01
C CYS A 187 21.29 8.81 -11.69
N LYS A 188 21.25 7.71 -12.43
CA LYS A 188 20.06 7.25 -13.11
C LYS A 188 19.61 5.87 -12.70
N THR A 189 20.56 5.06 -12.24
CA THR A 189 20.38 3.67 -11.93
C THR A 189 21.56 3.23 -11.07
N GLN A 190 21.38 2.14 -10.34
CA GLN A 190 22.48 1.40 -9.75
C GLN A 190 22.39 -0.08 -10.09
N ASP A 191 21.82 -0.38 -11.26
CA ASP A 191 21.86 -1.74 -11.79
C ASP A 191 23.29 -2.27 -11.88
N HIS A 192 24.23 -1.38 -12.10
CA HIS A 192 25.67 -1.73 -12.26
C HIS A 192 26.45 -1.76 -10.96
N ILE A 193 25.77 -1.74 -9.83
CA ILE A 193 26.45 -1.61 -8.53
C ILE A 193 27.50 -2.69 -8.25
N LEU A 194 27.36 -3.88 -8.83
CA LEU A 194 28.36 -4.96 -8.66
C LEU A 194 29.33 -5.04 -9.83
N ASP A 195 29.24 -4.12 -10.79
CA ASP A 195 29.99 -4.19 -12.02
C ASP A 195 30.84 -2.96 -12.27
N TRP A 196 30.91 -2.09 -11.27
CA TRP A 196 31.53 -0.77 -11.36
C TRP A 196 32.38 -0.60 -10.12
N ALA A 197 33.67 -0.34 -10.30
CA ALA A 197 34.53 -0.10 -9.17
C ALA A 197 34.30 1.31 -8.62
N TYR A 198 34.59 1.50 -7.35
CA TYR A 198 34.46 2.79 -6.71
C TYR A 198 35.10 3.88 -7.56
N MET A 199 34.31 4.93 -7.79
CA MET A 199 34.66 6.11 -8.61
C MET A 199 34.69 5.84 -10.11
N GLY A 200 34.51 4.60 -10.53
CA GLY A 200 34.65 4.25 -11.93
C GLY A 200 36.09 4.10 -12.36
N ASP A 201 36.97 3.92 -11.38
CA ASP A 201 38.39 3.65 -11.68
C ASP A 201 38.48 2.34 -12.42
N GLU A 202 39.54 2.20 -13.22
CA GLU A 202 39.82 0.92 -13.84
C GLU A 202 40.05 -0.12 -12.76
N HIS A 203 39.53 -1.32 -12.99
CA HIS A 203 39.65 -2.41 -12.02
C HIS A 203 39.45 -3.72 -12.74
N GLU A 204 40.28 -4.73 -12.43
CA GLU A 204 40.16 -6.02 -13.08
C GLU A 204 38.79 -6.66 -12.91
N ALA A 205 38.13 -6.35 -11.79
CA ALA A 205 36.85 -6.95 -11.50
C ALA A 205 35.67 -6.16 -12.04
N ALA A 206 35.93 -4.98 -12.62
CA ALA A 206 34.85 -4.13 -13.13
C ALA A 206 34.59 -4.36 -14.60
N LYS A 207 33.34 -4.64 -14.94
CA LYS A 207 32.88 -4.71 -16.30
C LYS A 207 32.86 -3.31 -16.93
N TRP A 208 32.52 -2.31 -16.12
CA TRP A 208 32.33 -0.95 -16.57
C TRP A 208 33.16 0.01 -15.76
N SER A 209 33.55 1.11 -16.40
CA SER A 209 34.33 2.14 -15.76
C SER A 209 34.10 3.47 -16.45
N ARG A 210 34.78 4.51 -15.97
CA ARG A 210 34.64 5.82 -16.60
C ARG A 210 34.98 5.84 -18.08
N THR A 211 35.86 4.92 -18.51
CA THR A 211 36.35 4.91 -19.88
C THR A 211 35.61 3.93 -20.80
N SER A 212 34.55 3.32 -20.30
CA SER A 212 33.78 2.38 -21.11
C SER A 212 33.08 3.09 -22.27
N GLU A 213 32.70 2.28 -23.24
CA GLU A 213 31.84 2.73 -24.33
C GLU A 213 30.44 2.87 -23.74
N VAL A 214 29.98 4.11 -23.64
CA VAL A 214 28.72 4.39 -22.92
C VAL A 214 27.51 3.70 -23.59
N VAL A 215 27.52 3.54 -24.91
CA VAL A 215 26.40 2.88 -25.59
C VAL A 215 26.32 1.42 -25.17
N GLU A 216 27.47 0.75 -25.03
CA GLU A 216 27.46 -0.62 -24.55
C GLU A 216 26.98 -0.73 -23.10
N PHE A 217 27.44 0.19 -22.27
CA PHE A 217 27.04 0.26 -20.87
C PHE A 217 25.53 0.48 -20.76
N ALA A 218 25.02 1.45 -21.52
CA ALA A 218 23.59 1.77 -21.56
C ALA A 218 22.72 0.52 -21.76
N ARG A 219 23.14 -0.32 -22.70
CA ARG A 219 22.35 -1.50 -23.05
C ARG A 219 22.23 -2.53 -21.91
N ASP A 220 23.13 -2.45 -20.93
CA ASP A 220 23.15 -3.37 -19.79
C ASP A 220 22.30 -2.85 -18.62
N LEU A 221 21.70 -1.66 -18.76
CA LEU A 221 21.03 -0.98 -17.64
C LEU A 221 19.54 -0.86 -17.90
N ASN A 222 18.75 -1.01 -16.85
CA ASN A 222 17.30 -1.13 -16.96
C ASN A 222 16.46 -0.27 -16.06
N HIS A 223 16.78 -0.19 -14.78
CA HIS A 223 15.86 0.31 -13.78
C HIS A 223 16.27 1.65 -13.23
N PRO A 224 15.32 2.55 -13.02
CA PRO A 224 15.60 3.83 -12.38
C PRO A 224 15.67 3.71 -10.88
N LEU A 225 16.46 4.60 -10.27
CA LEU A 225 16.43 4.84 -8.82
C LEU A 225 16.09 3.60 -8.00
N ASN A 226 17.02 2.66 -8.02
CA ASN A 226 16.74 1.39 -7.37
C ASN A 226 16.48 1.63 -5.89
N CYS A 227 15.61 0.82 -5.31
CA CYS A 227 15.24 1.03 -3.90
C CYS A 227 16.45 0.96 -2.97
N PHE A 228 17.41 0.12 -3.33
CA PHE A 228 18.60 -0.08 -2.50
C PHE A 228 19.58 1.08 -2.61
N MET A 229 19.26 2.14 -3.37
CA MET A 229 20.13 3.28 -3.34
C MET A 229 20.12 3.99 -1.99
N CYS A 230 19.04 3.86 -1.23
CA CYS A 230 18.90 4.54 0.05
C CYS A 230 18.78 3.60 1.24
N HIS A 231 18.59 2.31 0.98
CA HIS A 231 18.29 1.33 2.00
C HIS A 231 19.19 0.11 1.73
N ASP A 232 20.03 -0.25 2.71
CA ASP A 232 20.87 -1.41 2.52
C ASP A 232 19.98 -2.65 2.46
N PRO A 233 20.15 -3.49 1.44
CA PRO A 233 19.27 -4.66 1.33
C PRO A 233 19.46 -5.70 2.41
N HIS A 234 20.64 -5.70 3.03
CA HIS A 234 21.01 -6.69 4.02
C HIS A 234 20.60 -6.25 5.41
N SER A 235 20.85 -5.00 5.79
CA SER A 235 20.44 -4.51 7.11
C SER A 235 19.09 -3.81 7.15
N ALA A 236 18.61 -3.41 5.98
CA ALA A 236 17.46 -2.49 5.80
C ALA A 236 17.73 -1.10 6.34
N GLY A 237 18.95 -0.80 6.75
CA GLY A 237 19.27 0.48 7.30
C GLY A 237 19.59 1.54 6.25
N PRO A 238 19.61 2.79 6.68
CA PRO A 238 19.77 3.88 5.74
C PRO A 238 21.19 3.98 5.23
N ARG A 239 21.34 4.26 3.94
CA ARG A 239 22.65 4.36 3.34
C ARG A 239 22.63 5.22 2.10
N VAL A 240 23.82 5.46 1.59
CA VAL A 240 24.06 5.88 0.23
C VAL A 240 24.97 4.89 -0.45
N VAL A 241 24.88 4.83 -1.76
CA VAL A 241 25.75 4.01 -2.57
C VAL A 241 26.58 4.81 -3.57
N ARG A 242 26.26 6.09 -3.78
CA ARG A 242 26.90 6.88 -4.81
C ARG A 242 28.34 7.20 -4.45
N ASP A 243 29.25 6.71 -5.28
CA ASP A 243 30.68 6.86 -5.03
C ASP A 243 31.12 8.30 -4.82
N GLY A 244 30.66 9.20 -5.68
CA GLY A 244 31.08 10.58 -5.58
C GLY A 244 30.71 11.22 -4.27
N LEU A 245 29.58 10.82 -3.70
CA LEU A 245 29.14 11.39 -2.44
C LEU A 245 29.97 10.85 -1.30
N ILE A 246 30.21 9.56 -1.30
CA ILE A 246 31.06 8.94 -0.26
C ILE A 246 32.46 9.57 -0.34
N ASN A 247 32.93 9.82 -1.55
CA ASN A 247 34.26 10.44 -1.72
C ASN A 247 34.31 11.82 -1.10
N ALA A 248 33.28 12.65 -1.31
CA ALA A 248 33.26 13.98 -0.72
C ALA A 248 33.16 13.92 0.80
N VAL A 249 32.21 13.15 1.29
CA VAL A 249 31.87 13.17 2.70
C VAL A 249 32.97 12.51 3.56
N VAL A 250 33.41 11.36 3.10
CA VAL A 250 34.32 10.52 3.89
C VAL A 250 35.76 10.69 3.39
N ASP A 251 36.06 10.35 2.14
CA ASP A 251 37.48 10.33 1.70
C ASP A 251 38.13 11.69 1.88
N ARG A 252 37.43 12.73 1.49
CA ARG A 252 37.92 14.10 1.56
C ARG A 252 37.65 14.75 2.89
N GLY A 253 36.98 14.04 3.78
CA GLY A 253 36.80 14.50 5.14
C GLY A 253 35.90 15.71 5.30
N LEU A 254 35.02 15.96 4.32
CA LEU A 254 34.20 17.17 4.37
C LEU A 254 33.01 17.03 5.29
N GLY A 255 32.58 15.80 5.56
CA GLY A 255 31.44 15.57 6.42
C GLY A 255 30.11 15.66 5.69
N THR A 256 29.07 15.16 6.34
CA THR A 256 27.74 15.19 5.75
C THR A 256 27.17 16.61 5.72
N TYR A 257 27.58 17.47 6.65
CA TYR A 257 27.19 18.88 6.71
C TYR A 257 28.45 19.72 6.85
N PRO A 258 29.07 20.09 5.72
CA PRO A 258 30.36 20.79 5.79
C PRO A 258 30.36 22.06 6.61
N HIS A 259 29.20 22.68 6.81
CA HIS A 259 29.13 23.90 7.59
C HIS A 259 28.67 23.69 9.01
N ASP A 260 28.57 22.45 9.44
CA ASP A 260 28.13 22.14 10.81
C ASP A 260 28.82 20.87 11.28
N PRO A 261 29.99 20.99 11.94
CA PRO A 261 30.70 19.81 12.42
C PRO A 261 29.95 18.97 13.43
N VAL A 262 29.11 19.60 14.24
CA VAL A 262 28.35 18.86 15.26
C VAL A 262 27.29 17.97 14.59
N LYS A 263 26.54 18.56 13.66
CA LYS A 263 25.54 17.83 12.91
C LYS A 263 26.20 16.75 12.04
N SER A 264 27.38 17.05 11.49
CA SER A 264 28.15 16.05 10.75
C SER A 264 28.48 14.83 11.59
N GLU A 265 28.78 15.03 12.87
CA GLU A 265 29.11 13.92 13.75
C GLU A 265 27.89 13.14 14.16
N GLN A 266 26.79 13.82 14.43
CA GLN A 266 25.55 13.16 14.84
C GLN A 266 24.83 12.44 13.72
N GLN A 267 24.99 12.94 12.51
CA GLN A 267 24.35 12.42 11.31
C GLN A 267 25.40 12.12 10.27
N GLY A 268 26.29 11.19 10.62
CA GLY A 268 27.40 10.88 9.80
C GLY A 268 27.22 9.65 8.94
N MET A 269 28.32 9.31 8.28
CA MET A 269 28.39 8.25 7.30
C MET A 269 29.60 7.38 7.58
N THR A 270 29.40 6.07 7.50
CA THR A 270 30.49 5.08 7.67
C THR A 270 30.71 4.35 6.36
N LYS A 271 31.91 4.48 5.80
CA LYS A 271 32.23 3.83 4.55
C LYS A 271 32.51 2.35 4.78
N VAL A 272 31.82 1.49 4.03
CA VAL A 272 32.00 0.04 4.08
C VAL A 272 32.46 -0.38 2.69
N THR A 273 33.58 -1.09 2.63
CA THR A 273 34.20 -1.49 1.39
C THR A 273 34.08 -2.99 1.19
N PHE A 274 33.81 -3.38 -0.04
CA PHE A 274 33.77 -4.77 -0.47
C PHE A 274 34.88 -5.01 -1.45
N GLN A 275 35.44 -6.22 -1.39
CA GLN A 275 36.61 -6.58 -2.19
C GLN A 275 36.33 -7.62 -3.26
N ARG A 276 37.19 -7.62 -4.26
CA ARG A 276 37.25 -8.67 -5.25
C ARG A 276 38.71 -9.08 -5.35
N GLY A 277 38.95 -10.37 -5.26
CA GLY A 277 40.34 -10.85 -5.31
C GLY A 277 41.17 -10.22 -4.23
N ARG A 278 40.55 -9.95 -3.09
CA ARG A 278 41.19 -9.33 -1.97
C ARG A 278 41.77 -7.94 -2.27
N GLU A 279 41.18 -7.23 -3.22
CA GLU A 279 41.50 -5.83 -3.47
C GLU A 279 40.19 -5.03 -3.33
N ASP A 280 40.28 -3.84 -2.78
CA ASP A 280 39.10 -2.99 -2.66
C ASP A 280 38.46 -2.82 -4.01
N PHE A 281 37.12 -2.91 -4.02
CA PHE A 281 36.37 -2.87 -5.28
C PHE A 281 35.27 -1.81 -5.27
N ARG A 282 34.34 -1.93 -4.33
CA ARG A 282 33.16 -1.02 -4.29
C ARG A 282 32.93 -0.61 -2.85
N ALA A 283 32.12 0.42 -2.63
CA ALA A 283 31.85 0.92 -1.29
C ALA A 283 30.43 1.45 -1.18
N ILE A 284 29.96 1.44 0.05
CA ILE A 284 28.69 2.07 0.42
C ILE A 284 28.96 2.95 1.62
N GLY A 285 28.00 3.80 1.96
CA GLY A 285 28.08 4.71 3.10
C GLY A 285 26.87 4.52 3.97
N LEU A 286 27.03 3.83 5.09
CA LEU A 286 25.94 3.63 6.02
C LEU A 286 25.74 4.90 6.81
N LEU A 287 24.48 5.33 6.93
CA LEU A 287 24.15 6.56 7.62
C LEU A 287 23.80 6.28 9.07
N ASP A 288 24.18 7.20 9.94
CA ASP A 288 23.81 7.10 11.36
C ASP A 288 22.32 7.20 11.60
N THR A 289 21.64 7.95 10.73
CA THR A 289 20.20 8.18 10.83
C THR A 289 19.60 8.12 9.43
N ALA A 290 18.28 8.06 9.34
CA ALA A 290 17.60 8.00 8.04
C ALA A 290 17.48 9.42 7.51
N ASP A 291 18.61 9.97 7.09
CA ASP A 291 18.75 11.38 6.78
C ASP A 291 18.56 11.61 5.28
N SER A 292 17.35 12.01 4.91
CA SER A 292 17.07 12.23 3.51
C SER A 292 17.92 13.30 2.87
N ASN A 293 18.41 14.28 3.63
CA ASN A 293 19.28 15.27 3.02
C ASN A 293 20.45 14.61 2.32
N VAL A 294 21.03 13.61 2.98
CA VAL A 294 22.19 12.94 2.43
C VAL A 294 21.78 11.89 1.37
N MET A 295 20.67 11.18 1.60
CA MET A 295 20.18 10.26 0.60
C MET A 295 19.93 10.94 -0.74
N CYS A 296 19.27 12.10 -0.71
CA CYS A 296 18.91 12.76 -1.96
C CYS A 296 20.11 13.42 -2.61
N ALA A 297 21.13 13.73 -1.79
CA ALA A 297 22.39 14.29 -2.27
C ALA A 297 23.23 13.29 -3.08
N GLN A 298 22.79 12.03 -3.19
CA GLN A 298 23.42 11.16 -4.14
C GLN A 298 23.33 11.70 -5.57
N CYS A 299 22.27 12.47 -5.87
CA CYS A 299 22.05 12.94 -7.23
C CYS A 299 21.77 14.43 -7.34
N HIS A 300 21.13 15.01 -6.33
CA HIS A 300 20.66 16.41 -6.38
C HIS A 300 21.74 17.35 -5.85
N VAL A 301 22.86 17.28 -6.56
CA VAL A 301 24.09 18.03 -6.27
C VAL A 301 24.72 18.53 -7.55
N GLU A 302 25.61 19.53 -7.39
CA GLU A 302 26.50 19.95 -8.47
C GLU A 302 27.74 19.02 -8.50
N TYR A 303 28.13 18.65 -9.72
CA TYR A 303 29.08 17.58 -9.95
C TYR A 303 29.83 17.83 -11.25
N ASN A 304 30.93 17.10 -11.38
CA ASN A 304 31.53 16.79 -12.68
C ASN A 304 31.19 15.34 -12.99
N CYS A 305 30.75 15.11 -14.21
CA CYS A 305 30.40 13.78 -14.73
C CYS A 305 30.62 13.87 -16.23
N ASN A 306 31.84 14.24 -16.61
CA ASN A 306 32.11 14.75 -17.93
C ASN A 306 33.58 15.11 -18.05
N PRO A 307 34.08 15.12 -19.28
CA PRO A 307 35.40 15.70 -19.50
C PRO A 307 35.33 17.22 -19.39
N GLY A 308 36.47 17.85 -19.24
CA GLY A 308 36.54 19.29 -19.24
C GLY A 308 37.95 19.73 -19.56
N TYR A 309 38.36 20.81 -18.93
CA TYR A 309 39.65 21.45 -19.24
C TYR A 309 40.24 22.02 -17.97
N GLN A 310 41.56 22.23 -17.96
CA GLN A 310 42.19 22.85 -16.81
C GLN A 310 42.15 24.34 -16.88
N LEU A 311 41.84 24.98 -15.76
CA LEU A 311 41.88 26.43 -15.68
C LEU A 311 43.32 26.94 -15.91
N SER A 312 44.29 26.18 -15.46
CA SER A 312 45.70 26.62 -15.46
C SER A 312 46.21 26.79 -16.87
N ASP A 313 46.03 25.77 -17.71
CA ASP A 313 46.62 25.76 -19.04
C ASP A 313 45.70 25.39 -20.18
N GLY A 314 44.43 25.16 -19.87
CA GLY A 314 43.48 24.83 -20.91
C GLY A 314 43.53 23.42 -21.42
N SER A 315 44.39 22.57 -20.84
CA SER A 315 44.54 21.22 -21.36
C SER A 315 43.31 20.38 -21.03
N ARG A 316 43.07 19.38 -21.87
CA ARG A 316 41.93 18.51 -21.71
C ARG A 316 42.02 17.64 -20.46
N VAL A 317 40.88 17.51 -19.78
CA VAL A 317 40.72 16.56 -18.69
C VAL A 317 39.70 15.55 -19.18
N GLY A 318 40.13 14.34 -19.45
CA GLY A 318 39.27 13.33 -20.03
C GLY A 318 38.59 12.44 -18.98
N MET A 319 37.76 11.53 -19.47
CA MET A 319 37.02 10.62 -18.59
C MET A 319 37.94 9.74 -17.77
N ASP A 320 39.15 9.50 -18.27
CA ASP A 320 40.11 8.70 -17.50
C ASP A 320 40.55 9.34 -16.18
N ASP A 321 40.41 10.66 -16.09
CA ASP A 321 40.85 11.40 -14.93
C ASP A 321 39.79 11.33 -13.84
N ARG A 322 40.20 11.15 -12.60
CA ARG A 322 39.29 11.12 -11.47
C ARG A 322 38.37 12.35 -11.39
N ARG A 323 38.85 13.50 -11.88
CA ARG A 323 38.06 14.71 -11.88
C ARG A 323 36.79 14.62 -12.71
N ALA A 324 36.69 13.65 -13.60
CA ALA A 324 35.49 13.44 -14.40
C ALA A 324 34.33 12.86 -13.60
N ASN A 325 34.58 12.38 -12.39
CA ASN A 325 33.56 11.93 -11.45
C ASN A 325 33.84 12.61 -10.14
N HIS A 326 33.20 13.75 -9.89
CA HIS A 326 33.50 14.59 -8.74
C HIS A 326 32.29 15.29 -8.20
N PHE A 327 32.09 15.18 -6.90
CA PHE A 327 31.10 15.98 -6.20
C PHE A 327 31.83 17.14 -5.55
N PHE A 328 31.50 18.38 -5.91
CA PHE A 328 32.19 19.52 -5.35
C PHE A 328 31.86 19.72 -3.89
N TRP A 329 30.64 19.39 -3.50
CA TRP A 329 30.20 19.45 -2.12
C TRP A 329 30.51 20.82 -1.51
N ALA A 330 30.16 21.86 -2.28
CA ALA A 330 30.46 23.24 -1.97
C ALA A 330 29.26 24.12 -2.27
N ASN A 331 28.99 25.09 -1.41
CA ASN A 331 27.96 26.05 -1.70
C ASN A 331 28.39 27.02 -2.80
N VAL A 332 27.45 27.83 -3.27
CA VAL A 332 27.71 28.68 -4.41
C VAL A 332 28.93 29.60 -4.18
N PHE A 333 29.09 30.08 -2.96
CA PHE A 333 30.16 31.02 -2.65
C PHE A 333 31.50 30.36 -2.37
N ASP A 334 31.51 29.03 -2.33
CA ASP A 334 32.73 28.24 -2.21
C ASP A 334 33.08 27.50 -3.48
N TYR A 335 32.18 27.52 -4.47
CA TYR A 335 32.37 26.73 -5.66
C TYR A 335 33.58 27.13 -6.48
N LYS A 336 33.78 28.43 -6.71
CA LYS A 336 34.91 28.86 -7.54
C LYS A 336 36.22 28.36 -6.94
N GLU A 337 36.35 28.47 -5.63
CA GLU A 337 37.55 27.97 -4.95
C GLU A 337 37.67 26.47 -5.11
N ALA A 338 36.56 25.75 -4.99
CA ALA A 338 36.57 24.29 -5.16
C ALA A 338 37.00 23.88 -6.56
N ALA A 339 36.52 24.58 -7.59
CA ALA A 339 36.93 24.29 -8.97
C ALA A 339 38.40 24.64 -9.21
N GLN A 340 38.86 25.73 -8.61
CA GLN A 340 40.29 26.10 -8.68
C GLN A 340 41.14 25.01 -8.04
N GLU A 341 40.66 24.44 -6.92
CA GLU A 341 41.38 23.39 -6.19
C GLU A 341 41.68 22.19 -7.07
N ILE A 342 40.71 21.78 -7.88
CA ILE A 342 40.91 20.67 -8.79
C ILE A 342 41.34 21.11 -10.19
N ASP A 343 41.49 22.40 -10.41
CA ASP A 343 41.98 22.93 -11.66
C ASP A 343 41.14 22.53 -12.86
N PHE A 344 39.88 22.98 -12.86
CA PHE A 344 38.90 22.45 -13.78
C PHE A 344 37.88 23.48 -14.20
N PHE A 345 37.54 23.46 -15.48
CA PHE A 345 36.31 24.12 -15.98
C PHE A 345 35.67 23.28 -17.07
N ASP A 346 34.42 23.60 -17.39
CA ASP A 346 33.61 22.74 -18.25
C ASP A 346 33.67 23.07 -19.71
N PHE A 347 33.56 24.34 -20.07
CA PHE A 347 33.51 24.69 -21.48
C PHE A 347 33.98 26.12 -21.68
N ARG A 348 34.29 26.42 -22.93
CA ARG A 348 34.59 27.80 -23.30
C ARG A 348 33.38 28.39 -24.00
N HIS A 349 32.97 29.57 -23.56
CA HIS A 349 31.79 30.20 -24.13
C HIS A 349 32.04 30.48 -25.62
N ALA A 350 31.08 30.12 -26.46
CA ALA A 350 31.26 30.21 -27.92
C ALA A 350 31.48 31.63 -28.42
N THR A 351 30.94 32.63 -27.72
CA THR A 351 31.06 34.02 -28.13
C THR A 351 32.17 34.72 -27.38
N THR A 352 32.18 34.60 -26.05
CA THR A 352 33.10 35.42 -25.28
C THR A 352 34.48 34.79 -25.17
N GLY A 353 34.59 33.49 -25.37
CA GLY A 353 35.85 32.79 -25.17
C GLY A 353 36.20 32.54 -23.72
N ALA A 354 35.31 32.89 -22.78
CA ALA A 354 35.60 32.70 -21.37
C ALA A 354 35.54 31.22 -21.01
N ALA A 355 36.49 30.78 -20.19
CA ALA A 355 36.39 29.49 -19.51
C ALA A 355 35.25 29.60 -18.50
N LEU A 356 34.31 28.65 -18.53
CA LEU A 356 33.13 28.70 -17.68
C LEU A 356 32.86 27.37 -17.01
N PRO A 357 32.22 27.43 -15.84
CA PRO A 357 31.71 26.24 -15.20
C PRO A 357 30.33 25.91 -15.74
N LYS A 358 29.97 24.63 -15.70
CA LYS A 358 28.59 24.21 -15.96
C LYS A 358 28.02 23.70 -14.65
N LEU A 359 26.93 24.31 -14.20
CA LEU A 359 26.31 23.95 -12.95
C LEU A 359 25.12 23.04 -13.19
N GLN A 360 24.87 22.14 -12.26
CA GLN A 360 23.72 21.24 -12.31
C GLN A 360 23.09 21.12 -10.94
N HIS A 361 21.77 21.30 -10.89
CA HIS A 361 20.89 21.02 -9.76
C HIS A 361 21.58 20.89 -8.41
N PRO A 362 22.06 21.99 -7.85
CA PRO A 362 22.74 21.95 -6.54
C PRO A 362 21.79 22.05 -5.37
N GLU A 363 20.74 21.23 -5.33
CA GLU A 363 19.76 21.41 -4.27
C GLU A 363 20.37 21.15 -2.89
N ALA A 364 21.18 20.10 -2.74
CA ALA A 364 21.74 19.79 -1.43
C ALA A 364 22.60 20.94 -0.88
N GLU A 365 23.47 21.48 -1.73
CA GLU A 365 24.44 22.48 -1.30
C GLU A 365 23.79 23.85 -1.13
N THR A 366 22.63 24.04 -1.74
CA THR A 366 21.83 25.24 -1.59
C THR A 366 21.03 25.18 -0.29
N PHE A 367 20.49 24.01 0.01
CA PHE A 367 19.66 23.86 1.20
C PHE A 367 20.47 24.14 2.48
N TRP A 368 21.77 23.79 2.48
CA TRP A 368 22.61 24.07 3.66
C TRP A 368 22.48 25.53 4.10
N GLY A 369 22.27 25.72 5.39
CA GLY A 369 22.29 27.07 5.96
C GLY A 369 20.99 27.80 5.90
N SER A 370 20.03 27.26 5.17
CA SER A 370 18.69 27.82 5.16
C SER A 370 18.06 27.69 6.54
N VAL A 371 17.07 28.52 6.81
CA VAL A 371 16.33 28.44 8.06
C VAL A 371 15.80 27.01 8.24
N HIS A 372 15.23 26.43 7.19
CA HIS A 372 14.76 25.06 7.29
C HIS A 372 15.85 24.08 7.69
N GLU A 373 16.97 24.09 6.98
CA GLU A 373 18.02 23.13 7.28
C GLU A 373 18.55 23.34 8.71
N ARG A 374 18.72 24.60 9.10
CA ARG A 374 19.25 24.88 10.43
C ARG A 374 18.31 24.42 11.54
N ASN A 375 17.02 24.35 11.24
CA ASN A 375 16.03 23.81 12.16
C ASN A 375 15.81 22.32 12.08
N GLY A 376 16.66 21.63 11.33
CA GLY A 376 16.59 20.19 11.29
C GLY A 376 15.60 19.61 10.31
N VAL A 377 15.09 20.44 9.40
CA VAL A 377 14.19 19.98 8.34
C VAL A 377 15.03 19.32 7.25
N ALA A 378 14.47 18.32 6.57
CA ALA A 378 15.19 17.58 5.55
C ALA A 378 14.31 17.41 4.32
N CYS A 379 14.90 17.02 3.19
CA CYS A 379 14.16 16.96 1.93
C CYS A 379 12.85 16.21 2.09
N ALA A 380 12.88 15.05 2.73
CA ALA A 380 11.70 14.21 2.86
C ALA A 380 10.55 14.89 3.58
N ASP A 381 10.81 15.82 4.47
CA ASP A 381 9.72 16.47 5.19
C ASP A 381 8.80 17.22 4.23
N CYS A 382 9.33 17.71 3.12
CA CYS A 382 8.53 18.41 2.12
C CYS A 382 8.21 17.58 0.90
N HIS A 383 9.07 16.62 0.54
CA HIS A 383 8.92 15.91 -0.72
C HIS A 383 8.62 14.41 -0.58
N MET A 384 8.75 13.86 0.62
CA MET A 384 8.40 12.45 0.94
C MET A 384 7.78 12.38 2.31
N PRO A 385 6.69 13.11 2.53
CA PRO A 385 6.16 13.14 3.87
C PRO A 385 5.48 11.83 4.27
N LYS A 386 5.32 11.65 5.57
CA LYS A 386 4.49 10.55 6.06
C LYS A 386 3.06 10.75 5.60
N VAL A 387 2.40 9.65 5.27
CA VAL A 387 0.98 9.71 4.91
C VAL A 387 0.16 9.91 6.19
N GLN A 388 -0.95 10.60 6.09
CA GLN A 388 -1.84 10.82 7.20
C GLN A 388 -3.05 10.00 6.91
N LEU A 389 -3.42 9.09 7.82
CA LEU A 389 -4.59 8.22 7.62
C LEU A 389 -5.54 8.32 8.80
N GLU A 390 -6.82 8.40 8.49
CA GLU A 390 -7.84 8.32 9.52
C GLU A 390 -7.78 7.01 10.26
N ASN A 391 -7.56 5.92 9.53
CA ASN A 391 -7.41 4.58 10.13
C ASN A 391 -6.41 3.86 9.27
N GLY A 392 -5.25 3.56 9.81
CA GLY A 392 -4.27 2.80 9.06
C GLY A 392 -2.88 2.86 9.62
N LYS A 393 -2.03 2.03 9.03
CA LYS A 393 -0.63 1.97 9.31
C LYS A 393 0.07 3.04 8.49
N VAL A 394 0.71 3.97 9.18
CA VAL A 394 1.47 5.02 8.54
C VAL A 394 2.68 4.46 7.79
N TYR A 395 2.99 5.06 6.66
CA TYR A 395 4.17 4.78 5.91
C TYR A 395 4.61 6.10 5.28
N THR A 396 5.81 6.09 4.73
CA THR A 396 6.40 7.28 4.11
C THR A 396 6.06 7.28 2.63
N SER A 397 5.47 8.37 2.14
CA SER A 397 5.25 8.49 0.73
C SER A 397 6.57 8.50 -0.02
N HIS A 398 6.66 7.68 -1.06
CA HIS A 398 7.83 7.67 -1.91
C HIS A 398 7.55 8.34 -3.26
N SER A 399 6.47 9.11 -3.35
CA SER A 399 6.20 9.91 -4.54
C SER A 399 6.92 11.24 -4.35
N GLN A 400 8.15 11.33 -4.81
CA GLN A 400 8.97 12.54 -4.61
C GLN A 400 8.48 13.59 -5.57
N ARG A 401 7.86 14.63 -5.03
CA ARG A 401 7.21 15.63 -5.83
C ARG A 401 7.07 16.90 -5.05
N THR A 402 6.58 17.92 -5.72
CA THR A 402 6.34 19.19 -5.07
C THR A 402 5.40 19.06 -3.87
N PRO A 403 5.69 19.76 -2.78
CA PRO A 403 4.79 19.78 -1.64
C PRO A 403 3.43 20.39 -1.95
N ARG A 404 3.29 21.09 -3.07
CA ARG A 404 1.97 21.63 -3.41
C ARG A 404 0.92 20.55 -3.49
N ASP A 405 1.31 19.32 -3.78
CA ASP A 405 0.35 18.24 -3.92
C ASP A 405 -0.08 17.61 -2.60
N MET A 406 0.59 17.98 -1.52
CA MET A 406 0.30 17.37 -0.22
C MET A 406 0.63 18.34 0.90
N MET A 407 -0.01 19.49 0.82
CA MET A 407 0.33 20.58 1.72
C MET A 407 0.02 20.27 3.17
N GLY A 408 -1.06 19.52 3.42
CA GLY A 408 -1.38 19.11 4.77
C GLY A 408 -0.32 18.21 5.41
N GLN A 409 0.28 17.34 4.59
CA GLN A 409 1.30 16.40 5.06
C GLN A 409 2.67 17.05 5.14
N ALA A 410 2.89 18.09 4.32
CA ALA A 410 4.15 18.80 4.21
C ALA A 410 4.06 20.11 5.02
N CYS A 411 3.98 21.26 4.36
CA CYS A 411 4.11 22.54 5.02
C CYS A 411 3.20 22.73 6.21
N LEU A 412 1.93 22.37 6.06
CA LEU A 412 0.97 22.71 7.10
C LEU A 412 1.10 21.85 8.30
N ASN A 413 1.81 20.72 8.17
CA ASN A 413 2.06 19.86 9.33
C ASN A 413 2.98 20.55 10.33
N CYS A 414 3.80 21.48 9.87
CA CYS A 414 4.67 22.29 10.72
C CYS A 414 4.15 23.71 10.91
N HIS A 415 3.49 24.29 9.94
CA HIS A 415 3.08 25.69 9.98
C HIS A 415 1.57 25.76 10.26
N ALA A 416 1.23 25.56 11.51
CA ALA A 416 -0.16 25.57 11.98
C ALA A 416 -0.87 26.91 11.83
N GLU A 417 -0.10 27.98 11.71
CA GLU A 417 -0.62 29.34 11.63
C GLU A 417 -1.11 29.70 10.23
N TRP A 418 -0.89 28.81 9.26
CA TRP A 418 -1.23 29.09 7.88
C TRP A 418 -2.30 28.19 7.33
N THR A 419 -3.09 28.75 6.43
CA THR A 419 -3.89 27.96 5.54
C THR A 419 -3.04 27.51 4.36
N GLU A 420 -3.56 26.57 3.59
CA GLU A 420 -2.89 26.17 2.38
C GLU A 420 -2.60 27.34 1.45
N ASP A 421 -3.58 28.22 1.22
CA ASP A 421 -3.35 29.34 0.32
C ASP A 421 -2.26 30.27 0.84
N GLN A 422 -2.19 30.46 2.14
CA GLN A 422 -1.14 31.30 2.71
C GLN A 422 0.23 30.70 2.52
N ALA A 423 0.37 29.40 2.73
CA ALA A 423 1.65 28.74 2.55
C ALA A 423 2.09 28.79 1.08
N LEU A 424 1.16 28.56 0.17
CA LEU A 424 1.45 28.66 -1.26
C LEU A 424 1.91 30.07 -1.62
N TYR A 425 1.26 31.05 -1.03
CA TYR A 425 1.58 32.45 -1.27
C TYR A 425 3.02 32.76 -0.85
N ALA A 426 3.43 32.21 0.28
CA ALA A 426 4.80 32.38 0.76
C ALA A 426 5.80 31.75 -0.20
N ILE A 427 5.49 30.57 -0.71
CA ILE A 427 6.38 29.95 -1.71
C ILE A 427 6.49 30.86 -2.92
N ASP A 428 5.34 31.30 -3.43
CA ASP A 428 5.34 32.10 -4.64
C ASP A 428 6.01 33.45 -4.50
N TYR A 429 5.94 34.06 -3.33
CA TYR A 429 6.67 35.30 -3.09
C TYR A 429 8.16 35.07 -3.35
N ILE A 430 8.73 34.02 -2.76
CA ILE A 430 10.15 33.73 -2.96
C ILE A 430 10.48 33.38 -4.40
N LYS A 431 9.67 32.52 -5.01
CA LYS A 431 9.97 32.09 -6.36
C LYS A 431 9.82 33.23 -7.35
N ASN A 432 8.81 34.06 -7.17
CA ASN A 432 8.61 35.20 -8.06
C ASN A 432 9.77 36.17 -7.95
N TYR A 433 10.18 36.46 -6.73
CA TYR A 433 11.28 37.39 -6.52
C TYR A 433 12.57 36.83 -7.12
N THR A 434 12.84 35.55 -6.85
CA THR A 434 14.07 34.92 -7.34
C THR A 434 14.06 34.87 -8.85
N HIS A 435 12.95 34.47 -9.45
CA HIS A 435 12.89 34.37 -10.90
C HIS A 435 13.10 35.74 -11.54
N GLY A 436 12.58 36.80 -10.94
CA GLY A 436 12.80 38.15 -11.46
C GLY A 436 14.29 38.46 -11.49
N LYS A 437 15.01 38.06 -10.45
CA LYS A 437 16.44 38.32 -10.42
C LYS A 437 17.22 37.42 -11.37
N ILE A 438 16.76 36.19 -11.59
CA ILE A 438 17.32 35.34 -12.62
C ILE A 438 17.20 36.01 -13.97
N VAL A 439 16.00 36.51 -14.29
CA VAL A 439 15.75 37.14 -15.58
C VAL A 439 16.65 38.37 -15.74
N LYS A 440 16.76 39.19 -14.70
CA LYS A 440 17.62 40.37 -14.76
C LYS A 440 19.09 39.98 -14.89
N SER A 441 19.52 38.93 -14.18
CA SER A 441 20.89 38.45 -14.33
C SER A 441 21.15 38.03 -15.76
N GLU A 442 20.18 37.39 -16.40
CA GLU A 442 20.34 36.98 -17.79
C GLU A 442 20.38 38.18 -18.71
N TYR A 443 19.56 39.19 -18.46
CA TYR A 443 19.58 40.41 -19.24
C TYR A 443 21.00 40.98 -19.26
N TRP A 444 21.61 41.11 -18.09
CA TRP A 444 22.94 41.72 -17.97
C TRP A 444 24.03 40.84 -18.54
N LEU A 445 23.95 39.53 -18.33
CA LEU A 445 24.88 38.60 -18.98
C LEU A 445 24.80 38.68 -20.48
N ALA A 446 23.58 38.74 -21.03
CA ALA A 446 23.39 38.82 -22.47
C ALA A 446 23.96 40.13 -23.01
N LYS A 447 23.78 41.21 -22.25
CA LYS A 447 24.28 42.53 -22.66
C LYS A 447 25.82 42.48 -22.74
N MET A 448 26.44 41.90 -21.74
CA MET A 448 27.88 41.72 -21.76
C MET A 448 28.35 40.83 -22.91
N ILE A 449 27.70 39.69 -23.09
CA ILE A 449 28.10 38.74 -24.12
C ILE A 449 28.07 39.42 -25.48
N ASP A 450 27.01 40.20 -25.72
CA ASP A 450 26.83 40.86 -26.99
C ASP A 450 27.89 41.93 -27.27
N LEU A 451 28.57 42.42 -26.25
CA LEU A 451 29.66 43.38 -26.44
C LEU A 451 30.93 42.72 -26.89
N PHE A 452 31.10 41.42 -26.68
CA PHE A 452 32.35 40.79 -27.04
C PHE A 452 32.63 40.89 -28.55
N PRO A 453 31.66 40.55 -29.42
CA PRO A 453 31.90 40.73 -30.87
C PRO A 453 32.15 42.17 -31.27
N VAL A 454 31.43 43.09 -30.66
CA VAL A 454 31.62 44.50 -30.95
C VAL A 454 33.04 44.90 -30.58
N ALA A 455 33.47 44.51 -29.39
CA ALA A 455 34.82 44.81 -28.91
C ALA A 455 35.88 44.21 -29.81
N LYS A 456 35.70 42.97 -30.23
CA LYS A 456 36.63 42.33 -31.17
C LYS A 456 36.71 43.10 -32.46
N ARG A 457 35.58 43.47 -33.05
CA ARG A 457 35.59 44.24 -34.29
C ARG A 457 36.23 45.61 -34.12
N ALA A 458 36.15 46.17 -32.92
CA ALA A 458 36.69 47.50 -32.65
C ALA A 458 38.19 47.47 -32.38
N GLY A 459 38.76 46.28 -32.19
CA GLY A 459 40.18 46.13 -31.87
C GLY A 459 40.55 46.30 -30.42
N VAL A 460 39.58 46.06 -29.53
CA VAL A 460 39.87 46.07 -28.10
C VAL A 460 40.94 45.04 -27.77
N SER A 461 41.82 45.38 -26.83
CA SER A 461 42.96 44.54 -26.51
C SER A 461 42.57 43.21 -25.89
N GLU A 462 43.40 42.22 -26.12
CA GLU A 462 43.20 40.90 -25.53
C GLU A 462 43.27 40.99 -24.01
N ASP A 463 44.04 41.93 -23.48
CA ASP A 463 44.11 42.09 -22.03
C ASP A 463 42.74 42.47 -21.48
N VAL A 464 42.08 43.43 -22.13
CA VAL A 464 40.76 43.87 -21.70
C VAL A 464 39.75 42.71 -21.87
N LEU A 465 39.82 42.02 -22.99
CA LEU A 465 38.92 40.87 -23.21
C LEU A 465 39.13 39.81 -22.13
N ASN A 466 40.37 39.55 -21.75
CA ASN A 466 40.63 38.57 -20.70
C ASN A 466 40.13 39.03 -19.33
N GLN A 467 40.22 40.32 -19.03
CA GLN A 467 39.65 40.86 -17.81
C GLN A 467 38.13 40.60 -17.81
N ALA A 468 37.50 40.88 -18.95
CA ALA A 468 36.07 40.65 -19.08
C ALA A 468 35.73 39.17 -18.99
N ARG A 469 36.55 38.30 -19.54
CA ARG A 469 36.34 36.86 -19.42
C ARG A 469 36.40 36.40 -17.97
N GLU A 470 37.29 36.97 -17.15
CA GLU A 470 37.37 36.61 -15.75
C GLU A 470 36.08 37.02 -15.04
N LEU A 471 35.57 38.20 -15.40
CA LEU A 471 34.27 38.63 -14.86
C LEU A 471 33.14 37.71 -15.31
N HIS A 472 33.18 37.25 -16.55
CA HIS A 472 32.17 36.31 -17.08
C HIS A 472 32.11 35.04 -16.24
N TYR A 473 33.24 34.49 -15.84
CA TYR A 473 33.20 33.29 -15.00
C TYR A 473 32.28 33.49 -13.81
N ASP A 474 32.48 34.57 -13.08
CA ASP A 474 31.71 34.87 -11.88
C ASP A 474 30.27 35.23 -12.19
N ALA A 475 30.06 36.07 -13.19
CA ALA A 475 28.72 36.45 -13.58
C ALA A 475 27.91 35.21 -13.93
N HIS A 476 28.56 34.29 -14.62
CA HIS A 476 27.93 33.04 -15.00
C HIS A 476 27.62 32.18 -13.78
N LEU A 477 28.63 31.90 -12.97
CA LEU A 477 28.44 31.04 -11.81
C LEU A 477 27.28 31.51 -10.93
N TYR A 478 27.26 32.82 -10.63
CA TYR A 478 26.33 33.36 -9.66
C TYR A 478 24.91 33.52 -10.22
N TRP A 479 24.76 33.35 -11.53
CA TRP A 479 23.47 33.18 -12.22
C TRP A 479 23.08 31.72 -12.36
N GLU A 480 23.93 30.92 -12.97
CA GLU A 480 23.53 29.59 -13.43
C GLU A 480 23.22 28.66 -12.29
N TRP A 481 23.84 28.88 -11.14
CA TRP A 481 23.49 28.10 -9.97
C TRP A 481 21.96 28.03 -9.83
N TRP A 482 21.28 29.13 -10.10
CA TRP A 482 19.87 29.29 -9.77
C TRP A 482 18.92 28.86 -10.85
N THR A 483 19.35 28.81 -12.10
CA THR A 483 18.58 28.14 -13.16
C THR A 483 18.80 26.64 -13.07
N ALA A 484 19.97 26.22 -12.60
CA ALA A 484 20.25 24.81 -12.40
C ALA A 484 19.46 24.27 -11.22
N GLU A 485 19.39 25.04 -10.15
CA GLU A 485 18.76 24.62 -8.90
C GLU A 485 17.23 24.71 -9.05
N ASN A 486 16.54 23.68 -8.58
CA ASN A 486 15.16 23.48 -8.99
C ASN A 486 14.10 24.19 -8.20
N SER A 487 14.45 24.81 -7.09
CA SER A 487 13.46 25.43 -6.21
C SER A 487 13.14 26.89 -6.53
N VAL A 488 13.83 27.46 -7.51
CA VAL A 488 13.70 28.88 -7.85
C VAL A 488 13.79 29.72 -6.56
N GLY A 489 14.84 29.44 -5.79
CA GLY A 489 15.14 30.17 -4.59
C GLY A 489 14.52 29.65 -3.31
N PHE A 490 13.46 28.84 -3.37
CA PHE A 490 12.79 28.47 -2.15
C PHE A 490 13.70 27.78 -1.14
N HIS A 491 14.60 26.95 -1.62
CA HIS A 491 15.45 26.21 -0.69
C HIS A 491 16.36 27.12 0.13
N ASN A 492 16.73 28.28 -0.39
CA ASN A 492 17.57 29.21 0.34
C ASN A 492 17.43 30.61 -0.24
N PRO A 493 16.34 31.30 0.12
CA PRO A 493 16.03 32.56 -0.55
C PRO A 493 17.08 33.63 -0.38
N ASP A 494 17.69 33.71 0.79
CA ASP A 494 18.66 34.77 1.04
C ASP A 494 19.92 34.55 0.21
N GLN A 495 20.31 33.29 0.05
CA GLN A 495 21.51 32.98 -0.73
C GLN A 495 21.28 33.24 -2.21
N ALA A 496 20.11 32.85 -2.71
CA ALA A 496 19.75 33.12 -4.10
C ALA A 496 19.87 34.64 -4.37
N ARG A 497 19.32 35.43 -3.49
CA ARG A 497 19.29 36.87 -3.64
C ARG A 497 20.71 37.43 -3.67
N GLU A 498 21.54 37.02 -2.74
CA GLU A 498 22.90 37.56 -2.69
C GLU A 498 23.67 37.14 -3.93
N SER A 499 23.51 35.90 -4.34
CA SER A 499 24.21 35.40 -5.51
C SER A 499 23.78 36.11 -6.76
N LEU A 500 22.48 36.22 -6.97
CA LEU A 500 21.99 36.81 -8.20
C LEU A 500 22.36 38.30 -8.25
N MET A 501 22.31 38.99 -7.12
CA MET A 501 22.80 40.39 -7.13
C MET A 501 24.30 40.46 -7.45
N THR A 502 25.07 39.47 -7.01
CA THR A 502 26.49 39.39 -7.37
C THR A 502 26.67 39.16 -8.86
N SER A 503 25.86 38.29 -9.46
CA SER A 503 25.93 38.06 -10.90
C SER A 503 25.73 39.37 -11.66
N ILE A 504 24.67 40.08 -11.32
CA ILE A 504 24.34 41.35 -11.98
C ILE A 504 25.48 42.34 -11.80
N SER A 505 26.04 42.39 -10.60
CA SER A 505 27.15 43.31 -10.33
C SER A 505 28.35 43.01 -11.22
N LYS A 506 28.66 41.73 -11.39
CA LYS A 506 29.81 41.30 -12.22
C LYS A 506 29.57 41.60 -13.69
N SER A 507 28.38 41.33 -14.17
CA SER A 507 28.04 41.63 -15.56
C SER A 507 28.09 43.14 -15.80
N LYS A 508 27.56 43.93 -14.89
CA LYS A 508 27.58 45.39 -15.03
C LYS A 508 29.03 45.88 -15.09
N GLU A 509 29.89 45.31 -14.27
CA GLU A 509 31.33 45.68 -14.29
C GLU A 509 31.93 45.37 -15.66
N ALA A 510 31.62 44.21 -16.20
CA ALA A 510 32.15 43.81 -17.51
C ALA A 510 31.59 44.68 -18.62
N VAL A 511 30.30 45.01 -18.55
CA VAL A 511 29.68 45.88 -19.53
C VAL A 511 30.37 47.25 -19.56
N SER A 512 30.61 47.80 -18.38
CA SER A 512 31.31 49.10 -18.29
C SER A 512 32.72 49.02 -18.85
N LEU A 513 33.45 47.96 -18.50
CA LEU A 513 34.81 47.76 -18.98
C LEU A 513 34.83 47.70 -20.50
N LEU A 514 33.95 46.90 -21.09
CA LEU A 514 33.91 46.72 -22.53
C LEU A 514 33.41 47.95 -23.25
N ASN A 515 32.37 48.59 -22.75
CA ASN A 515 31.86 49.80 -23.39
C ASN A 515 32.93 50.87 -23.40
N ASP A 516 33.63 51.04 -22.29
CA ASP A 516 34.66 52.10 -22.21
C ASP A 516 35.77 51.78 -23.18
N ALA A 517 36.15 50.52 -23.30
CA ALA A 517 37.22 50.10 -24.22
C ALA A 517 36.82 50.28 -25.68
N ILE A 518 35.58 49.93 -26.03
CA ILE A 518 35.07 50.15 -27.37
C ILE A 518 35.06 51.65 -27.68
N ASP A 519 34.57 52.45 -26.74
CA ASP A 519 34.46 53.90 -26.95
C ASP A 519 35.85 54.51 -27.17
N ALA A 520 36.83 54.01 -26.45
CA ALA A 520 38.24 54.46 -26.60
C ALA A 520 38.79 54.14 -27.98
N GLN A 521 38.42 52.99 -28.54
CA GLN A 521 38.82 52.65 -29.91
C GLN A 521 38.17 53.57 -30.92
N VAL A 522 36.89 53.88 -30.72
CA VAL A 522 36.16 54.77 -31.61
C VAL A 522 36.77 56.18 -31.56
N ALA A 523 37.05 56.66 -30.35
CA ALA A 523 37.72 57.95 -30.16
N ASN B 5 14.71 -6.21 17.13
CA ASN B 5 14.46 -6.75 15.77
C ASN B 5 14.24 -8.27 15.81
N LEU B 6 13.40 -8.77 14.90
CA LEU B 6 13.12 -10.21 14.83
C LEU B 6 14.33 -11.00 14.43
N LYS B 7 14.52 -12.15 15.07
CA LYS B 7 15.60 -13.08 14.73
C LYS B 7 14.96 -14.38 14.28
N PRO B 8 15.32 -14.87 13.10
CA PRO B 8 14.67 -16.08 12.59
C PRO B 8 15.03 -17.31 13.42
N VAL B 9 14.11 -18.26 13.45
CA VAL B 9 14.34 -19.54 14.13
C VAL B 9 14.56 -20.60 13.08
N ASP B 10 15.14 -21.73 13.49
CA ASP B 10 15.36 -22.83 12.58
C ASP B 10 14.06 -23.60 12.37
N ALA B 11 13.40 -23.35 11.24
CA ALA B 11 12.14 -24.03 10.92
C ALA B 11 12.29 -25.55 10.82
N MET B 12 13.50 -26.02 10.51
CA MET B 12 13.71 -27.48 10.39
C MET B 12 13.48 -28.19 11.72
N GLN B 13 13.82 -27.52 12.81
CA GLN B 13 13.53 -28.04 14.12
C GLN B 13 12.03 -28.28 14.30
N CYS B 14 11.23 -27.29 13.91
CA CYS B 14 9.80 -27.43 14.00
C CYS B 14 9.26 -28.54 13.10
N PHE B 15 9.80 -28.61 11.90
CA PHE B 15 9.30 -29.54 10.90
C PHE B 15 9.49 -31.00 11.30
N ASP B 16 10.43 -31.26 12.19
CA ASP B 16 10.58 -32.62 12.77
C ASP B 16 9.28 -33.14 13.40
N CYS B 17 8.50 -32.28 14.05
CA CYS B 17 7.27 -32.63 14.71
C CYS B 17 6.03 -32.22 13.94
N HIS B 18 6.16 -31.19 13.10
CA HIS B 18 5.00 -30.59 12.47
C HIS B 18 5.01 -30.86 10.98
N THR B 19 4.64 -32.10 10.62
CA THR B 19 4.77 -32.51 9.24
C THR B 19 3.71 -31.89 8.31
N GLN B 20 2.50 -31.62 8.81
CA GLN B 20 1.49 -30.97 7.97
C GLN B 20 1.93 -29.53 7.66
N ILE B 21 2.45 -28.84 8.67
CA ILE B 21 2.99 -27.49 8.45
C ILE B 21 4.15 -27.53 7.48
N GLU B 22 5.07 -28.49 7.65
CA GLU B 22 6.15 -28.62 6.69
C GLU B 22 5.65 -28.73 5.27
N ASP B 23 4.67 -29.62 5.07
CA ASP B 23 4.15 -29.85 3.75
C ASP B 23 3.51 -28.57 3.16
N MET B 24 2.75 -27.86 3.99
CA MET B 24 2.07 -26.64 3.51
C MET B 24 3.05 -25.49 3.25
N HIS B 25 3.94 -25.29 4.21
CA HIS B 25 4.85 -24.13 4.21
C HIS B 25 5.92 -24.22 3.15
N THR B 26 6.51 -25.41 2.98
CA THR B 26 7.63 -25.52 2.06
C THR B 26 7.22 -25.38 0.60
N VAL B 27 5.95 -25.65 0.30
CA VAL B 27 5.44 -25.71 -1.06
C VAL B 27 4.78 -24.38 -1.50
N GLY B 28 4.22 -23.65 -0.54
CA GLY B 28 3.43 -22.47 -0.87
C GLY B 28 4.23 -21.19 -1.01
N LYS B 29 3.50 -20.07 -1.05
CA LYS B 29 4.12 -18.78 -1.30
C LYS B 29 4.65 -18.08 -0.05
N HIS B 30 4.58 -18.74 1.10
CA HIS B 30 5.22 -18.30 2.31
C HIS B 30 6.41 -19.19 2.71
N ALA B 31 6.99 -19.88 1.74
CA ALA B 31 8.13 -20.76 2.05
C ALA B 31 9.31 -20.01 2.62
N THR B 32 9.45 -18.72 2.28
CA THR B 32 10.54 -17.91 2.80
C THR B 32 10.17 -17.10 4.05
N VAL B 33 8.94 -17.25 4.54
CA VAL B 33 8.47 -16.47 5.67
C VAL B 33 8.74 -17.25 6.96
N ASN B 34 9.66 -16.74 7.75
CA ASN B 34 10.04 -17.44 8.97
C ASN B 34 9.00 -17.46 10.06
N CYS B 35 8.97 -18.56 10.80
CA CYS B 35 7.99 -18.76 11.85
C CYS B 35 7.95 -17.66 12.90
N VAL B 36 9.08 -17.00 13.12
CA VAL B 36 9.14 -15.95 14.16
C VAL B 36 8.23 -14.78 13.88
N HIS B 37 7.78 -14.64 12.64
CA HIS B 37 6.84 -13.56 12.35
C HIS B 37 5.54 -13.72 13.09
N CYS B 38 5.20 -14.98 13.42
CA CYS B 38 3.92 -15.24 14.05
C CYS B 38 3.96 -16.09 15.30
N HIS B 39 5.11 -16.73 15.61
CA HIS B 39 5.19 -17.62 16.77
C HIS B 39 6.43 -17.33 17.59
N ASP B 40 6.25 -17.28 18.91
CA ASP B 40 7.37 -17.26 19.86
C ASP B 40 7.36 -18.64 20.50
N ALA B 41 8.23 -19.51 20.02
CA ALA B 41 8.21 -20.94 20.34
C ALA B 41 9.47 -21.42 21.06
N THR B 42 10.25 -20.51 21.60
CA THR B 42 11.55 -20.92 22.19
C THR B 42 11.36 -21.91 23.33
N GLU B 43 10.51 -21.57 24.29
CA GLU B 43 10.25 -22.48 25.43
C GLU B 43 9.53 -23.74 25.00
N HIS B 44 8.64 -23.62 24.01
CA HIS B 44 7.96 -24.78 23.42
C HIS B 44 8.96 -25.76 22.86
N VAL B 45 9.94 -25.31 22.08
CA VAL B 45 10.92 -26.22 21.45
C VAL B 45 11.73 -26.93 22.54
N GLU B 46 12.00 -26.23 23.62
CA GLU B 46 12.80 -26.81 24.72
C GLU B 46 12.07 -27.90 25.48
N THR B 47 10.75 -27.92 25.40
CA THR B 47 9.92 -28.72 26.32
C THR B 47 8.98 -29.71 25.64
N ALA B 48 8.70 -29.50 24.34
CA ALA B 48 7.78 -30.37 23.61
C ALA B 48 8.39 -31.76 23.42
N SER B 49 7.52 -32.75 23.26
CA SER B 49 7.91 -34.03 22.70
C SER B 49 7.16 -34.25 21.40
N SER B 50 7.39 -35.38 20.75
CA SER B 50 6.71 -35.69 19.48
C SER B 50 5.19 -35.66 19.61
N ARG B 51 4.66 -35.95 20.79
CA ARG B 51 3.21 -35.98 20.96
C ARG B 51 2.65 -35.09 22.06
N ARG B 52 3.50 -34.44 22.84
CA ARG B 52 3.06 -33.56 23.91
C ARG B 52 3.60 -32.15 23.65
N MET B 53 2.73 -31.17 23.80
CA MET B 53 3.06 -29.78 23.45
C MET B 53 4.15 -29.19 24.33
N GLY B 54 4.21 -29.58 25.60
CA GLY B 54 5.08 -28.90 26.53
C GLY B 54 4.59 -27.48 26.73
N GLU B 55 5.50 -26.54 26.84
CA GLU B 55 5.09 -25.15 26.99
C GLU B 55 4.44 -24.69 25.69
N ARG B 56 3.37 -23.95 25.84
CA ARG B 56 2.60 -23.48 24.72
C ARG B 56 3.31 -22.33 24.03
N PRO B 57 3.56 -22.43 22.73
CA PRO B 57 4.17 -21.31 22.02
C PRO B 57 3.17 -20.17 21.92
N VAL B 58 3.65 -18.95 21.83
CA VAL B 58 2.75 -17.80 21.72
C VAL B 58 2.55 -17.52 20.23
N THR B 59 1.29 -17.48 19.81
CA THR B 59 0.95 -17.22 18.40
C THR B 59 0.28 -15.86 18.29
N ARG B 60 0.85 -15.02 17.44
CA ARG B 60 0.25 -13.73 17.11
C ARG B 60 -0.91 -13.91 16.22
N MET B 61 -2.01 -13.26 16.59
CA MET B 61 -3.21 -13.25 15.76
C MET B 61 -3.63 -11.86 15.37
N ASP B 62 -2.86 -10.86 15.75
CA ASP B 62 -3.14 -9.49 15.35
C ASP B 62 -2.92 -9.35 13.85
N LEU B 63 -3.71 -8.47 13.23
CA LEU B 63 -3.62 -8.27 11.80
C LEU B 63 -2.32 -7.59 11.36
N GLU B 64 -1.68 -6.90 12.29
CA GLU B 64 -0.40 -6.29 11.98
C GLU B 64 0.73 -7.30 11.76
N ALA B 65 0.51 -8.55 12.15
CA ALA B 65 1.49 -9.61 11.83
C ALA B 65 1.61 -9.77 10.34
N CYS B 66 0.53 -9.47 9.60
CA CYS B 66 0.52 -9.58 8.15
C CYS B 66 0.80 -8.24 7.48
N ALA B 67 0.51 -7.16 8.19
CA ALA B 67 0.65 -5.80 7.65
C ALA B 67 2.12 -5.54 7.40
C ALA B 67 2.05 -5.22 7.32
N THR B 68 2.94 -6.24 8.18
N THR B 68 3.15 -5.76 7.88
CA THR B 68 4.39 -6.18 8.08
CA THR B 68 4.44 -5.20 7.48
C THR B 68 4.85 -6.26 6.61
C THR B 68 4.78 -5.65 6.08
N CYS B 69 4.27 -7.17 5.82
N CYS B 69 4.46 -6.91 5.77
CA CYS B 69 4.69 -7.39 4.42
C CYS B 69 3.54 -7.12 3.43
N HIS B 70 2.34 -6.81 3.95
CA HIS B 70 1.16 -6.60 3.13
C HIS B 70 0.41 -5.34 3.60
N THR B 71 1.11 -4.21 3.59
CA THR B 71 0.52 -2.97 4.04
C THR B 71 -0.69 -2.54 3.20
N ALA B 72 -0.65 -2.75 1.89
CA ALA B 72 -1.77 -2.26 1.04
C ALA B 72 -3.07 -2.94 1.40
N GLN B 73 -3.02 -4.26 1.59
CA GLN B 73 -4.23 -5.02 1.94
C GLN B 73 -4.69 -4.65 3.35
N PHE B 74 -3.77 -4.55 4.30
CA PHE B 74 -4.12 -4.13 5.64
C PHE B 74 -4.77 -2.75 5.68
N ASN B 75 -4.14 -1.80 5.01
CA ASN B 75 -4.67 -0.44 5.08
C ASN B 75 -6.02 -0.31 4.40
N SER B 76 -6.23 -1.03 3.30
CA SER B 76 -7.57 -1.03 2.68
C SER B 76 -8.57 -1.69 3.61
N PHE B 77 -8.19 -2.78 4.28
CA PHE B 77 -9.11 -3.44 5.17
C PHE B 77 -9.58 -2.54 6.31
N VAL B 78 -8.68 -1.79 6.92
CA VAL B 78 -9.01 -1.07 8.14
C VAL B 78 -9.70 0.26 7.88
N GLU B 79 -9.81 0.66 6.62
CA GLU B 79 -10.54 1.90 6.33
C GLU B 79 -11.95 1.85 6.87
N VAL B 80 -12.38 2.98 7.42
CA VAL B 80 -13.73 3.13 7.89
C VAL B 80 -14.53 3.90 6.84
N ARG B 81 -15.62 3.31 6.37
CA ARG B 81 -16.50 3.95 5.45
C ARG B 81 -17.44 4.81 6.27
N HIS B 82 -17.16 6.11 6.33
CA HIS B 82 -17.98 6.96 7.18
C HIS B 82 -19.41 7.09 6.66
N GLU B 83 -19.61 6.87 5.37
CA GLU B 83 -20.95 6.92 4.79
C GLU B 83 -21.81 5.70 5.13
N SER B 84 -21.20 4.66 5.70
CA SER B 84 -21.97 3.54 6.24
C SER B 84 -22.40 3.95 7.64
N HIS B 85 -23.63 4.46 7.70
CA HIS B 85 -24.13 5.10 8.91
C HIS B 85 -24.08 4.16 10.08
N PRO B 86 -23.52 4.62 11.21
CA PRO B 86 -23.32 3.75 12.33
C PRO B 86 -24.47 3.74 13.32
N ARG B 87 -24.62 2.60 14.00
CA ARG B 87 -25.61 2.40 15.05
C ARG B 87 -27.01 2.75 14.60
N LEU B 88 -27.33 2.42 13.35
CA LEU B 88 -28.58 2.81 12.73
C LEU B 88 -29.61 1.67 12.84
N GLU B 89 -30.59 1.84 13.72
CA GLU B 89 -31.57 0.81 14.02
C GLU B 89 -32.45 0.51 12.82
N LYS B 90 -32.61 -0.78 12.53
CA LYS B 90 -33.39 -1.21 11.38
C LYS B 90 -34.90 -1.12 11.58
N ALA B 91 -35.36 -1.16 12.83
CA ALA B 91 -36.78 -1.12 13.18
C ALA B 91 -37.26 0.32 13.24
N THR B 92 -37.06 1.05 12.18
CA THR B 92 -37.50 2.44 12.10
C THR B 92 -38.10 2.69 10.72
N PRO B 93 -38.94 3.72 10.58
CA PRO B 93 -39.59 3.90 9.31
C PRO B 93 -38.67 4.21 8.14
N THR B 94 -37.47 4.71 8.44
CA THR B 94 -36.52 5.10 7.41
C THR B 94 -35.45 4.06 7.12
N SER B 95 -35.54 2.89 7.76
CA SER B 95 -34.55 1.84 7.55
C SER B 95 -35.20 0.59 6.94
N ARG B 96 -34.61 -0.56 7.17
CA ARG B 96 -34.92 -1.74 6.40
C ARG B 96 -36.23 -2.42 6.79
N SER B 97 -36.67 -2.28 8.05
CA SER B 97 -37.82 -3.02 8.53
C SER B 97 -38.69 -2.19 9.44
N PRO B 98 -39.53 -1.35 8.83
CA PRO B 98 -40.31 -0.43 9.64
C PRO B 98 -41.18 -1.09 10.71
N MET B 99 -41.67 -2.30 10.45
CA MET B 99 -42.57 -2.99 11.40
C MET B 99 -41.86 -4.14 12.10
N PHE B 100 -40.55 -4.08 12.18
CA PHE B 100 -39.78 -5.16 12.80
C PHE B 100 -40.18 -5.45 14.24
N ASP B 101 -40.41 -4.45 15.06
CA ASP B 101 -40.75 -4.74 16.47
C ASP B 101 -42.01 -5.58 16.62
N LYS B 102 -43.02 -5.28 15.85
CA LYS B 102 -44.26 -6.04 15.93
C LYS B 102 -44.02 -7.47 15.43
N LEU B 103 -43.28 -7.60 14.34
CA LEU B 103 -43.09 -8.87 13.68
C LEU B 103 -42.13 -9.79 14.41
N ILE B 104 -41.15 -9.22 15.10
CA ILE B 104 -40.12 -10.01 15.76
C ILE B 104 -40.37 -10.14 17.27
N ALA B 105 -41.49 -9.61 17.75
CA ALA B 105 -41.82 -9.63 19.17
C ALA B 105 -41.65 -11.03 19.74
N GLY B 106 -40.86 -11.14 20.80
CA GLY B 106 -40.51 -12.43 21.38
C GLY B 106 -39.05 -12.80 21.19
N HIS B 107 -38.40 -12.15 20.22
CA HIS B 107 -37.00 -12.40 19.94
C HIS B 107 -36.09 -11.30 20.48
N GLY B 108 -34.87 -11.68 20.83
CA GLY B 108 -33.89 -10.72 21.34
C GLY B 108 -33.54 -9.59 20.39
N PHE B 109 -33.69 -9.78 19.09
CA PHE B 109 -33.37 -8.67 18.17
C PHE B 109 -34.27 -7.47 18.39
N ALA B 110 -35.41 -7.63 19.06
CA ALA B 110 -36.24 -6.48 19.43
C ALA B 110 -35.52 -5.47 20.29
N PHE B 111 -34.48 -5.88 21.02
CA PHE B 111 -33.78 -4.96 21.86
C PHE B 111 -32.86 -4.01 21.09
N GLU B 112 -32.32 -4.46 19.98
CA GLU B 112 -31.54 -3.62 19.06
C GLU B 112 -31.09 -4.45 17.89
N HIS B 113 -31.22 -3.89 16.68
CA HIS B 113 -30.69 -4.50 15.47
C HIS B 113 -30.33 -3.38 14.54
N ALA B 114 -29.04 -3.05 14.46
CA ALA B 114 -28.57 -1.97 13.62
C ALA B 114 -28.12 -2.51 12.29
N GLU B 115 -28.02 -1.61 11.31
CA GLU B 115 -27.43 -1.95 10.04
C GLU B 115 -25.95 -2.26 10.24
N PRO B 116 -25.36 -3.07 9.34
CA PRO B 116 -23.92 -3.32 9.45
C PRO B 116 -23.13 -2.07 9.09
N ARG B 117 -21.94 -1.99 9.64
CA ARG B 117 -20.97 -0.98 9.24
C ARG B 117 -19.64 -1.66 8.95
N SER B 118 -18.58 -0.88 8.78
CA SER B 118 -17.32 -1.41 8.30
C SER B 118 -16.77 -2.52 9.19
N HIS B 119 -16.11 -3.46 8.52
CA HIS B 119 -15.59 -4.66 9.17
C HIS B 119 -14.69 -4.42 10.38
N ALA B 120 -13.93 -3.33 10.40
CA ALA B 120 -13.07 -3.02 11.54
C ALA B 120 -13.79 -3.12 12.85
N PHE B 121 -15.08 -2.82 12.85
CA PHE B 121 -15.86 -2.71 14.07
C PHE B 121 -16.60 -3.98 14.46
N MET B 122 -16.44 -5.08 13.75
CA MET B 122 -17.36 -6.21 13.99
C MET B 122 -17.33 -6.73 15.41
N LEU B 123 -16.14 -6.87 15.99
CA LEU B 123 -16.04 -7.44 17.32
C LEU B 123 -16.53 -6.46 18.37
N VAL B 124 -16.11 -5.20 18.29
CA VAL B 124 -16.61 -4.22 19.22
C VAL B 124 -18.11 -4.03 19.12
N ASP B 125 -18.66 -4.07 17.91
CA ASP B 125 -20.09 -3.86 17.75
C ASP B 125 -20.88 -5.03 18.34
N HIS B 126 -20.37 -6.24 18.13
CA HIS B 126 -20.92 -7.44 18.79
C HIS B 126 -20.93 -7.28 20.29
N PHE B 127 -19.83 -6.77 20.85
CA PHE B 127 -19.74 -6.61 22.29
C PHE B 127 -20.67 -5.56 22.86
N VAL B 128 -20.92 -4.46 22.14
CA VAL B 128 -21.63 -3.34 22.71
C VAL B 128 -23.12 -3.27 22.36
N VAL B 129 -23.60 -4.04 21.38
CA VAL B 129 -24.98 -3.93 20.97
C VAL B 129 -25.91 -4.27 22.13
N ASP B 130 -27.07 -3.63 22.20
CA ASP B 130 -27.92 -3.78 23.38
C ASP B 130 -28.49 -5.18 23.56
N ARG B 131 -28.50 -5.98 22.51
CA ARG B 131 -29.09 -7.32 22.59
C ARG B 131 -28.13 -8.40 23.10
N ALA B 132 -26.85 -8.08 23.26
CA ALA B 132 -25.80 -9.11 23.40
C ALA B 132 -25.35 -9.47 24.81
N TYR B 133 -24.93 -8.47 25.59
CA TYR B 133 -24.29 -8.69 26.89
C TYR B 133 -24.93 -7.84 27.98
N GLY B 134 -26.22 -7.52 27.86
CA GLY B 134 -26.91 -6.79 28.89
C GLY B 134 -26.37 -5.40 29.14
N GLY B 135 -25.67 -4.83 28.15
CA GLY B 135 -25.06 -3.52 28.34
C GLY B 135 -23.75 -3.55 29.12
N ARG B 136 -23.22 -4.74 29.40
CA ARG B 136 -21.98 -4.86 30.17
C ARG B 136 -20.83 -4.11 29.54
N PHE B 137 -20.69 -4.26 28.23
CA PHE B 137 -19.56 -3.69 27.52
C PHE B 137 -20.00 -2.41 26.79
N GLN B 138 -19.15 -1.39 26.86
CA GLN B 138 -19.44 -0.11 26.22
C GLN B 138 -18.15 0.46 25.70
N PHE B 139 -18.22 1.36 24.73
CA PHE B 139 -17.05 2.12 24.37
C PHE B 139 -16.58 2.93 25.57
N LYS B 140 -15.27 3.15 25.67
CA LYS B 140 -14.72 3.89 26.80
C LYS B 140 -15.32 5.29 26.88
N ASN B 141 -15.60 5.87 25.73
CA ASN B 141 -16.35 7.11 25.68
C ASN B 141 -16.96 7.19 24.27
N TRP B 142 -17.80 8.16 24.01
CA TRP B 142 -18.49 8.22 22.73
C TRP B 142 -17.58 8.66 21.58
N GLN B 143 -16.38 9.16 21.86
CA GLN B 143 -15.46 9.44 20.77
C GLN B 143 -14.93 8.17 20.12
N LYS B 144 -14.87 7.08 20.88
CA LYS B 144 -14.19 5.89 20.40
C LYS B 144 -14.92 5.18 19.27
N VAL B 145 -16.16 5.56 19.02
CA VAL B 145 -16.97 4.94 17.98
C VAL B 145 -16.37 5.14 16.61
N THR B 146 -15.51 6.12 16.46
CA THR B 146 -14.89 6.40 15.19
C THR B 146 -13.61 5.58 14.93
N ASP B 147 -13.11 4.92 15.96
CA ASP B 147 -11.74 4.45 15.95
C ASP B 147 -11.62 3.02 15.40
N GLY B 148 -11.59 2.92 14.07
CA GLY B 148 -11.49 1.62 13.40
C GLY B 148 -10.14 1.00 13.66
N MET B 149 -9.07 1.77 13.49
CA MET B 149 -7.73 1.26 13.74
C MET B 149 -7.61 0.75 15.17
N GLY B 150 -8.16 1.47 16.13
CA GLY B 150 -8.11 1.07 17.51
C GLY B 150 -8.85 -0.24 17.75
N ALA B 151 -10.03 -0.37 17.19
CA ALA B 151 -10.78 -1.61 17.31
C ALA B 151 -9.95 -2.76 16.71
N VAL B 152 -9.29 -2.52 15.58
CA VAL B 152 -8.48 -3.56 14.96
C VAL B 152 -7.28 -3.93 15.86
N ARG B 153 -6.66 -2.94 16.50
CA ARG B 153 -5.57 -3.21 17.42
C ARG B 153 -6.05 -4.08 18.57
N GLY B 154 -7.26 -3.84 19.06
CA GLY B 154 -7.92 -4.74 19.98
C GLY B 154 -9.14 -4.13 20.62
N ALA B 155 -10.18 -4.94 20.74
CA ALA B 155 -11.43 -4.50 21.33
C ALA B 155 -11.22 -3.86 22.69
N TRP B 156 -10.34 -4.44 23.51
CA TRP B 156 -10.23 -4.00 24.88
C TRP B 156 -9.38 -2.73 25.00
N THR B 157 -8.83 -2.25 23.89
CA THR B 157 -8.23 -0.92 23.87
C THR B 157 -9.25 0.19 23.76
N VAL B 158 -10.49 -0.12 23.34
CA VAL B 158 -11.52 0.89 23.15
C VAL B 158 -12.79 0.68 23.94
N LEU B 159 -12.92 -0.49 24.63
CA LEU B 159 -14.11 -0.82 25.40
C LEU B 159 -13.83 -0.91 26.88
N THR B 160 -14.89 -0.81 27.66
CA THR B 160 -14.88 -1.05 29.10
C THR B 160 -15.89 -2.16 29.44
N ASP B 161 -15.66 -2.77 30.59
CA ASP B 161 -16.53 -3.80 31.18
C ASP B 161 -17.09 -3.22 32.46
N ALA B 162 -18.41 -3.19 32.57
CA ALA B 162 -19.09 -2.62 33.74
C ALA B 162 -18.73 -3.34 35.05
N ASP B 163 -18.34 -4.60 34.98
CA ASP B 163 -18.03 -5.35 36.21
C ASP B 163 -17.02 -6.45 35.96
N PRO B 164 -15.74 -6.08 35.98
CA PRO B 164 -14.71 -7.10 35.80
C PRO B 164 -14.70 -8.21 36.84
N GLU B 165 -15.39 -8.02 37.95
CA GLU B 165 -15.39 -9.03 39.04
C GLU B 165 -16.43 -10.12 38.90
N SER B 166 -17.29 -10.06 37.89
CA SER B 166 -18.27 -11.10 37.68
C SER B 166 -18.24 -11.54 36.24
N SER B 167 -18.61 -12.79 35.99
CA SER B 167 -18.58 -13.32 34.63
C SER B 167 -19.90 -13.85 34.12
N ASP B 168 -20.99 -13.56 34.84
CA ASP B 168 -22.32 -13.98 34.45
C ASP B 168 -22.90 -12.98 33.43
N GLN B 169 -23.71 -13.51 32.54
CA GLN B 169 -24.54 -12.67 31.69
C GLN B 169 -25.68 -12.09 32.51
N ARG B 170 -25.73 -10.78 32.60
CA ARG B 170 -26.87 -10.14 33.21
C ARG B 170 -27.08 -8.74 32.64
N ARG B 171 -28.24 -8.19 32.94
CA ARG B 171 -28.58 -6.84 32.48
C ARG B 171 -28.00 -5.77 33.39
N PHE B 172 -27.20 -4.89 32.81
CA PHE B 172 -26.72 -3.69 33.46
C PHE B 172 -27.55 -2.46 33.12
N LEU B 173 -28.15 -2.48 31.93
CA LEU B 173 -29.10 -1.47 31.50
C LEU B 173 -30.44 -2.16 31.33
N SER B 174 -31.54 -1.44 31.58
CA SER B 174 -32.85 -2.08 31.65
C SER B 174 -33.34 -2.72 30.36
N GLN B 175 -33.14 -2.05 29.23
CA GLN B 175 -33.66 -2.51 27.95
C GLN B 175 -32.54 -3.08 27.10
N THR B 176 -31.96 -4.15 27.63
CA THR B 176 -30.96 -4.94 26.96
C THR B 176 -31.31 -6.40 27.09
N ALA B 177 -30.61 -7.22 26.33
CA ALA B 177 -30.74 -8.68 26.41
C ALA B 177 -29.33 -9.26 26.48
N THR B 178 -29.28 -10.57 26.75
CA THR B 178 -28.03 -11.27 26.93
C THR B 178 -27.98 -12.44 25.94
N ALA B 179 -28.18 -12.15 24.66
CA ALA B 179 -28.25 -13.19 23.63
C ALA B 179 -26.90 -13.76 23.26
N ALA B 180 -25.81 -13.05 23.55
CA ALA B 180 -24.51 -13.53 23.13
C ALA B 180 -24.21 -14.89 23.76
N ASN B 181 -23.54 -15.71 22.98
CA ASN B 181 -23.02 -17.01 23.41
C ASN B 181 -21.75 -17.27 22.63
N PRO B 182 -20.96 -18.29 23.01
CA PRO B 182 -19.68 -18.47 22.37
C PRO B 182 -19.71 -18.69 20.86
N VAL B 183 -20.79 -19.25 20.33
CA VAL B 183 -20.80 -19.51 18.91
C VAL B 183 -20.74 -18.20 18.11
N CYS B 184 -21.40 -17.15 18.59
CA CYS B 184 -21.37 -15.85 17.92
C CYS B 184 -19.98 -15.42 17.49
N LEU B 185 -19.00 -15.62 18.39
CA LEU B 185 -17.69 -15.06 18.24
C LEU B 185 -16.99 -15.58 17.02
N ASN B 186 -17.38 -16.77 16.56
CA ASN B 186 -16.75 -17.35 15.38
C ASN B 186 -16.90 -16.52 14.12
N CYS B 187 -17.92 -15.66 14.10
CA CYS B 187 -18.15 -14.77 12.96
C CYS B 187 -17.70 -13.32 13.26
N LYS B 188 -16.95 -13.12 14.36
CA LYS B 188 -16.43 -11.80 14.72
C LYS B 188 -14.92 -11.76 14.80
N THR B 189 -14.30 -12.92 15.05
CA THR B 189 -12.88 -13.06 15.28
C THR B 189 -12.53 -14.52 15.10
N GLN B 190 -11.24 -14.79 14.88
CA GLN B 190 -10.69 -16.12 15.04
C GLN B 190 -9.46 -16.10 15.94
N ASP B 191 -9.42 -15.14 16.87
CA ASP B 191 -8.36 -15.14 17.87
C ASP B 191 -8.36 -16.45 18.66
N HIS B 192 -9.50 -17.10 18.76
CA HIS B 192 -9.64 -18.36 19.51
C HIS B 192 -9.40 -19.60 18.67
N ILE B 193 -8.84 -19.46 17.47
CA ILE B 193 -8.72 -20.57 16.53
C ILE B 193 -7.96 -21.81 17.11
N LEU B 194 -7.03 -21.58 18.02
CA LEU B 194 -6.28 -22.68 18.65
C LEU B 194 -6.86 -23.09 19.98
N ASP B 195 -7.96 -22.49 20.41
CA ASP B 195 -8.54 -22.69 21.73
C ASP B 195 -9.96 -23.22 21.70
N TRP B 196 -10.43 -23.57 20.51
CA TRP B 196 -11.82 -23.91 20.25
C TRP B 196 -11.79 -25.15 19.40
N ALA B 197 -12.44 -26.22 19.86
CA ALA B 197 -12.48 -27.43 19.05
C ALA B 197 -13.50 -27.26 17.96
N TYR B 198 -13.31 -28.01 16.89
CA TYR B 198 -14.26 -28.03 15.77
C TYR B 198 -15.70 -28.12 16.27
N MET B 199 -16.52 -27.18 15.77
CA MET B 199 -17.93 -27.01 16.10
C MET B 199 -18.21 -26.48 17.48
N GLY B 200 -17.17 -26.30 18.29
CA GLY B 200 -17.34 -25.91 19.67
C GLY B 200 -17.73 -27.06 20.57
N ASP B 201 -17.45 -28.28 20.11
CA ASP B 201 -17.69 -29.45 20.93
C ASP B 201 -16.80 -29.39 22.16
N GLU B 202 -17.23 -30.07 23.21
CA GLU B 202 -16.37 -30.23 24.36
C GLU B 202 -15.11 -31.00 23.94
N HIS B 203 -13.96 -30.58 24.46
CA HIS B 203 -12.69 -31.21 24.11
C HIS B 203 -11.69 -30.89 25.20
N GLU B 204 -10.94 -31.92 25.64
CA GLU B 204 -9.93 -31.72 26.66
C GLU B 204 -8.94 -30.60 26.39
N ALA B 205 -8.62 -30.39 25.11
CA ALA B 205 -7.63 -29.41 24.69
C ALA B 205 -8.22 -28.04 24.42
N ALA B 206 -9.54 -27.92 24.53
CA ALA B 206 -10.22 -26.63 24.24
C ALA B 206 -10.48 -25.84 25.49
N LYS B 207 -9.96 -24.63 25.52
CA LYS B 207 -10.24 -23.69 26.55
C LYS B 207 -11.71 -23.21 26.51
N TRP B 208 -12.23 -23.10 25.29
CA TRP B 208 -13.55 -22.55 25.06
C TRP B 208 -14.38 -23.52 24.24
N SER B 209 -15.69 -23.47 24.44
CA SER B 209 -16.61 -24.32 23.72
C SER B 209 -17.99 -23.68 23.69
N ARG B 210 -18.95 -24.36 23.06
CA ARG B 210 -20.30 -23.81 23.01
C ARG B 210 -20.86 -23.51 24.38
N THR B 211 -20.42 -24.25 25.41
CA THR B 211 -21.03 -24.14 26.73
C THR B 211 -20.26 -23.25 27.70
N SER B 212 -19.23 -22.56 27.19
CA SER B 212 -18.45 -21.64 28.02
C SER B 212 -19.24 -20.46 28.51
N GLU B 213 -18.74 -19.82 29.55
CA GLU B 213 -19.27 -18.52 29.99
C GLU B 213 -18.82 -17.46 28.96
N VAL B 214 -19.79 -16.95 28.21
CA VAL B 214 -19.45 -16.04 27.11
C VAL B 214 -18.72 -14.76 27.55
N VAL B 215 -18.99 -14.27 28.74
CA VAL B 215 -18.33 -13.05 29.22
C VAL B 215 -16.84 -13.35 29.43
N GLU B 216 -16.52 -14.51 29.98
CA GLU B 216 -15.12 -14.90 30.12
C GLU B 216 -14.43 -15.06 28.77
N PHE B 217 -15.10 -15.71 27.83
CA PHE B 217 -14.57 -15.90 26.48
C PHE B 217 -14.31 -14.54 25.82
N ALA B 218 -15.31 -13.65 25.90
CA ALA B 218 -15.22 -12.29 25.33
C ALA B 218 -13.93 -11.58 25.72
N ARG B 219 -13.58 -11.69 27.00
CA ARG B 219 -12.42 -10.98 27.53
C ARG B 219 -11.10 -11.47 26.94
N ASP B 220 -11.09 -12.66 26.38
CA ASP B 220 -9.92 -13.26 25.77
C ASP B 220 -9.74 -12.91 24.29
N LEU B 221 -10.69 -12.15 23.72
CA LEU B 221 -10.75 -11.92 22.27
C LEU B 221 -10.53 -10.45 21.97
N ASN B 222 -9.83 -10.19 20.87
CA ASN B 222 -9.35 -8.86 20.55
C ASN B 222 -9.61 -8.35 19.15
N HIS B 223 -9.34 -9.14 18.13
CA HIS B 223 -9.19 -8.64 16.78
C HIS B 223 -10.37 -9.07 15.92
N PRO B 224 -10.84 -8.18 15.04
CA PRO B 224 -11.85 -8.53 14.06
C PRO B 224 -11.26 -9.23 12.86
N LEU B 225 -12.08 -10.07 12.21
CA LEU B 225 -11.83 -10.60 10.87
C LEU B 225 -10.34 -10.77 10.60
N ASN B 226 -9.73 -11.72 11.30
CA ASN B 226 -8.30 -11.91 11.14
C ASN B 226 -7.97 -12.23 9.71
N CYS B 227 -6.80 -11.78 9.24
CA CYS B 227 -6.42 -12.00 7.85
C CYS B 227 -6.40 -13.47 7.49
N PHE B 228 -6.02 -14.30 8.45
CA PHE B 228 -5.91 -15.73 8.22
C PHE B 228 -7.26 -16.45 8.14
N MET B 229 -8.37 -15.73 8.28
CA MET B 229 -9.64 -16.39 8.06
C MET B 229 -9.82 -16.83 6.62
N CYS B 230 -9.16 -16.15 5.67
CA CYS B 230 -9.29 -16.46 4.25
C CYS B 230 -8.02 -16.98 3.60
N HIS B 231 -6.89 -16.83 4.30
CA HIS B 231 -5.57 -17.12 3.73
C HIS B 231 -4.83 -17.97 4.75
N ASP B 232 -4.41 -19.17 4.33
CA ASP B 232 -3.63 -20.00 5.23
C ASP B 232 -2.30 -19.32 5.54
N PRO B 233 -1.94 -19.18 6.82
CA PRO B 233 -0.69 -18.47 7.09
C PRO B 233 0.56 -19.23 6.72
N HIS B 234 0.43 -20.55 6.57
CA HIS B 234 1.56 -21.40 6.25
C HIS B 234 1.78 -21.55 4.75
N SER B 235 0.71 -21.77 3.96
CA SER B 235 0.83 -21.90 2.51
C SER B 235 0.57 -20.60 1.74
N ALA B 236 -0.08 -19.65 2.41
CA ALA B 236 -0.65 -18.41 1.80
C ALA B 236 -1.79 -18.70 0.84
N GLY B 237 -2.23 -19.95 0.76
CA GLY B 237 -3.31 -20.31 -0.12
C GLY B 237 -4.70 -20.04 0.44
N PRO B 238 -5.69 -20.03 -0.45
CA PRO B 238 -7.03 -19.66 -0.03
C PRO B 238 -7.69 -20.72 0.83
N ARG B 239 -8.41 -20.29 1.84
CA ARG B 239 -9.05 -21.23 2.74
C ARG B 239 -10.25 -20.60 3.43
N VAL B 240 -10.96 -21.43 4.17
CA VAL B 240 -11.87 -21.02 5.22
C VAL B 240 -11.44 -21.71 6.51
N VAL B 241 -11.81 -21.11 7.62
CA VAL B 241 -11.58 -21.68 8.94
C VAL B 241 -12.86 -21.94 9.71
N ARG B 242 -14.00 -21.42 9.25
CA ARG B 242 -15.21 -21.48 10.02
C ARG B 242 -15.80 -22.90 10.04
N ASP B 243 -15.88 -23.43 11.23
CA ASP B 243 -16.33 -24.83 11.41
C ASP B 243 -17.68 -25.12 10.79
N GLY B 244 -18.64 -24.24 11.00
CA GLY B 244 -19.99 -24.51 10.49
C GLY B 244 -20.03 -24.62 8.99
N LEU B 245 -19.18 -23.84 8.32
CA LEU B 245 -19.12 -23.90 6.86
C LEU B 245 -18.50 -25.20 6.35
N ILE B 246 -17.38 -25.58 6.96
CA ILE B 246 -16.76 -26.84 6.62
C ILE B 246 -17.73 -27.98 6.89
N ASN B 247 -18.49 -27.89 7.97
CA ASN B 247 -19.47 -28.94 8.30
C ASN B 247 -20.52 -29.08 7.19
N ALA B 248 -21.03 -27.97 6.67
CA ALA B 248 -22.02 -28.02 5.62
C ALA B 248 -21.43 -28.53 4.31
N VAL B 249 -20.30 -27.97 3.89
CA VAL B 249 -19.73 -28.21 2.60
C VAL B 249 -19.16 -29.64 2.51
N VAL B 250 -18.37 -29.98 3.52
CA VAL B 250 -17.60 -31.22 3.52
C VAL B 250 -18.31 -32.32 4.33
N ASP B 251 -18.55 -32.12 5.61
CA ASP B 251 -19.06 -33.24 6.45
C ASP B 251 -20.43 -33.75 5.91
N ARG B 252 -21.32 -32.82 5.59
CA ARG B 252 -22.64 -33.15 5.07
C ARG B 252 -22.62 -33.32 3.55
N GLY B 253 -21.46 -33.14 2.93
CA GLY B 253 -21.31 -33.41 1.52
C GLY B 253 -22.11 -32.55 0.59
N LEU B 254 -22.51 -31.35 1.05
CA LEU B 254 -23.39 -30.51 0.24
C LEU B 254 -22.66 -29.77 -0.87
N GLY B 255 -21.35 -29.60 -0.72
CA GLY B 255 -20.54 -28.94 -1.71
C GLY B 255 -20.51 -27.44 -1.54
N THR B 256 -19.55 -26.82 -2.19
CA THR B 256 -19.42 -25.37 -2.15
C THR B 256 -20.55 -24.66 -2.89
N TYR B 257 -21.13 -25.30 -3.90
CA TYR B 257 -22.24 -24.80 -4.69
C TYR B 257 -23.30 -25.89 -4.70
N PRO B 258 -24.15 -25.93 -3.68
CA PRO B 258 -25.04 -27.09 -3.54
C PRO B 258 -25.96 -27.31 -4.71
N HIS B 259 -26.21 -26.29 -5.51
CA HIS B 259 -27.05 -26.40 -6.69
C HIS B 259 -26.29 -26.72 -7.97
N ASP B 260 -24.98 -26.88 -7.89
CA ASP B 260 -24.17 -27.09 -9.08
C ASP B 260 -23.01 -28.04 -8.75
N PRO B 261 -23.19 -29.35 -9.01
CA PRO B 261 -22.15 -30.30 -8.69
C PRO B 261 -20.86 -30.13 -9.47
N VAL B 262 -20.95 -29.66 -10.68
CA VAL B 262 -19.78 -29.43 -11.50
C VAL B 262 -18.92 -28.31 -10.92
N LYS B 263 -19.55 -27.17 -10.62
CA LYS B 263 -18.85 -26.04 -10.03
C LYS B 263 -18.34 -26.39 -8.64
N SER B 264 -19.09 -27.21 -7.90
CA SER B 264 -18.63 -27.66 -6.60
C SER B 264 -17.33 -28.47 -6.71
N GLU B 265 -17.21 -29.25 -7.77
CA GLU B 265 -15.99 -30.06 -7.94
C GLU B 265 -14.81 -29.22 -8.39
N GLN B 266 -15.07 -28.26 -9.26
CA GLN B 266 -14.01 -27.38 -9.77
C GLN B 266 -13.52 -26.37 -8.73
N GLN B 267 -14.43 -25.97 -7.85
CA GLN B 267 -14.16 -24.97 -6.82
C GLN B 267 -14.48 -25.53 -5.47
N GLY B 268 -13.76 -26.60 -5.12
CA GLY B 268 -14.02 -27.33 -3.91
C GLY B 268 -13.20 -26.96 -2.72
N MET B 269 -13.43 -27.73 -1.66
CA MET B 269 -12.85 -27.54 -0.37
C MET B 269 -12.28 -28.86 0.13
N THR B 270 -11.09 -28.80 0.71
CA THR B 270 -10.44 -29.98 1.28
C THR B 270 -10.27 -29.73 2.77
N LYS B 271 -10.89 -30.58 3.59
CA LYS B 271 -10.80 -30.46 5.02
C LYS B 271 -9.47 -31.00 5.54
N VAL B 272 -8.76 -30.15 6.29
CA VAL B 272 -7.52 -30.51 6.93
C VAL B 272 -7.72 -30.42 8.41
N THR B 273 -7.34 -31.50 9.13
CA THR B 273 -7.57 -31.60 10.53
C THR B 273 -6.25 -31.57 11.29
N PHE B 274 -6.26 -30.91 12.42
CA PHE B 274 -5.14 -30.85 13.36
C PHE B 274 -5.58 -31.50 14.66
N GLN B 275 -4.63 -32.23 15.27
CA GLN B 275 -4.92 -33.00 16.46
C GLN B 275 -4.26 -32.45 17.70
N ARG B 276 -4.83 -32.83 18.85
CA ARG B 276 -4.19 -32.62 20.14
C ARG B 276 -4.20 -33.97 20.85
N GLY B 277 -3.04 -34.44 21.28
CA GLY B 277 -2.97 -35.78 21.91
C GLY B 277 -3.47 -36.85 20.97
N ARG B 278 -3.20 -36.68 19.68
CA ARG B 278 -3.63 -37.57 18.62
C ARG B 278 -5.14 -37.79 18.59
N GLU B 279 -5.91 -36.78 19.02
CA GLU B 279 -7.35 -36.77 18.87
C GLU B 279 -7.69 -35.55 18.01
N ASP B 280 -8.54 -35.72 17.02
CA ASP B 280 -8.96 -34.56 16.18
C ASP B 280 -9.39 -33.43 17.08
N PHE B 281 -8.93 -32.22 16.73
CA PHE B 281 -9.20 -31.04 17.52
C PHE B 281 -9.85 -29.93 16.71
N ARG B 282 -9.17 -29.48 15.66
CA ARG B 282 -9.65 -28.34 14.84
C ARG B 282 -9.47 -28.65 13.39
N ALA B 283 -10.09 -27.87 12.52
CA ALA B 283 -10.04 -28.13 11.08
C ALA B 283 -10.08 -26.81 10.31
N ILE B 284 -9.55 -26.88 9.12
CA ILE B 284 -9.66 -25.80 8.12
C ILE B 284 -10.08 -26.41 6.81
N GLY B 285 -10.49 -25.56 5.88
CA GLY B 285 -10.95 -25.99 4.58
C GLY B 285 -10.16 -25.28 3.51
N LEU B 286 -9.20 -25.97 2.90
CA LEU B 286 -8.42 -25.38 1.84
C LEU B 286 -9.25 -25.33 0.58
N LEU B 287 -9.26 -24.18 -0.08
CA LEU B 287 -10.02 -24.02 -1.31
C LEU B 287 -9.19 -24.30 -2.55
N ASP B 288 -9.83 -24.88 -3.56
CA ASP B 288 -9.17 -25.13 -4.83
C ASP B 288 -8.76 -23.87 -5.55
N THR B 289 -9.56 -22.81 -5.36
CA THR B 289 -9.34 -21.53 -5.99
C THR B 289 -9.60 -20.45 -4.95
N ALA B 290 -9.19 -19.23 -5.27
CA ALA B 290 -9.39 -18.09 -4.34
C ALA B 290 -10.81 -17.56 -4.51
N ASP B 291 -11.76 -18.34 -4.02
CA ASP B 291 -13.16 -18.16 -4.31
C ASP B 291 -13.83 -17.38 -3.20
N SER B 292 -13.98 -16.08 -3.43
CA SER B 292 -14.58 -15.24 -2.42
C SER B 292 -16.00 -15.63 -2.06
N ASN B 293 -16.75 -16.28 -2.95
CA ASN B 293 -18.09 -16.69 -2.57
C ASN B 293 -18.05 -17.53 -1.31
N VAL B 294 -17.08 -18.45 -1.26
CA VAL B 294 -16.98 -19.37 -0.14
C VAL B 294 -16.27 -18.72 1.03
N MET B 295 -15.28 -17.88 0.77
CA MET B 295 -14.65 -17.13 1.86
C MET B 295 -15.63 -16.29 2.65
N CYS B 296 -16.47 -15.54 1.94
CA CYS B 296 -17.40 -14.62 2.59
C CYS B 296 -18.53 -15.38 3.27
N ALA B 297 -18.80 -16.59 2.77
CA ALA B 297 -19.83 -17.47 3.35
C ALA B 297 -19.43 -18.04 4.71
N GLN B 298 -18.24 -17.72 5.21
CA GLN B 298 -17.93 -18.03 6.59
C GLN B 298 -18.85 -17.31 7.55
N CYS B 299 -19.34 -16.13 7.14
CA CYS B 299 -20.15 -15.31 8.02
C CYS B 299 -21.45 -14.82 7.40
N HIS B 300 -21.47 -14.56 6.10
CA HIS B 300 -22.63 -13.95 5.44
C HIS B 300 -23.61 -15.03 4.96
N VAL B 301 -24.09 -15.75 5.97
CA VAL B 301 -25.00 -16.88 5.80
C VAL B 301 -26.05 -16.88 6.90
N GLU B 302 -27.14 -17.61 6.65
CA GLU B 302 -28.12 -17.92 7.68
C GLU B 302 -27.63 -19.14 8.49
N TYR B 303 -27.81 -19.04 9.80
CA TYR B 303 -27.19 -19.97 10.72
C TYR B 303 -28.04 -20.10 11.99
N ASN B 304 -27.72 -21.13 12.79
CA ASN B 304 -28.02 -21.17 14.20
C ASN B 304 -26.73 -20.92 14.94
N CYS B 305 -26.80 -20.07 15.94
CA CYS B 305 -25.67 -19.72 16.80
C CYS B 305 -26.28 -19.32 18.12
N ASN B 306 -27.09 -20.22 18.67
CA ASN B 306 -28.04 -19.86 19.69
C ASN B 306 -28.82 -21.07 20.12
N PRO B 307 -29.40 -21.02 21.31
CA PRO B 307 -30.35 -22.05 21.71
C PRO B 307 -31.65 -21.85 20.98
N GLY B 308 -32.51 -22.86 21.02
CA GLY B 308 -33.81 -22.73 20.43
C GLY B 308 -34.71 -23.82 20.97
N TYR B 309 -35.61 -24.28 20.13
CA TYR B 309 -36.65 -25.25 20.54
C TYR B 309 -36.89 -26.22 19.43
N GLN B 310 -37.45 -27.39 19.75
CA GLN B 310 -37.81 -28.35 18.71
C GLN B 310 -39.19 -28.07 18.17
N LEU B 311 -39.31 -28.13 16.85
CA LEU B 311 -40.62 -28.02 16.21
C LEU B 311 -41.54 -29.18 16.62
N SER B 312 -40.97 -30.36 16.81
CA SER B 312 -41.78 -31.56 17.08
C SER B 312 -42.50 -31.46 18.41
N ASP B 313 -41.78 -31.10 19.47
CA ASP B 313 -42.37 -31.11 20.81
C ASP B 313 -42.15 -29.88 21.66
N GLY B 314 -41.53 -28.85 21.08
CA GLY B 314 -41.27 -27.64 21.83
C GLY B 314 -40.17 -27.68 22.86
N SER B 315 -39.46 -28.79 22.96
CA SER B 315 -38.43 -28.88 23.97
C SER B 315 -37.25 -27.99 23.66
N ARG B 316 -36.56 -27.59 24.71
CA ARG B 316 -35.40 -26.72 24.59
C ARG B 316 -34.24 -27.41 23.90
N VAL B 317 -33.56 -26.68 23.02
CA VAL B 317 -32.33 -27.10 22.38
C VAL B 317 -31.28 -26.11 22.88
N GLY B 318 -30.40 -26.57 23.76
CA GLY B 318 -29.41 -25.70 24.38
C GLY B 318 -28.11 -25.61 23.62
N MET B 319 -27.22 -24.77 24.16
CA MET B 319 -25.91 -24.57 23.56
C MET B 319 -25.09 -25.84 23.49
N ASP B 320 -25.38 -26.78 24.38
CA ASP B 320 -24.66 -28.04 24.36
C ASP B 320 -24.92 -28.89 23.13
N ASP B 321 -26.04 -28.63 22.47
CA ASP B 321 -26.45 -29.41 21.31
C ASP B 321 -25.74 -28.91 20.06
N ARG B 322 -25.30 -29.79 19.20
CA ARG B 322 -24.64 -29.44 17.94
C ARG B 322 -25.48 -28.46 17.12
N ARG B 323 -26.80 -28.54 17.22
CA ARG B 323 -27.68 -27.69 16.43
C ARG B 323 -27.52 -26.21 16.78
N ALA B 324 -26.91 -25.89 17.92
CA ALA B 324 -26.64 -24.51 18.32
C ALA B 324 -25.53 -23.87 17.52
N ASN B 325 -24.79 -24.64 16.74
CA ASN B 325 -23.79 -24.16 15.79
C ASN B 325 -24.01 -24.85 14.47
N HIS B 326 -24.81 -24.22 13.60
CA HIS B 326 -25.28 -24.89 12.40
C HIS B 326 -25.42 -23.91 11.24
N PHE B 327 -24.87 -24.28 10.10
CA PHE B 327 -25.10 -23.57 8.85
C PHE B 327 -26.14 -24.35 8.08
N PHE B 328 -27.28 -23.73 7.80
CA PHE B 328 -28.33 -24.40 7.07
C PHE B 328 -27.93 -24.69 5.62
N TRP B 329 -27.18 -23.79 5.01
CA TRP B 329 -26.66 -23.97 3.67
C TRP B 329 -27.82 -24.32 2.73
N ALA B 330 -28.87 -23.50 2.82
CA ALA B 330 -30.11 -23.69 2.08
C ALA B 330 -30.64 -22.34 1.61
N ASN B 331 -31.14 -22.29 0.38
CA ASN B 331 -31.82 -21.10 -0.11
C ASN B 331 -33.17 -20.92 0.59
N VAL B 332 -33.80 -19.78 0.36
CA VAL B 332 -35.01 -19.47 1.09
C VAL B 332 -36.09 -20.54 0.89
N PHE B 333 -36.18 -21.09 -0.32
CA PHE B 333 -37.21 -22.07 -0.63
C PHE B 333 -36.87 -23.48 -0.15
N ASP B 334 -35.65 -23.67 0.33
CA ASP B 334 -35.22 -24.93 0.95
C ASP B 334 -35.07 -24.82 2.46
N TYR B 335 -35.23 -23.63 3.02
CA TYR B 335 -34.94 -23.40 4.43
C TYR B 335 -35.93 -24.11 5.35
N LYS B 336 -37.22 -24.05 5.04
CA LYS B 336 -38.19 -24.70 5.93
C LYS B 336 -37.86 -26.20 6.06
N GLU B 337 -37.55 -26.82 4.94
CA GLU B 337 -37.16 -28.24 4.92
C GLU B 337 -35.91 -28.45 5.78
N ALA B 338 -34.94 -27.56 5.65
CA ALA B 338 -33.68 -27.67 6.42
C ALA B 338 -33.90 -27.53 7.92
N ALA B 339 -34.80 -26.63 8.33
CA ALA B 339 -35.09 -26.44 9.75
C ALA B 339 -35.92 -27.61 10.30
N GLN B 340 -36.85 -28.10 9.49
CA GLN B 340 -37.63 -29.28 9.89
C GLN B 340 -36.72 -30.49 10.02
N GLU B 341 -35.70 -30.58 9.16
CA GLU B 341 -34.76 -31.70 9.16
C GLU B 341 -34.02 -31.77 10.49
N ILE B 342 -33.58 -30.64 11.02
CA ILE B 342 -32.90 -30.65 12.30
C ILE B 342 -33.87 -30.45 13.46
N ASP B 343 -35.15 -30.26 13.17
CA ASP B 343 -36.19 -30.17 14.18
C ASP B 343 -35.97 -28.99 15.10
N PHE B 344 -36.03 -27.78 14.53
CA PHE B 344 -35.57 -26.59 15.24
C PHE B 344 -36.34 -25.36 14.86
N PHE B 345 -36.65 -24.53 15.85
CA PHE B 345 -37.08 -23.15 15.62
C PHE B 345 -36.48 -22.26 16.67
N ASP B 346 -36.53 -20.95 16.41
CA ASP B 346 -35.81 -19.99 17.22
C ASP B 346 -36.60 -19.40 18.37
N PHE B 347 -37.84 -18.99 18.12
CA PHE B 347 -38.61 -18.31 19.14
C PHE B 347 -40.09 -18.48 18.88
N ARG B 348 -40.88 -18.25 19.92
CA ARG B 348 -42.32 -18.20 19.78
C ARG B 348 -42.76 -16.76 19.75
N HIS B 349 -43.54 -16.41 18.75
CA HIS B 349 -44.00 -15.03 18.62
C HIS B 349 -44.80 -14.62 19.86
N ALA B 350 -44.50 -13.44 20.40
CA ALA B 350 -45.05 -12.98 21.67
C ALA B 350 -46.55 -12.80 21.60
N THR B 351 -47.08 -12.46 20.42
CA THR B 351 -48.51 -12.22 20.22
C THR B 351 -49.21 -13.44 19.63
N THR B 352 -48.69 -14.00 18.54
CA THR B 352 -49.42 -15.06 17.88
C THR B 352 -49.19 -16.43 18.47
N GLY B 353 -48.11 -16.61 19.22
CA GLY B 353 -47.75 -17.93 19.73
C GLY B 353 -47.16 -18.87 18.70
N ALA B 354 -46.95 -18.42 17.46
CA ALA B 354 -46.37 -19.27 16.45
C ALA B 354 -44.90 -19.55 16.72
N ALA B 355 -44.48 -20.79 16.53
CA ALA B 355 -43.08 -21.11 16.44
C ALA B 355 -42.53 -20.50 15.16
N LEU B 356 -41.44 -19.74 15.29
CA LEU B 356 -40.87 -19.01 14.16
C LEU B 356 -39.38 -19.23 14.03
N PRO B 357 -38.88 -19.11 12.80
CA PRO B 357 -37.45 -19.06 12.58
C PRO B 357 -36.94 -17.63 12.73
N LYS B 358 -35.66 -17.50 13.04
CA LYS B 358 -34.98 -16.22 13.01
C LYS B 358 -33.94 -16.30 11.92
N LEU B 359 -34.04 -15.42 10.92
CA LEU B 359 -33.14 -15.41 9.80
C LEU B 359 -32.07 -14.34 10.00
N GLN B 360 -30.87 -14.64 9.52
CA GLN B 360 -29.77 -13.67 9.54
C GLN B 360 -29.03 -13.68 8.21
N HIS B 361 -28.81 -12.48 7.66
CA HIS B 361 -27.94 -12.20 6.52
C HIS B 361 -27.58 -13.38 5.65
N PRO B 362 -28.52 -13.88 4.88
CA PRO B 362 -28.25 -15.03 4.01
C PRO B 362 -27.71 -14.63 2.65
N GLU B 363 -26.66 -13.81 2.62
CA GLU B 363 -26.17 -13.35 1.33
C GLU B 363 -25.67 -14.48 0.45
N ALA B 364 -24.90 -15.41 1.02
CA ALA B 364 -24.33 -16.47 0.21
C ALA B 364 -25.44 -17.32 -0.44
N GLU B 365 -26.43 -17.70 0.36
CA GLU B 365 -27.47 -18.61 -0.10
C GLU B 365 -28.45 -17.92 -1.03
N THR B 366 -28.50 -16.60 -0.95
CA THR B 366 -29.33 -15.80 -1.88
C THR B 366 -28.63 -15.64 -3.22
N PHE B 367 -27.32 -15.43 -3.19
CA PHE B 367 -26.56 -15.20 -4.40
C PHE B 367 -26.62 -16.42 -5.33
N TRP B 368 -26.65 -17.65 -4.76
CA TRP B 368 -26.76 -18.83 -5.60
C TRP B 368 -27.87 -18.72 -6.62
N GLY B 369 -27.56 -19.07 -7.86
CA GLY B 369 -28.57 -19.15 -8.88
C GLY B 369 -28.92 -17.84 -9.55
N SER B 370 -28.41 -16.74 -9.03
CA SER B 370 -28.57 -15.47 -9.68
C SER B 370 -27.83 -15.45 -11.01
N VAL B 371 -28.22 -14.55 -11.89
CA VAL B 371 -27.54 -14.43 -13.16
C VAL B 371 -26.05 -14.17 -12.92
N HIS B 372 -25.70 -13.34 -11.96
CA HIS B 372 -24.30 -13.07 -11.68
C HIS B 372 -23.57 -14.35 -11.24
N GLU B 373 -24.14 -15.09 -10.30
CA GLU B 373 -23.45 -16.28 -9.81
C GLU B 373 -23.30 -17.30 -10.94
N ARG B 374 -24.35 -17.46 -11.74
CA ARG B 374 -24.34 -18.44 -12.83
C ARG B 374 -23.30 -18.08 -13.89
N ASN B 375 -22.98 -16.79 -14.01
CA ASN B 375 -21.95 -16.32 -14.92
C ASN B 375 -20.55 -16.30 -14.30
N GLY B 376 -20.40 -16.85 -13.11
CA GLY B 376 -19.08 -16.95 -12.50
C GLY B 376 -18.60 -15.73 -11.74
N VAL B 377 -19.52 -14.81 -11.45
CA VAL B 377 -19.20 -13.63 -10.67
C VAL B 377 -19.17 -14.04 -9.20
N ALA B 378 -18.36 -13.36 -8.39
CA ALA B 378 -18.22 -13.68 -6.97
C ALA B 378 -18.25 -12.41 -6.15
N CYS B 379 -18.46 -12.54 -4.86
CA CYS B 379 -18.60 -11.38 -3.99
C CYS B 379 -17.50 -10.35 -4.23
N ALA B 380 -16.26 -10.79 -4.32
CA ALA B 380 -15.14 -9.88 -4.45
C ALA B 380 -15.17 -9.02 -5.70
N ASP B 381 -15.79 -9.51 -6.76
CA ASP B 381 -15.86 -8.74 -7.97
C ASP B 381 -16.61 -7.43 -7.80
N CYS B 382 -17.53 -7.41 -6.87
CA CYS B 382 -18.31 -6.21 -6.56
C CYS B 382 -17.87 -5.50 -5.28
N HIS B 383 -17.35 -6.24 -4.31
CA HIS B 383 -17.10 -5.70 -2.98
C HIS B 383 -15.61 -5.65 -2.61
N MET B 384 -14.75 -6.35 -3.35
CA MET B 384 -13.28 -6.33 -3.15
C MET B 384 -12.55 -6.31 -4.47
N PRO B 385 -12.86 -5.35 -5.32
CA PRO B 385 -12.30 -5.42 -6.65
C PRO B 385 -10.78 -5.15 -6.67
N LYS B 386 -10.16 -5.55 -7.76
CA LYS B 386 -8.79 -5.14 -8.01
C LYS B 386 -8.72 -3.63 -8.17
N VAL B 387 -7.66 -3.05 -7.64
CA VAL B 387 -7.41 -1.61 -7.83
C VAL B 387 -6.73 -1.26 -9.12
C VAL B 387 -6.99 -1.42 -9.30
N GLN B 388 -7.30 -0.27 -9.84
CA GLN B 388 -6.87 0.10 -11.17
C GLN B 388 -5.89 1.22 -11.00
N LEU B 389 -4.66 1.06 -11.48
CA LEU B 389 -3.64 2.11 -11.36
C LEU B 389 -3.07 2.48 -12.71
N GLU B 390 -2.91 3.77 -12.93
CA GLU B 390 -2.22 4.25 -14.11
C GLU B 390 -0.81 3.74 -14.18
N ASN B 391 -0.16 3.72 -13.03
CA ASN B 391 1.20 3.17 -12.92
C ASN B 391 1.32 2.53 -11.58
N GLY B 392 1.45 1.22 -11.53
CA GLY B 392 1.62 0.56 -10.24
C GLY B 392 1.37 -0.90 -10.29
N LYS B 393 1.69 -1.54 -9.18
CA LYS B 393 1.47 -2.95 -8.95
C LYS B 393 0.04 -3.13 -8.47
N VAL B 394 -0.74 -3.89 -9.21
CA VAL B 394 -2.13 -4.12 -8.85
C VAL B 394 -2.20 -4.97 -7.59
N TYR B 395 -3.20 -4.69 -6.77
CA TYR B 395 -3.53 -5.49 -5.60
C TYR B 395 -5.06 -5.48 -5.48
N THR B 396 -5.56 -6.36 -4.63
CA THR B 396 -6.99 -6.49 -4.37
C THR B 396 -7.38 -5.58 -3.23
N SER B 397 -8.36 -4.69 -3.48
CA SER B 397 -8.86 -3.87 -2.39
C SER B 397 -9.49 -4.77 -1.32
N HIS B 398 -9.12 -4.55 -0.06
CA HIS B 398 -9.72 -5.25 1.05
C HIS B 398 -10.67 -4.38 1.83
N SER B 399 -11.10 -3.26 1.24
CA SER B 399 -12.17 -2.47 1.85
C SER B 399 -13.49 -3.01 1.37
N GLN B 400 -14.05 -3.94 2.14
CA GLN B 400 -15.30 -4.58 1.74
C GLN B 400 -16.44 -3.62 1.97
N ARG B 401 -17.03 -3.17 0.88
CA ARG B 401 -18.03 -2.11 0.94
C ARG B 401 -18.87 -2.15 -0.31
N THR B 402 -19.88 -1.31 -0.32
CA THR B 402 -20.77 -1.19 -1.46
C THR B 402 -19.99 -0.84 -2.74
N PRO B 403 -20.37 -1.45 -3.87
CA PRO B 403 -19.73 -1.09 -5.14
C PRO B 403 -19.99 0.34 -5.58
N ARG B 404 -20.96 1.01 -4.96
CA ARG B 404 -21.21 2.41 -5.32
C ARG B 404 -19.98 3.27 -5.15
N ASP B 405 -19.05 2.86 -4.28
CA ASP B 405 -17.86 3.66 -4.02
C ASP B 405 -16.76 3.44 -5.02
N MET B 406 -16.91 2.44 -5.88
CA MET B 406 -15.86 2.08 -6.83
C MET B 406 -16.45 1.46 -8.09
N MET B 407 -17.36 2.21 -8.68
CA MET B 407 -18.12 1.68 -9.78
C MET B 407 -17.27 1.33 -11.00
N GLY B 408 -16.20 2.10 -11.25
CA GLY B 408 -15.29 1.80 -12.34
C GLY B 408 -14.60 0.46 -12.16
N GLN B 409 -14.27 0.14 -10.93
CA GLN B 409 -13.54 -1.09 -10.59
C GLN B 409 -14.48 -2.27 -10.48
N ALA B 410 -15.75 -2.01 -10.14
CA ALA B 410 -16.77 -3.03 -9.91
C ALA B 410 -17.65 -3.08 -11.17
N CYS B 411 -18.88 -2.61 -11.11
CA CYS B 411 -19.86 -2.85 -12.16
C CYS B 411 -19.39 -2.51 -13.55
N LEU B 412 -18.76 -1.33 -13.70
CA LEU B 412 -18.45 -0.81 -15.03
C LEU B 412 -17.29 -1.54 -15.65
N ASN B 413 -16.53 -2.27 -14.83
CA ASN B 413 -15.46 -3.09 -15.36
C ASN B 413 -16.00 -4.24 -16.21
N CYS B 414 -17.24 -4.68 -15.94
CA CYS B 414 -17.91 -5.70 -16.74
C CYS B 414 -18.98 -5.14 -17.67
N HIS B 415 -19.64 -4.07 -17.28
CA HIS B 415 -20.78 -3.52 -18.00
C HIS B 415 -20.34 -2.24 -18.73
N ALA B 416 -19.61 -2.45 -19.82
CA ALA B 416 -19.13 -1.40 -20.70
C ALA B 416 -20.22 -0.55 -21.36
N GLU B 417 -21.42 -1.08 -21.44
CA GLU B 417 -22.55 -0.41 -22.08
C GLU B 417 -23.20 0.66 -21.21
N TRP B 418 -22.76 0.77 -19.96
CA TRP B 418 -23.38 1.66 -19.00
C TRP B 418 -22.45 2.75 -18.52
N THR B 419 -23.01 3.91 -18.26
CA THR B 419 -22.38 4.92 -17.43
C THR B 419 -22.62 4.55 -15.95
N GLU B 420 -21.89 5.21 -15.07
CA GLU B 420 -22.06 5.02 -13.64
C GLU B 420 -23.53 5.27 -13.26
N ASP B 421 -24.10 6.37 -13.71
CA ASP B 421 -25.48 6.68 -13.33
C ASP B 421 -26.44 5.61 -13.81
N GLN B 422 -26.23 5.04 -14.99
CA GLN B 422 -27.09 3.97 -15.46
C GLN B 422 -26.98 2.73 -14.60
N ALA B 423 -25.77 2.35 -14.22
CA ALA B 423 -25.60 1.18 -13.36
C ALA B 423 -26.23 1.38 -12.00
N LEU B 424 -26.07 2.58 -11.44
CA LEU B 424 -26.71 2.91 -10.17
C LEU B 424 -28.21 2.81 -10.27
N TYR B 425 -28.73 3.28 -11.38
CA TYR B 425 -30.18 3.26 -11.63
C TYR B 425 -30.72 1.82 -11.67
N ALA B 426 -29.98 0.92 -12.29
CA ALA B 426 -30.35 -0.49 -12.30
C ALA B 426 -30.35 -1.09 -10.90
N ILE B 427 -29.37 -0.73 -10.07
CA ILE B 427 -29.38 -1.17 -8.67
C ILE B 427 -30.63 -0.68 -7.99
N ASP B 428 -30.88 0.60 -8.12
CA ASP B 428 -32.00 1.22 -7.41
C ASP B 428 -33.36 0.71 -7.87
N TYR B 429 -33.50 0.37 -9.13
CA TYR B 429 -34.75 -0.21 -9.60
C TYR B 429 -35.05 -1.46 -8.78
N ILE B 430 -34.05 -2.36 -8.69
CA ILE B 430 -34.24 -3.59 -7.95
C ILE B 430 -34.48 -3.35 -6.47
N LYS B 431 -33.69 -2.50 -5.84
CA LYS B 431 -33.82 -2.27 -4.42
C LYS B 431 -35.13 -1.61 -4.10
N ASN B 432 -35.55 -0.67 -4.93
CA ASN B 432 -36.82 0.04 -4.68
C ASN B 432 -37.98 -0.91 -4.81
N TYR B 433 -37.94 -1.75 -5.84
CA TYR B 433 -39.03 -2.72 -6.03
C TYR B 433 -39.10 -3.71 -4.86
N THR B 434 -37.94 -4.24 -4.49
CA THR B 434 -37.85 -5.21 -3.42
C THR B 434 -38.28 -4.62 -2.10
N HIS B 435 -37.80 -3.40 -1.79
CA HIS B 435 -38.17 -2.77 -0.55
C HIS B 435 -39.68 -2.53 -0.49
N GLY B 436 -40.31 -2.16 -1.60
CA GLY B 436 -41.76 -2.00 -1.63
C GLY B 436 -42.47 -3.28 -1.23
N LYS B 437 -41.97 -4.41 -1.72
CA LYS B 437 -42.58 -5.71 -1.38
C LYS B 437 -42.28 -6.12 0.05
N ILE B 438 -41.13 -5.75 0.60
CA ILE B 438 -40.85 -5.95 2.02
C ILE B 438 -41.85 -5.20 2.84
N VAL B 439 -42.07 -3.93 2.51
CA VAL B 439 -43.01 -3.12 3.27
C VAL B 439 -44.42 -3.70 3.17
N LYS B 440 -44.84 -4.11 1.98
CA LYS B 440 -46.18 -4.71 1.85
C LYS B 440 -46.28 -6.02 2.61
N SER B 441 -45.21 -6.82 2.59
CA SER B 441 -45.21 -8.04 3.32
C SER B 441 -45.38 -7.76 4.82
N GLU B 442 -44.73 -6.73 5.33
CA GLU B 442 -44.86 -6.36 6.72
C GLU B 442 -46.25 -5.88 7.05
N TYR B 443 -46.86 -5.13 6.13
CA TYR B 443 -48.22 -4.66 6.31
C TYR B 443 -49.15 -5.86 6.56
N TRP B 444 -49.05 -6.86 5.69
CA TRP B 444 -49.92 -8.04 5.78
C TRP B 444 -49.59 -8.90 7.01
N LEU B 445 -48.31 -9.08 7.31
CA LEU B 445 -47.93 -9.78 8.55
C LEU B 445 -48.53 -9.08 9.76
N ALA B 446 -48.42 -7.75 9.83
CA ALA B 446 -48.90 -6.99 10.96
C ALA B 446 -50.42 -7.13 11.07
N LYS B 447 -51.10 -7.12 9.94
CA LYS B 447 -52.56 -7.23 9.91
C LYS B 447 -52.94 -8.58 10.51
N MET B 448 -52.26 -9.63 10.08
CA MET B 448 -52.50 -10.95 10.62
C MET B 448 -52.20 -11.01 12.12
N ILE B 449 -51.03 -10.53 12.52
CA ILE B 449 -50.65 -10.56 13.93
C ILE B 449 -51.70 -9.88 14.80
N ASP B 450 -52.19 -8.73 14.36
CA ASP B 450 -53.16 -7.97 15.15
C ASP B 450 -54.51 -8.68 15.27
N LEU B 451 -54.78 -9.62 14.38
CA LEU B 451 -56.01 -10.42 14.50
C LEU B 451 -55.92 -11.48 15.56
N PHE B 452 -54.73 -11.87 15.99
CA PHE B 452 -54.62 -12.94 16.99
C PHE B 452 -55.28 -12.59 18.31
N PRO B 453 -54.98 -11.40 18.89
CA PRO B 453 -55.68 -11.04 20.13
C PRO B 453 -57.19 -10.91 19.96
N VAL B 454 -57.65 -10.40 18.83
CA VAL B 454 -59.08 -10.26 18.58
C VAL B 454 -59.71 -11.65 18.54
N ALA B 455 -59.06 -12.57 17.85
CA ALA B 455 -59.54 -13.95 17.72
C ALA B 455 -59.60 -14.62 19.06
N LYS B 456 -58.57 -14.44 19.87
CA LYS B 456 -58.55 -15.02 21.23
C LYS B 456 -59.68 -14.48 22.08
N ARG B 457 -59.89 -13.18 22.10
CA ARG B 457 -61.02 -12.59 22.84
C ARG B 457 -62.37 -13.04 22.30
N ALA B 458 -62.46 -13.33 21.01
CA ALA B 458 -63.71 -13.75 20.38
C ALA B 458 -64.02 -15.22 20.68
N GLY B 459 -63.05 -15.95 21.22
CA GLY B 459 -63.17 -17.40 21.48
C GLY B 459 -62.96 -18.31 20.28
N VAL B 460 -62.18 -17.85 19.31
CA VAL B 460 -61.85 -18.66 18.16
C VAL B 460 -61.10 -19.89 18.66
N SER B 461 -61.31 -21.02 17.99
CA SER B 461 -60.79 -22.28 18.45
C SER B 461 -59.29 -22.36 18.33
N GLU B 462 -58.68 -23.16 19.19
CA GLU B 462 -57.25 -23.44 19.15
C GLU B 462 -56.83 -24.07 17.82
N ASP B 463 -57.68 -24.92 17.25
CA ASP B 463 -57.41 -25.52 15.95
C ASP B 463 -57.22 -24.43 14.88
N VAL B 464 -58.09 -23.43 14.87
CA VAL B 464 -57.99 -22.34 13.88
C VAL B 464 -56.74 -21.52 14.18
N LEU B 465 -56.48 -21.24 15.44
CA LEU B 465 -55.28 -20.46 15.78
C LEU B 465 -54.03 -21.23 15.38
N ASN B 466 -54.00 -22.54 15.56
CA ASN B 466 -52.84 -23.32 15.14
C ASN B 466 -52.67 -23.36 13.63
N GLN B 467 -53.76 -23.39 12.88
CA GLN B 467 -53.70 -23.28 11.44
C GLN B 467 -53.06 -21.95 11.04
N ALA B 468 -53.49 -20.90 11.69
CA ALA B 468 -52.93 -19.57 11.44
C ALA B 468 -51.46 -19.48 11.83
N ARG B 469 -51.08 -20.13 12.93
CA ARG B 469 -49.69 -20.19 13.35
C ARG B 469 -48.83 -20.89 12.32
N GLU B 470 -49.32 -21.94 11.70
CA GLU B 470 -48.58 -22.61 10.67
C GLU B 470 -48.35 -21.69 9.48
N LEU B 471 -49.37 -20.93 9.11
CA LEU B 471 -49.23 -19.92 8.05
C LEU B 471 -48.24 -18.82 8.46
N HIS B 472 -48.23 -18.45 9.74
CA HIS B 472 -47.31 -17.42 10.22
C HIS B 472 -45.86 -17.85 10.00
N TYR B 473 -45.52 -19.12 10.24
CA TYR B 473 -44.17 -19.56 10.00
C TYR B 473 -43.72 -19.20 8.59
N ASP B 474 -44.53 -19.55 7.60
CA ASP B 474 -44.19 -19.31 6.22
C ASP B 474 -44.21 -17.82 5.88
N ALA B 475 -45.23 -17.11 6.32
CA ALA B 475 -45.32 -15.68 6.06
C ALA B 475 -44.08 -14.99 6.60
N HIS B 476 -43.67 -15.39 7.79
CA HIS B 476 -42.46 -14.87 8.41
C HIS B 476 -41.21 -15.20 7.63
N LEU B 477 -40.99 -16.46 7.34
CA LEU B 477 -39.79 -16.88 6.63
C LEU B 477 -39.60 -16.12 5.32
N TYR B 478 -40.67 -16.03 4.54
CA TYR B 478 -40.60 -15.53 3.19
C TYR B 478 -40.53 -13.99 3.14
N TRP B 479 -40.73 -13.35 4.28
CA TRP B 479 -40.48 -11.93 4.50
C TRP B 479 -39.09 -11.71 5.09
N GLU B 480 -38.80 -12.35 6.23
CA GLU B 480 -37.65 -11.95 7.04
C GLU B 480 -36.34 -12.27 6.36
N TRP B 481 -36.34 -13.26 5.47
CA TRP B 481 -35.16 -13.53 4.68
C TRP B 481 -34.61 -12.22 4.10
N TRP B 482 -35.52 -11.34 3.66
CA TRP B 482 -35.14 -10.19 2.84
C TRP B 482 -34.83 -8.93 3.62
N THR B 483 -35.34 -8.81 4.84
CA THR B 483 -34.85 -7.78 5.77
C THR B 483 -33.53 -8.21 6.38
N ALA B 484 -33.33 -9.51 6.55
CA ALA B 484 -32.06 -10.04 7.02
C ALA B 484 -30.97 -9.89 5.97
N GLU B 485 -31.30 -10.16 4.72
CA GLU B 485 -30.34 -10.16 3.64
C GLU B 485 -30.06 -8.68 3.26
N ASN B 486 -28.78 -8.38 3.05
CA ASN B 486 -28.33 -6.99 3.03
C ASN B 486 -28.44 -6.27 1.70
N SER B 487 -28.71 -6.97 0.61
CA SER B 487 -28.71 -6.35 -0.73
C SER B 487 -30.05 -5.75 -1.15
N VAL B 488 -31.08 -5.89 -0.31
CA VAL B 488 -32.42 -5.45 -0.65
C VAL B 488 -32.78 -5.95 -2.05
N GLY B 489 -32.58 -7.26 -2.23
CA GLY B 489 -32.92 -7.94 -3.46
C GLY B 489 -31.89 -7.95 -4.56
N PHE B 490 -30.89 -7.07 -4.54
CA PHE B 490 -29.97 -7.00 -5.66
C PHE B 490 -29.27 -8.33 -5.93
N HIS B 491 -28.92 -9.08 -4.89
CA HIS B 491 -28.19 -10.32 -5.10
C HIS B 491 -28.99 -11.35 -5.87
N ASN B 492 -30.33 -11.30 -5.80
CA ASN B 492 -31.16 -12.27 -6.53
C ASN B 492 -32.56 -11.72 -6.65
N PRO B 493 -32.78 -10.79 -7.59
CA PRO B 493 -34.03 -10.07 -7.63
C PRO B 493 -35.24 -10.95 -7.86
N ASP B 494 -35.11 -11.97 -8.69
CA ASP B 494 -36.27 -12.80 -9.01
C ASP B 494 -36.68 -13.63 -7.81
N GLN B 495 -35.71 -14.09 -7.02
CA GLN B 495 -36.00 -14.89 -5.85
C GLN B 495 -36.65 -14.04 -4.77
N ALA B 496 -36.14 -12.83 -4.56
CA ALA B 496 -36.74 -11.91 -3.60
C ALA B 496 -38.22 -11.69 -3.93
N ARG B 497 -38.49 -11.45 -5.20
CA ARG B 497 -39.84 -11.18 -5.66
C ARG B 497 -40.75 -12.37 -5.39
N GLU B 498 -40.32 -13.56 -5.79
CA GLU B 498 -41.16 -14.73 -5.59
C GLU B 498 -41.38 -15.00 -4.11
N SER B 499 -40.35 -14.86 -3.29
CA SER B 499 -40.48 -15.07 -1.87
C SER B 499 -41.42 -14.08 -1.22
N LEU B 500 -41.23 -12.79 -1.51
CA LEU B 500 -42.05 -11.78 -0.87
C LEU B 500 -43.50 -11.88 -1.30
N MET B 501 -43.76 -12.23 -2.56
CA MET B 501 -45.15 -12.50 -2.96
C MET B 501 -45.73 -13.70 -2.24
N THR B 502 -44.90 -14.69 -1.94
CA THR B 502 -45.35 -15.85 -1.16
C THR B 502 -45.68 -15.42 0.25
N SER B 503 -44.85 -14.56 0.85
CA SER B 503 -45.15 -14.06 2.20
C SER B 503 -46.51 -13.41 2.25
N ILE B 504 -46.75 -12.49 1.34
CA ILE B 504 -48.02 -11.76 1.29
C ILE B 504 -49.17 -12.75 1.11
N SER B 505 -49.00 -13.73 0.22
CA SER B 505 -50.05 -14.74 -0.03
C SER B 505 -50.38 -15.50 1.25
N LYS B 506 -49.35 -15.89 2.00
CA LYS B 506 -49.55 -16.62 3.25
C LYS B 506 -50.25 -15.77 4.31
N SER B 507 -49.81 -14.53 4.46
CA SER B 507 -50.46 -13.63 5.41
C SER B 507 -51.91 -13.40 5.05
N LYS B 508 -52.18 -13.19 3.77
CA LYS B 508 -53.55 -12.96 3.31
C LYS B 508 -54.40 -14.16 3.64
N GLU B 509 -53.86 -15.35 3.45
CA GLU B 509 -54.61 -16.59 3.77
C GLU B 509 -54.96 -16.61 5.25
N ALA B 510 -53.99 -16.26 6.09
CA ALA B 510 -54.21 -16.26 7.53
C ALA B 510 -55.20 -15.19 7.97
N VAL B 511 -55.12 -14.02 7.37
CA VAL B 511 -56.07 -12.94 7.64
C VAL B 511 -57.49 -13.39 7.31
N SER B 512 -57.67 -14.05 6.18
CA SER B 512 -59.02 -14.50 5.76
C SER B 512 -59.52 -15.53 6.75
N LEU B 513 -58.66 -16.46 7.13
CA LEU B 513 -59.01 -17.52 8.07
C LEU B 513 -59.45 -16.96 9.42
N LEU B 514 -58.67 -16.03 9.95
CA LEU B 514 -58.95 -15.45 11.24
C LEU B 514 -60.18 -14.55 11.20
N ASN B 515 -60.29 -13.68 10.21
CA ASN B 515 -61.46 -12.83 10.07
C ASN B 515 -62.74 -13.66 9.97
N ASP B 516 -62.71 -14.69 9.15
CA ASP B 516 -63.90 -15.55 9.01
C ASP B 516 -64.25 -16.20 10.34
N ALA B 517 -63.26 -16.70 11.07
CA ALA B 517 -63.51 -17.34 12.37
C ALA B 517 -64.02 -16.35 13.41
N ILE B 518 -63.50 -15.14 13.41
CA ILE B 518 -63.97 -14.11 14.33
C ILE B 518 -65.42 -13.78 13.98
N ASP B 519 -65.70 -13.61 12.69
CA ASP B 519 -67.03 -13.22 12.24
C ASP B 519 -68.05 -14.27 12.66
N ALA B 520 -67.66 -15.53 12.59
CA ALA B 520 -68.53 -16.66 12.94
C ALA B 520 -68.83 -16.71 14.43
N GLN B 521 -67.89 -16.27 15.27
CA GLN B 521 -68.10 -16.18 16.72
C GLN B 521 -69.03 -15.03 17.04
N VAL B 522 -68.97 -13.97 16.24
CA VAL B 522 -69.86 -12.83 16.41
C VAL B 522 -71.24 -13.18 15.84
N ALA B 523 -71.28 -14.04 14.82
CA ALA B 523 -72.53 -14.47 14.19
FE HEC C . 21.14 14.07 -15.04
CHA HEC C . 18.02 15.33 -14.82
CHB HEC C . 20.77 13.65 -18.43
CHC HEC C . 24.37 13.09 -15.29
CHD HEC C . 21.43 14.11 -11.64
NA HEC C . 19.70 14.41 -16.34
C1A HEC C . 18.45 14.90 -16.07
C2A HEC C . 17.64 14.89 -17.26
C3A HEC C . 18.37 14.39 -18.26
C4A HEC C . 19.69 14.10 -17.70
CMA HEC C . 17.98 14.23 -19.72
CAA HEC C . 16.18 15.37 -17.33
CBA HEC C . 16.08 16.90 -17.49
CGA HEC C . 16.84 17.45 -18.67
O1A HEC C . 16.38 17.28 -19.83
O2A HEC C . 17.91 18.09 -18.49
NB HEC C . 22.36 13.49 -16.58
C1B HEC C . 22.04 13.45 -17.93
C2B HEC C . 23.29 13.28 -18.69
C3B HEC C . 24.29 13.11 -17.79
C4B HEC C . 23.71 13.25 -16.46
CMB HEC C . 23.32 13.14 -20.24
CAB HEC C . 25.80 12.84 -18.00
CBB HEC C . 26.36 13.83 -19.07
NC HEC C . 22.59 13.67 -13.73
C1C HEC C . 23.88 13.23 -14.01
C2C HEC C . 24.61 13.02 -12.79
C3C HEC C . 23.78 13.27 -11.76
C4C HEC C . 22.52 13.70 -12.37
CMC HEC C . 26.02 12.37 -12.72
CAC HEC C . 23.98 13.01 -10.27
CBC HEC C . 25.14 13.77 -9.61
ND HEC C . 19.97 14.66 -13.52
C1D HEC C . 20.26 14.59 -12.17
C2D HEC C . 19.19 15.15 -11.37
C3D HEC C . 18.17 15.56 -12.34
C4D HEC C . 18.69 15.23 -13.64
CMD HEC C . 19.13 15.26 -9.87
CAD HEC C . 16.85 16.18 -11.97
CBD HEC C . 16.93 17.69 -11.68
CGD HEC C . 17.16 18.57 -12.87
O1D HEC C . 16.82 18.17 -14.02
O2D HEC C . 17.65 19.71 -12.67
HHA HEC C . 17.13 15.76 -14.79
HHB HEC C . 20.62 13.43 -19.38
HHC HEC C . 25.31 12.85 -15.36
HHD HEC C . 21.48 14.06 -10.66
HAA1 HEC C . 15.72 15.10 -16.52
HAA2 HEC C . 15.73 14.94 -18.08
HBA1 HEC C . 16.43 17.30 -16.68
HBA2 HEC C . 15.15 17.13 -17.57
HAD1 HEC C . 16.52 15.74 -11.17
HAD2 HEC C . 16.22 16.03 -12.69
HBD1 HEC C . 17.66 17.82 -11.05
HBD2 HEC C . 16.11 17.96 -11.26
FE HEC D . 12.39 4.13 1.09
CHA HEC D . 11.34 4.68 4.27
CHB HEC D . 10.97 1.05 1.16
CHC HEC D . 13.28 3.61 -2.11
CHD HEC D . 14.12 7.03 1.11
NA HEC D . 11.38 3.08 2.45
C1A HEC D . 11.14 3.43 3.76
C2A HEC D . 10.55 2.30 4.46
C3A HEC D . 10.46 1.28 3.60
C4A HEC D . 10.96 1.76 2.33
CMA HEC D . 9.94 -0.15 3.84
CAA HEC D . 10.21 2.32 5.95
CBA HEC D . 8.70 2.37 6.22
CGA HEC D . 8.15 3.72 5.86
O1A HEC D . 7.42 3.83 4.86
O2A HEC D . 8.45 4.70 6.58
NB HEC D . 12.13 2.65 -0.24
C1B HEC D . 11.42 1.48 -0.07
C2B HEC D . 11.18 0.86 -1.37
C3B HEC D . 11.82 1.58 -2.30
C4B HEC D . 12.43 2.70 -1.58
CMB HEC D . 10.45 -0.51 -1.48
CAB HEC D . 11.89 1.34 -3.83
CBB HEC D . 10.42 1.38 -4.40
NC HEC D . 13.49 5.12 -0.22
C1C HEC D . 13.85 4.67 -1.47
C2C HEC D . 14.87 5.53 -2.05
C3C HEC D . 15.14 6.50 -1.15
C4C HEC D . 14.27 6.24 0.01
CMC HEC D . 15.56 5.25 -3.38
CAC HEC D . 16.27 7.55 -1.24
CBC HEC D . 16.15 8.54 -2.40
ND HEC D . 12.65 5.60 2.40
C1D HEC D . 13.33 6.78 2.19
C2D HEC D . 13.14 7.69 3.29
C3D HEC D . 12.29 6.97 4.23
C4D HEC D . 12.04 5.68 3.65
CMD HEC D . 13.67 9.10 3.44
CAD HEC D . 11.80 7.51 5.58
CBD HEC D . 12.89 7.39 6.65
CGD HEC D . 12.43 7.93 7.98
O1D HEC D . 11.86 9.03 8.04
O2D HEC D . 12.70 7.25 9.00
HHA HEC D . 10.96 4.88 5.14
HHB HEC D . 10.64 0.13 1.20
HHC HEC D . 13.48 3.51 -3.06
HHD HEC D . 14.65 7.86 1.13
HAA1 HEC D . 10.63 3.08 6.38
HAA2 HEC D . 10.56 1.51 6.35
HBA1 HEC D . 8.54 2.19 7.15
HBA2 HEC D . 8.26 1.69 5.68
HAD1 HEC D . 11.02 7.00 5.87
HAD2 HEC D . 11.55 8.43 5.48
HBD1 HEC D . 13.67 7.89 6.36
HBD2 HEC D . 13.14 6.46 6.75
FE HEC E . 15.21 13.29 -7.57
CHA HEC E . 13.53 14.53 -10.25
CHB HEC E . 13.25 15.08 -5.47
CHC HEC E . 16.50 11.59 -4.93
CHD HEC E . 17.49 11.86 -9.60
NA HEC E . 13.69 14.57 -7.80
C1A HEC E . 13.10 14.91 -9.00
C2A HEC E . 11.94 15.76 -8.72
C3A HEC E . 11.88 15.94 -7.40
C4A HEC E . 12.97 15.18 -6.81
CMA HEC E . 10.87 16.72 -6.55
CAA HEC E . 10.99 16.36 -9.76
CBA HEC E . 9.78 15.44 -9.90
CGA HEC E . 8.67 16.09 -10.72
O1A HEC E . 7.47 15.80 -10.42
O2A HEC E . 8.98 16.88 -11.64
NB HEC E . 14.92 13.30 -5.60
C1B HEC E . 14.11 14.17 -4.90
C2B HEC E . 14.20 13.87 -3.50
C3B HEC E . 15.11 12.89 -3.33
C4B HEC E . 15.55 12.54 -4.65
CMB HEC E . 13.47 14.69 -2.42
CAB HEC E . 15.57 12.24 -2.00
CBB HEC E . 14.34 11.53 -1.31
NC HEC E . 16.70 11.95 -7.32
C1C HEC E . 17.06 11.35 -6.14
C2C HEC E . 18.11 10.40 -6.41
C3C HEC E . 18.42 10.47 -7.72
C4C HEC E . 17.53 11.46 -8.31
CMC HEC E . 18.80 9.57 -5.30
CAC HEC E . 19.57 9.80 -8.49
CBC HEC E . 19.49 8.26 -8.50
ND HEC E . 15.51 13.27 -9.53
C1D HEC E . 16.51 12.61 -10.19
C2D HEC E . 16.37 12.71 -11.61
C3D HEC E . 15.14 13.48 -11.82
C4D HEC E . 14.65 13.80 -10.50
CMD HEC E . 17.30 12.17 -12.68
CAD HEC E . 14.57 13.83 -13.17
CBD HEC E . 13.83 12.62 -13.77
CGD HEC E . 13.32 12.84 -15.17
O1D HEC E . 13.18 14.00 -15.62
O2D HEC E . 13.07 11.79 -15.85
HHA HEC E . 12.98 14.79 -11.01
HHB HEC E . 12.80 15.71 -4.87
HHC HEC E . 16.78 11.02 -4.19
HHD HEC E . 18.25 11.61 -10.17
HAA1 HEC E . 11.44 16.43 -10.62
HAA2 HEC E . 10.70 17.24 -9.48
HBA1 HEC E . 9.44 15.23 -9.02
HBA2 HEC E . 10.06 14.62 -10.33
HAD1 HEC E . 15.28 14.09 -13.77
HAD2 HEC E . 13.94 14.56 -13.08
HBD1 HEC E . 13.08 12.41 -13.19
HBD2 HEC E . 14.44 11.87 -13.79
FE HEC F . 12.65 21.01 -2.47
CHA HEC F . 11.26 22.25 -5.32
CHB HEC F . 14.54 18.87 -4.30
CHC HEC F . 14.26 20.07 0.28
CHD HEC F . 10.37 22.68 -0.60
NA HEC F . 12.87 20.64 -4.42
C1A HEC F . 12.13 21.19 -5.45
C2A HEC F . 12.42 20.52 -6.70
C3A HEC F . 13.36 19.58 -6.40
C4A HEC F . 13.64 19.66 -5.00
CMA HEC F . 14.07 18.59 -7.33
CAA HEC F . 11.71 20.77 -8.03
CBA HEC F . 10.24 20.30 -7.88
CBA HEC F . 10.26 20.25 -7.89
CGA HEC F . 9.35 20.81 -8.98
CGA HEC F . 9.55 20.01 -9.22
O1A HEC F . 8.34 20.12 -9.27
O1A HEC F . 8.31 19.85 -9.17
O2A HEC F . 9.57 21.90 -9.57
O2A HEC F . 10.18 19.98 -10.30
NB HEC F . 14.13 19.73 -2.08
C1B HEC F . 14.83 18.96 -2.98
C2B HEC F . 15.98 18.38 -2.27
C3B HEC F . 15.89 18.68 -0.98
C4B HEC F . 14.76 19.58 -0.88
CMB HEC F . 16.85 17.31 -2.97
CAB HEC F . 16.80 18.27 0.18
CBB HEC F . 18.28 18.63 -0.14
NC HEC F . 12.35 21.30 -0.57
C1C HEC F . 13.10 20.78 0.47
C2C HEC F . 12.55 21.15 1.76
C3C HEC F . 11.41 21.83 1.50
C4C HEC F . 11.30 21.94 0.07
CMC HEC F . 13.05 20.63 3.12
CAC HEC F . 10.31 22.27 2.49
CBC HEC F . 10.79 23.10 3.68
ND HEC F . 11.16 22.27 -2.87
C1D HEC F . 10.33 22.87 -1.95
C2D HEC F . 9.43 23.81 -2.61
C3D HEC F . 9.74 23.71 -4.03
C4D HEC F . 10.80 22.73 -4.13
CMD HEC F . 8.35 24.68 -2.00
CAD HEC F . 9.00 24.45 -5.13
CBD HEC F . 7.86 23.57 -5.62
CGD HEC F . 6.73 24.28 -6.28
O1D HEC F . 6.79 25.52 -6.48
O2D HEC F . 5.74 23.58 -6.58
HHA HEC F . 10.97 22.71 -6.13
HHB HEC F . 15.01 18.17 -4.82
HHC HEC F . 14.80 19.92 1.08
HHD HEC F . 9.67 23.10 -0.07
HAD1 HEC F . 9.61 24.62 -5.87
HAD2 HEC F . 8.66 25.28 -4.79
HBD1 HEC F . 7.50 23.08 -4.86
HBD2 HEC F . 8.22 22.93 -6.24
FE HEC G . 8.80 26.13 7.07
CHA HEC G . 10.44 28.76 8.43
CHB HEC G . 7.60 28.13 4.63
CHC HEC G . 7.59 23.40 5.45
CHD HEC G . 9.48 24.18 9.74
NA HEC G . 8.98 28.07 6.61
C1A HEC G . 9.83 28.98 7.23
C2A HEC G . 9.87 30.19 6.44
C3A HEC G . 9.06 30.03 5.39
C4A HEC G . 8.49 28.70 5.49
CMA HEC G . 8.77 31.01 4.24
CAA HEC G . 10.75 31.40 6.77
CBA HEC G . 12.13 31.21 6.14
CGA HEC G . 13.06 32.39 6.35
O1A HEC G . 14.24 32.29 5.91
O2A HEC G . 12.61 33.42 6.95
NB HEC G . 7.81 25.82 5.38
C1B HEC G . 7.34 26.80 4.53
C2B HEC G . 6.73 26.17 3.40
C3B HEC G . 6.71 24.85 3.63
C4B HEC G . 7.42 24.61 4.85
CMB HEC G . 5.98 26.98 2.33
CAB HEC G . 6.17 23.74 2.70
CBB HEC G . 6.88 23.94 1.32
NC HEC G . 8.60 24.17 7.52
C1C HEC G . 8.05 23.19 6.71
C2C HEC G . 8.19 21.89 7.33
C3C HEC G . 8.63 22.10 8.58
C4C HEC G . 8.92 23.53 8.69
CMC HEC G . 7.60 20.58 6.71
CAC HEC G . 8.69 21.05 9.73
CBC HEC G . 9.40 19.72 9.46
ND HEC G . 9.77 26.42 8.77
C1D HEC G . 9.92 25.48 9.78
C2D HEC G . 10.59 26.06 10.91
C3D HEC G . 10.87 27.45 10.53
C4D HEC G . 10.35 27.62 9.19
CMD HEC G . 10.96 25.39 12.24
CAD HEC G . 11.54 28.49 11.41
CBD HEC G . 10.46 29.12 12.29
CGD HEC G . 11.00 30.25 13.13
O1D HEC G . 10.39 31.35 13.15
O2D HEC G . 12.06 30.06 13.78
HHA HEC G . 10.99 29.48 8.80
HHB HEC G . 7.08 28.74 4.06
HHC HEC G . 7.37 22.61 4.92
HHD HEC G . 9.58 23.65 10.57
HAA1 HEC G . 10.83 31.50 7.73
HAA2 HEC G . 10.35 32.21 6.41
HBA1 HEC G . 12.02 31.07 5.20
HBA2 HEC G . 12.54 30.42 6.54
HAD1 HEC G . 11.95 29.19 10.87
HAD2 HEC G . 12.23 28.08 11.96
HBD1 HEC G . 10.10 28.44 12.88
HBD2 HEC G . 9.75 29.46 11.72
FE HEC H . 22.55 -9.59 -0.96
CHA HEC H . 24.90 -7.83 -2.73
CHB HEC H . 24.91 -11.79 0.07
CHC HEC H . 20.22 -11.21 0.93
CHD HEC H . 20.09 -7.70 -2.32
NA HEC H . 24.51 -9.76 -1.26
C1A HEC H . 25.32 -8.93 -2.01
C2A HEC H . 26.70 -9.39 -1.91
C3A HEC H . 26.68 -10.49 -1.15
C4A HEC H . 25.34 -10.76 -0.72
CMA HEC H . 27.89 -11.35 -0.74
CAA HEC H . 27.91 -8.75 -2.58
CBA HEC H . 28.75 -7.92 -1.62
CGA HEC H . 29.97 -7.48 -2.39
O1A HEC H . 29.89 -6.57 -3.25
O2A HEC H . 31.04 -8.10 -2.15
NB HEC H . 22.56 -11.15 0.27
C1B HEC H . 23.65 -11.99 0.57
C2B HEC H . 23.26 -12.98 1.52
C3B HEC H . 21.94 -12.87 1.74
C4B HEC H . 21.51 -11.69 0.99
CMB HEC H . 24.20 -14.11 1.99
CAB HEC H . 21.01 -13.76 2.61
CBB HEC H . 21.50 -13.75 4.09
NC HEC H . 20.56 -9.45 -0.73
C1C HEC H . 19.77 -10.21 0.12
C2C HEC H . 18.38 -9.76 0.05
C3C HEC H . 18.35 -8.79 -0.90
C4C HEC H . 19.69 -8.60 -1.40
CMC HEC H . 17.23 -10.38 0.81
CAC HEC H . 17.13 -8.08 -1.54
CBC HEC H . 16.02 -7.77 -0.53
ND HEC H . 22.53 -8.03 -2.24
C1D HEC H . 21.35 -7.41 -2.70
C2D HEC H . 21.71 -6.37 -3.60
C3D HEC H . 23.18 -6.36 -3.71
C4D HEC H . 23.61 -7.44 -2.86
CMD HEC H . 20.76 -5.40 -4.29
CAD HEC H . 24.02 -5.41 -4.54
CBD HEC H . 24.94 -4.56 -3.67
CGD HEC H . 24.26 -3.60 -2.74
O1D HEC H . 23.08 -3.23 -2.96
O2D HEC H . 24.94 -3.17 -1.75
HHA HEC H . 25.59 -7.30 -3.17
HHB HEC H . 25.59 -12.45 0.32
HHC HEC H . 19.58 -11.61 1.55
HHD HEC H . 19.38 -7.20 -2.76
HAA1 HEC H . 27.61 -8.19 -3.30
HAA2 HEC H . 28.46 -9.46 -2.95
HBA1 HEC H . 29.01 -8.46 -0.85
HBA2 HEC H . 28.25 -7.14 -1.33
HAD1 HEC H . 23.44 -4.83 -5.05
HAD2 HEC H . 24.56 -5.94 -5.15
HBD1 HEC H . 25.52 -4.05 -4.26
HBD2 HEC H . 25.50 -5.15 -3.14
FE HEC I . 12.22 -4.73 3.63
CHA HEC I . 11.94 -3.44 6.76
CHB HEC I . 13.53 -1.84 2.55
CHC HEC I . 12.78 -6.13 0.56
CHD HEC I . 10.44 -7.45 4.55
NA HEC I . 12.64 -2.98 4.48
C1A HEC I . 12.45 -2.61 5.79
C2A HEC I . 12.84 -1.24 6.00
C3A HEC I . 13.28 -0.80 4.81
C4A HEC I . 13.17 -1.88 3.85
CMA HEC I . 13.84 0.60 4.49
CAA HEC I . 12.79 -0.43 7.33
CBA HEC I . 14.08 -0.67 8.03
CBA HEC I . 11.64 -0.52 8.28
CGA HEC I . 14.39 0.16 9.26
CGA HEC I . 12.00 0.29 9.51
O1A HEC I . 15.46 -0.12 9.85
O1A HEC I . 11.08 0.72 10.22
O2A HEC I . 13.67 1.08 9.67
O2A HEC I . 13.21 0.51 9.78
NB HEC I . 13.01 -4.12 1.91
C1B HEC I . 13.53 -2.87 1.66
C2B HEC I . 14.16 -2.88 0.36
C3B HEC I . 13.90 -4.07 -0.24
C4B HEC I . 13.21 -4.85 0.75
CMB HEC I . 14.77 -1.60 -0.27
CAB HEC I . 14.33 -4.51 -1.67
CBB HEC I . 15.88 -4.48 -1.77
NC HEC I . 11.74 -6.45 2.75
C1C HEC I . 12.04 -6.86 1.46
C2C HEC I . 11.47 -8.18 1.23
C3C HEC I . 10.74 -8.48 2.30
C4C HEC I . 10.90 -7.43 3.27
CMC HEC I . 11.54 -8.93 -0.11
CAC HEC I . 9.71 -9.61 2.46
CBC HEC I . 10.16 -11.04 2.28
ND HEC I . 11.41 -5.33 5.33
C1D HEC I . 10.73 -6.55 5.52
C2D HEC I . 10.35 -6.70 6.90
C3D HEC I . 10.83 -5.48 7.59
C4D HEC I . 11.43 -4.69 6.54
CMD HEC I . 9.64 -7.88 7.55
CAD HEC I . 10.67 -5.10 9.06
CBD HEC I . 9.47 -4.19 9.31
CGD HEC I . 9.50 -3.57 10.69
O1D HEC I . 9.93 -4.23 11.63
O2D HEC I . 9.11 -2.40 10.87
HHA HEC I . 11.97 -3.13 7.69
HHB HEC I . 13.82 -0.97 2.21
HHC HEC I . 13.01 -6.58 -0.28
HHD HEC I . 9.85 -8.19 4.79
HAD1 HEC I . 11.47 -4.66 9.35
HAD2 HEC I . 10.55 -5.91 9.58
HBD1 HEC I . 8.66 -4.71 9.21
HBD2 HEC I . 9.48 -3.48 8.65
FE HEC J . 29.13 -15.76 -2.21
CHA HEC J . 30.50 -13.35 -4.14
CHB HEC J . 26.06 -14.29 -2.57
CHC HEC J . 27.69 -18.29 -0.47
CHD HEC J . 32.21 -17.01 -1.49
NA HEC J . 28.41 -14.15 -3.15
C1A HEC J . 29.15 -13.26 -3.92
C2A HEC J . 28.28 -12.22 -4.45
C3A HEC J . 27.04 -12.47 -4.02
C4A HEC J . 27.11 -13.68 -3.21
CMA HEC J . 25.72 -11.72 -4.28
CAA HEC J . 28.76 -11.08 -5.37
CBA HEC J . 28.64 -11.53 -6.81
CGA HEC J . 28.96 -10.41 -7.76
O1A HEC J . 28.18 -10.20 -8.69
O2A HEC J . 29.98 -9.75 -7.59
NB HEC J . 27.25 -16.21 -1.68
C1B HEC J . 26.09 -15.47 -1.86
C2B HEC J . 24.98 -16.20 -1.35
C3B HEC J . 25.41 -17.31 -0.72
C4B HEC J . 26.85 -17.31 -0.94
CMB HEC J . 23.54 -15.62 -1.31
CAB HEC J . 24.60 -18.37 0.07
CBB HEC J . 23.39 -18.87 -0.78
NC HEC J . 29.84 -17.34 -1.21
C1C HEC J . 29.07 -18.27 -0.53
C2C HEC J . 29.93 -19.29 0.04
C3C HEC J . 31.20 -18.92 -0.19
C4C HEC J . 31.16 -17.70 -0.96
CMC HEC J . 29.42 -20.46 0.91
CAC HEC J . 32.50 -19.55 0.38
CBC HEC J . 32.65 -21.04 0.12
ND HEC J . 30.98 -15.28 -2.72
C1D HEC J . 32.15 -15.92 -2.30
C2D HEC J . 33.29 -15.26 -2.87
C3D HEC J . 32.79 -14.14 -3.66
C4D HEC J . 31.36 -14.24 -3.55
CMD HEC J . 34.75 -15.65 -2.63
CAD HEC J . 33.60 -13.13 -4.45
CBD HEC J . 33.67 -11.79 -3.70
CGD HEC J . 34.53 -11.84 -2.46
O1D HEC J . 34.01 -11.56 -1.34
O2D HEC J . 35.73 -12.20 -2.62
HHA HEC J . 30.89 -12.73 -4.79
HHB HEC J . 25.19 -13.83 -2.61
HHC HEC J . 27.27 -19.08 -0.07
HHD HEC J . 33.10 -17.35 -1.25
HAA1 HEC J . 29.67 -10.85 -5.16
HAA2 HEC J . 28.20 -10.29 -5.23
HBA1 HEC J . 27.73 -11.85 -6.97
HBA2 HEC J . 29.26 -12.27 -6.96
HAD1 HEC J . 33.18 -12.99 -5.32
HAD2 HEC J . 34.50 -13.47 -4.59
HBD1 HEC J . 32.76 -11.53 -3.44
HBD2 HEC J . 34.02 -11.12 -4.30
S SO3 K . 21.86 16.18 -15.34
O1 SO3 K . 20.84 17.22 -14.96
O2 SO3 K . 22.88 16.53 -14.37
O3 SO3 K . 22.37 16.51 -16.69
CA CA L . 28.90 20.72 -13.02
CA CA M . 9.19 18.99 -12.69
S SO4 N . 31.23 -9.98 2.77
O1 SO4 N . 30.33 -10.46 3.80
O2 SO4 N . 32.56 -10.14 3.36
O3 SO4 N . 31.17 -10.72 1.54
O4 SO4 N . 31.05 -8.63 2.38
S1 THJ O . 30.14 47.70 -35.89
O1 THJ O . 31.40 47.03 -35.55
O2 THJ O . 29.93 47.63 -37.35
O3 THJ O . 30.17 49.10 -35.45
S2 THJ O . 28.71 46.80 -35.02
NA NA P . 20.36 41.76 -29.91
O1 PG6 Q . 38.54 25.57 -25.44
C2 PG6 Q . 38.97 24.64 -24.45
C3 PG6 Q . 40.49 24.44 -24.56
O2 PG6 Q . 41.12 25.72 -24.62
C4 PG6 Q . 42.48 25.65 -25.06
C5 PG6 Q . 43.12 27.02 -24.84
O3 PG6 Q . 43.27 27.26 -23.44
C6 PG6 Q . 44.00 28.44 -23.15
C7 PG6 Q . 44.01 28.71 -21.66
O4 PG6 Q . 42.68 28.97 -21.22
C8 PG6 Q . 42.64 29.23 -19.83
C9 PG6 Q . 41.17 29.38 -19.45
O5 PG6 Q . 40.51 30.43 -20.19
C10 PG6 Q . 40.85 31.74 -19.74
C11 PG6 Q . 39.76 32.74 -20.14
O6 PG6 Q . 38.61 32.60 -19.28
C12 PG6 Q . 38.70 33.30 -18.05
C TRS R . 16.61 39.66 -27.62
C1 TRS R . 17.36 39.81 -26.28
C2 TRS R . 17.22 38.50 -28.42
C3 TRS R . 16.65 40.99 -28.38
N TRS R . 15.22 39.31 -27.32
O1 TRS R . 18.76 39.91 -26.37
O2 TRS R . 17.23 38.62 -29.83
O3 TRS R . 15.52 41.79 -28.08
O1 PG6 S . 16.16 -16.74 5.99
C2 PG6 S . 16.64 -15.72 6.88
C3 PG6 S . 18.10 -15.96 7.17
O2 PG6 S . 18.31 -17.24 7.81
C4 PG6 S . 19.22 -17.17 8.91
C5 PG6 S . 19.23 -18.48 9.70
O3 PG6 S . 17.92 -18.80 10.16
C6 PG6 S . 17.89 -19.88 11.11
O1 PG4 T . 11.45 9.20 -28.45
C1 PG4 T . 10.36 9.98 -28.95
C2 PG4 T . 9.50 9.03 -29.75
O2 PG4 T . 10.08 8.77 -31.02
C3 PG4 T . 9.40 7.77 -31.77
C1 PG6 U . 33.63 38.13 -5.90
O1 PG6 U . 32.53 37.25 -5.72
C2 PG6 U . 31.69 37.62 -4.62
C3 PG6 U . 31.68 36.53 -3.55
O2 PG6 U . 30.37 36.43 -3.00
C4 PG6 U . 30.20 37.06 -1.72
C5 PG6 U . 30.45 36.07 -0.59
O3 PG6 U . 29.29 35.94 0.23
C6 PG6 U . 29.50 35.00 1.28
O1 PG4 V . 38.13 14.52 -23.87
C1 PG4 V . 38.55 15.81 -24.28
C2 PG4 V . 37.99 16.87 -23.34
O2 PG4 V . 36.66 17.18 -23.74
C2 PG4 W . 10.23 21.67 13.46
O2 PG4 W . 11.41 21.13 12.85
C3 PG4 W . 11.61 19.76 13.20
C4 PG4 W . 12.20 19.01 12.03
C4 PG4 W . 12.93 19.19 12.71
O3 PG4 W . 11.53 17.75 11.94
O3 PG4 W . 13.34 18.20 13.65
C5 PG4 W . 14.70 18.32 14.09
C6 PG4 W . 14.90 19.45 15.11
O4 PG4 W . 16.29 19.64 15.35
O1 PG4 X . 24.83 15.22 -38.20
C1 PG4 X . 24.23 13.96 -38.38
C2 PG4 X . 22.90 14.21 -39.07
O2 PG4 X . 22.22 12.98 -39.32
C3 PG4 X . 20.85 13.21 -39.66
C4 PG4 X . 20.68 14.09 -40.90
O1 PG4 Y . 23.99 -0.33 12.64
C1 PG4 Y . 23.80 0.98 12.11
C2 PG4 Y . 24.88 1.25 11.07
O2 PG4 Y . 25.61 2.43 11.42
C3 PG4 Y . 26.86 2.52 10.74
C4 PG4 Y . 27.93 1.67 11.41
O1 PG4 Z . 30.08 -5.62 7.97
C1 PG4 Z . 29.88 -4.43 7.22
C2 PG4 Z . 29.12 -3.36 8.02
O2 PG4 Z . 29.76 -2.99 9.23
C3 PG4 Z . 30.62 -1.85 9.09
C4 PG4 Z . 30.36 -0.84 10.22
C1 PG6 AA . 44.84 6.91 -14.77
O1 PG6 AA . 44.42 7.99 -15.60
C2 PG6 AA . 44.31 9.20 -14.85
C3 PG6 AA . 44.73 10.38 -15.72
O2 PG6 AA . 45.26 11.40 -14.87
O1 PG6 BA . 29.37 37.23 -33.82
C2 PG6 BA . 30.49 36.60 -33.18
C3 PG6 BA . 30.01 35.78 -31.98
O2 PG6 BA . 30.43 34.41 -32.04
C4 PG6 BA . 29.36 33.51 -31.70
C5 PG6 BA . 28.76 32.80 -32.92
O3 PG6 BA . 28.55 31.42 -32.59
C6 PG6 BA . 27.78 30.71 -33.57
C7 PG6 BA . 28.53 29.45 -33.95
O4 PG6 BA . 29.01 29.55 -35.28
NA NA CA . 6.07 21.71 -12.39
FE HEC DA . -23.48 -11.19 13.93
CHA HEC DA . -23.68 -8.28 12.23
CHB HEC DA . -24.11 -9.56 16.85
CHC HEC DA . -23.58 -14.12 15.58
CHD HEC DA . -22.46 -12.80 11.11
NA HEC DA . -23.83 -9.28 14.43
C1A HEC DA . -23.81 -8.20 13.59
C2A HEC DA . -23.96 -7.00 14.35
C3A HEC DA . -24.04 -7.35 15.65
C4A HEC DA . -23.99 -8.80 15.71
CMA HEC DA . -24.24 -6.41 16.84
CAA HEC DA . -24.02 -5.59 13.78
CBA HEC DA . -25.43 -5.25 13.24
CGA HEC DA . -26.52 -5.36 14.28
O1A HEC DA . -26.61 -4.50 15.19
O2A HEC DA . -27.32 -6.34 14.21
NB HEC DA . -23.78 -11.73 15.86
C1B HEC DA . -24.13 -10.93 16.91
C2B HEC DA . -24.56 -11.76 18.06
C3B HEC DA . -24.39 -13.05 17.68
C4B HEC DA . -23.91 -13.04 16.31
CMB HEC DA . -24.98 -11.22 19.47
CAB HEC DA . -24.63 -14.37 18.48
CBB HEC DA . -26.04 -14.34 19.14
NC HEC DA . -23.08 -13.07 13.45
C1C HEC DA . -23.14 -14.18 14.28
C2C HEC DA . -22.78 -15.37 13.55
C3C HEC DA . -22.42 -15.00 12.31
C4C HEC DA . -22.65 -13.56 12.24
CMC HEC DA . -22.57 -16.76 14.21
CAC HEC DA . -21.74 -15.82 11.20
CBC HEC DA . -22.54 -17.04 10.73
ND HEC DA . -23.15 -10.64 12.01
C1D HEC DA . -22.76 -11.48 10.98
C2D HEC DA . -22.71 -10.75 9.74
C3D HEC DA . -23.13 -9.39 10.06
C4D HEC DA . -23.37 -9.37 11.47
CMD HEC DA . -22.33 -11.27 8.38
CAD HEC DA . -23.21 -8.27 9.07
CBD HEC DA . -24.49 -8.27 8.22
CGD HEC DA . -25.73 -7.86 8.96
O1D HEC DA . -25.66 -7.14 10.00
O2D HEC DA . -26.83 -8.25 8.50
HHA HEC DA . -23.83 -7.44 11.74
HHB HEC DA . -24.19 -9.08 17.71
HHC HEC DA . -23.67 -14.98 16.03
HHD HEC DA . -22.08 -13.26 10.33
HAA1 HEC DA . -23.38 -5.53 13.03
HAA2 HEC DA . -23.77 -4.94 14.45
HBA1 HEC DA . -25.63 -5.84 12.51
HBA2 HEC DA . -25.42 -4.33 12.91
HAD1 HEC DA . -22.46 -8.34 8.45
HAD2 HEC DA . -23.14 -7.42 9.53
HBD1 HEC DA . -24.62 -9.17 7.88
HBD2 HEC DA . -24.37 -7.67 7.47
FE HEC EA . -6.78 -11.07 1.41
CHA HEC EA . -5.96 -11.34 -1.87
CHB HEC EA . -3.61 -10.21 2.13
CHC HEC EA . -7.62 -10.62 4.64
CHD HEC EA . -9.89 -12.26 0.77
NA HEC EA . -5.12 -10.87 0.35
C1A HEC EA . -4.94 -11.11 -0.99
C2A HEC EA . -3.52 -11.04 -1.32
C3A HEC EA . -2.86 -10.72 -0.21
C4A HEC EA . -3.85 -10.62 0.85
CMA HEC EA . -1.33 -10.51 -0.01
CAA HEC EA . -2.92 -11.30 -2.71
CBA HEC EA . -2.49 -10.02 -3.44
CGA HEC EA . -3.69 -9.22 -3.87
O1A HEC EA . -3.91 -8.16 -3.26
O2A HEC EA . -4.43 -9.66 -4.78
NB HEC EA . -5.84 -10.48 3.07
C1B HEC EA . -4.53 -10.05 3.15
C2B HEC EA . -4.32 -9.39 4.43
C3B HEC EA . -5.45 -9.51 5.15
C4B HEC EA . -6.40 -10.19 4.28
CMB HEC EA . -2.95 -8.81 4.85
CAB HEC EA . -5.75 -8.97 6.56
CBB HEC EA . -5.57 -7.41 6.51
NC HEC EA . -8.43 -11.40 2.50
C1C HEC EA . -8.52 -11.27 3.86
C2C HEC EA . -9.76 -11.81 4.33
C3C HEC EA . -10.41 -12.31 3.25
C4C HEC EA . -9.59 -12.04 2.09
CMC HEC EA . -10.11 -11.95 5.81
CAC HEC EA . -11.71 -13.17 3.23
CBC HEC EA . -12.94 -12.48 3.80
ND HEC EA . -7.75 -11.61 -0.26
C1D HEC EA . -9.08 -12.02 -0.30
C2D HEC EA . -9.49 -12.16 -1.67
C3D HEC EA . -8.31 -11.89 -2.47
C4D HEC EA . -7.26 -11.57 -1.54
CMD HEC EA . -10.88 -12.51 -2.21
CAD HEC EA . -8.20 -11.91 -3.99
CBD HEC EA . -8.07 -13.33 -4.49
CGD HEC EA . -7.96 -13.40 -5.98
O1D HEC EA . -8.76 -12.77 -6.70
O2D HEC EA . -7.07 -14.14 -6.47
HHA HEC EA . -5.73 -11.34 -2.83
HHB HEC EA . -2.68 -10.00 2.36
HHC HEC EA . -7.89 -10.44 5.55
HHD HEC EA . -10.78 -12.62 0.58
HAA1 HEC EA . -3.57 -11.77 -3.26
HAA2 HEC EA . -2.14 -11.87 -2.61
HBA1 HEC EA . -1.97 -10.27 -4.22
HBA2 HEC EA . -1.93 -9.49 -2.85
HAD1 HEC EA . -7.44 -11.40 -4.28
HAD2 HEC EA . -9.00 -11.52 -4.37
HBD1 HEC EA . -8.85 -13.84 -4.22
HBD2 HEC EA . -7.28 -13.73 -4.10
FE HEC FA . -18.69 -8.93 5.97
CHA HEC FA . -20.24 -6.18 7.17
CHB HEC FA . -19.07 -7.80 2.81
CHC HEC FA . -16.64 -11.39 4.82
CHD HEC FA . -18.72 -10.36 9.02
NA HEC FA . -19.52 -7.32 5.14
C1A HEC FA . -20.06 -6.24 5.81
C2A HEC FA . -20.40 -5.20 4.86
C3A HEC FA . -20.09 -5.65 3.66
C4A HEC FA . -19.54 -7.00 3.81
CMA HEC FA . -20.22 -4.98 2.26
CAA HEC FA . -20.99 -3.83 5.19
CBA HEC FA . -19.88 -2.79 5.27
CGA HEC FA . -20.42 -1.38 5.38
O1A HEC FA . -21.53 -1.21 5.92
O2A HEC FA . -19.75 -0.46 4.84
NB HEC FA . -17.97 -9.47 4.18
C1B HEC FA . -18.28 -8.92 2.97
C2B HEC FA . -17.59 -9.59 1.91
C3B HEC FA . -16.92 -10.61 2.45
C4B HEC FA . -17.16 -10.54 3.88
CMB HEC FA . -17.78 -9.26 0.42
CAB HEC FA . -16.02 -11.67 1.75
CBB HEC FA . -14.82 -10.91 1.09
NC HEC FA . -17.82 -10.57 6.76
C1C HEC FA . -16.97 -11.42 6.14
C2C HEC FA . -16.48 -12.41 7.10
C3C HEC FA . -17.08 -12.14 8.28
C4C HEC FA . -17.92 -10.96 8.08
CMC HEC FA . -15.57 -13.58 6.70
CAC HEC FA . -17.04 -12.97 9.57
CBC HEC FA . -15.66 -13.06 10.21
ND HEC FA . -19.40 -8.42 7.72
C1D HEC FA . -19.29 -9.14 8.90
C2D HEC FA . -19.81 -8.40 10.02
C3D HEC FA . -20.24 -7.12 9.48
C4D HEC FA . -19.97 -7.19 8.06
CMD HEC FA . -19.92 -8.86 11.46
CAD HEC FA . -20.82 -5.99 10.29
CBD HEC FA . -19.72 -5.25 11.07
CGD HEC FA . -20.23 -4.20 12.01
O1D HEC FA . -21.39 -3.73 11.90
O2D HEC FA . -19.43 -3.82 12.93
HHA HEC FA . -20.57 -5.34 7.55
HHB HEC FA . -19.32 -7.54 1.90
HHC HEC FA . -15.96 -12.03 4.51
HHD HEC FA . -18.89 -10.86 9.84
HAA1 HEC FA . -21.46 -3.87 6.04
HAA2 HEC FA . -21.62 -3.57 4.50
HBA1 HEC FA . -19.32 -2.87 4.49
HBA2 HEC FA . -19.34 -2.97 6.06
HAD1 HEC FA . -21.47 -6.35 10.92
HAD2 HEC FA . -21.27 -5.36 9.70
HBD1 HEC FA . -19.11 -4.85 10.43
HBD2 HEC FA . -19.22 -5.91 11.59
FE HEC GA . -23.28 -7.71 -2.38
CHA HEC GA . -24.96 -5.16 -0.91
CHB HEC GA . -22.47 -8.94 0.68
CHC HEC GA . -21.97 -10.41 -3.83
CHD HEC GA . -23.55 -6.18 -5.39
NA HEC GA . -23.64 -7.16 -0.52
C1A HEC GA . -24.28 -6.02 -0.07
C2A HEC GA . -24.16 -5.85 1.36
C3A HEC GA . -23.48 -6.93 1.80
C4A HEC GA . -23.16 -7.74 0.64
CMA HEC GA . -23.10 -7.29 3.23
CAA HEC GA . -24.64 -4.62 2.14
CBA HEC GA . -23.80 -3.39 1.70
CBA HEC GA . -23.66 -3.46 1.82
CGA HEC GA . -24.34 -2.06 2.18
CGA HEC GA . -23.73 -2.31 2.80
O1A HEC GA . -23.53 -1.13 2.40
O1A HEC GA . -23.27 -1.21 2.41
O2A HEC GA . -25.58 -1.90 2.32
O2A HEC GA . -24.21 -2.45 3.95
NB HEC GA . -22.43 -9.39 -1.73
C1B HEC GA . -22.20 -9.73 -0.41
C2B HEC GA . -21.72 -11.14 -0.39
C3B HEC GA . -21.57 -11.55 -1.65
C4B HEC GA . -22.06 -10.47 -2.48
CMB HEC GA . -21.26 -11.79 0.95
CAB HEC GA . -21.08 -12.90 -2.20
CBB HEC GA . -21.92 -14.06 -1.55
NC HEC GA . -22.80 -8.16 -4.24
C1C HEC GA . -22.22 -9.36 -4.64
C2C HEC GA . -21.98 -9.32 -6.06
C3C HEC GA . -22.37 -8.10 -6.50
C4C HEC GA . -22.90 -7.40 -5.35
CMC HEC GA . -21.24 -10.39 -6.87
CAC HEC GA . -22.16 -7.45 -7.88
CBC HEC GA . -22.62 -8.26 -9.09
ND HEC GA . -24.15 -6.04 -3.02
C1D HEC GA . -24.18 -5.60 -4.34
C2D HEC GA . -24.99 -4.39 -4.44
C3D HEC GA . -25.45 -4.13 -3.09
C4D HEC GA . -24.87 -5.14 -2.26
CMD HEC GA . -25.31 -3.55 -5.66
CAD HEC GA . -26.27 -2.91 -2.68
CBD HEC GA . -25.30 -1.80 -2.31
CGD HEC GA . -25.86 -0.40 -2.39
O1D HEC GA . -27.06 -0.22 -2.70
O2D HEC GA . -25.05 0.53 -2.16
HHA HEC GA . -25.56 -4.51 -0.50
HHB HEC GA . -22.15 -9.25 1.54
HHC HEC GA . -21.71 -11.24 -4.27
HHD HEC GA . -23.55 -5.70 -6.23
HAD1 HEC GA . -26.82 -3.14 -1.91
HAD2 HEC GA . -26.84 -2.63 -3.40
HBD1 HEC GA . -24.52 -1.85 -2.89
HBD2 HEC GA . -24.99 -1.95 -1.40
FE HEC HA . -23.71 -7.45 -13.84
CHA HEC HA . -26.08 -9.13 -15.55
CHB HEC HA . -25.99 -5.11 -12.94
CHC HEC HA . -21.47 -6.04 -11.73
CHD HEC HA . -21.25 -9.43 -15.08
NA HEC HA . -25.65 -7.19 -14.17
C1A HEC HA . -26.51 -8.08 -14.80
C2A HEC HA . -27.88 -7.65 -14.62
C3A HEC HA . -27.86 -6.53 -13.91
C4A HEC HA . -26.46 -6.21 -13.63
CMA HEC HA . -29.05 -5.70 -13.43
CAA HEC HA . -29.11 -8.44 -15.09
CBA HEC HA . -29.53 -9.45 -14.01
CGA HEC HA . -30.76 -10.22 -14.35
O1A HEC HA . -31.15 -11.11 -13.55
O2A HEC HA . -31.36 -9.98 -15.44
NB HEC HA . -23.70 -5.91 -12.61
C1B HEC HA . -24.73 -5.01 -12.40
C2B HEC HA . -24.38 -4.05 -11.38
C3B HEC HA . -23.11 -4.31 -11.04
C4B HEC HA . -22.70 -5.49 -11.78
CMB HEC HA . -25.28 -2.83 -11.05
CAB HEC HA . -22.26 -3.59 -9.98
CBB HEC HA . -23.08 -3.65 -8.65
NC HEC HA . -21.76 -7.68 -13.49
C1C HEC HA . -20.99 -7.00 -12.58
C2C HEC HA . -19.64 -7.53 -12.51
C3C HEC HA . -19.55 -8.43 -13.51
C4C HEC HA . -20.87 -8.53 -14.13
CMC HEC HA . -18.50 -6.94 -11.67
CAC HEC HA . -18.24 -9.08 -14.06
CBC HEC HA . -17.36 -9.80 -13.06
ND HEC HA . -23.69 -9.00 -15.11
C1D HEC HA . -22.53 -9.66 -15.52
C2D HEC HA . -22.89 -10.65 -16.52
C3D HEC HA . -24.36 -10.57 -16.65
C4D HEC HA . -24.79 -9.52 -15.76
CMD HEC HA . -21.95 -11.61 -17.23
CAD HEC HA . -25.22 -11.38 -17.63
CBD HEC HA . -25.20 -10.64 -18.97
CGD HEC HA . -26.06 -11.33 -19.98
O1D HEC HA . -25.91 -12.58 -20.14
O2D HEC HA . -26.90 -10.63 -20.61
HHA HEC HA . -26.77 -9.67 -15.98
HHB HEC HA . -26.60 -4.35 -12.85
HHC HEC HA . -20.86 -5.73 -11.02
HHD HEC HA . -20.54 -9.97 -15.50
HAA1 HEC HA . -28.89 -8.92 -15.91
HAA2 HEC HA . -29.84 -7.83 -15.27
HBA1 HEC HA . -29.68 -8.96 -13.19
HBA2 HEC HA . -28.80 -10.08 -13.87
HAD1 HEC HA . -26.13 -11.42 -17.31
HAD2 HEC HA . -24.86 -12.27 -17.73
HBD1 HEC HA . -24.29 -10.62 -19.31
HBD2 HEC HA . -25.52 -9.73 -18.84
FE HEC IA . 2.06 -21.10 12.20
CHA HEC IA . -0.76 -22.27 13.70
CHB HEC IA . 3.70 -23.96 12.99
CHC HEC IA . 4.82 -19.99 10.54
CHD HEC IA . 0.60 -18.08 11.74
NA HEC IA . 1.56 -22.77 13.16
C1A HEC IA . 0.34 -23.09 13.71
C2A HEC IA . 0.40 -24.43 14.25
C3A HEC IA . 1.65 -24.86 14.08
C4A HEC IA . 2.40 -23.85 13.37
CMA HEC IA . 2.22 -26.24 14.48
CAA HEC IA . -0.74 -25.16 14.97
CBA HEC IA . -1.36 -26.22 14.05
CGA HEC IA . -2.33 -27.00 14.90
O1A HEC IA . -3.41 -26.47 15.24
O2A HEC IA . -1.98 -28.17 15.30
NB HEC IA . 3.90 -21.83 11.82
C1B HEC IA . 4.40 -23.04 12.25
C2B HEC IA . 5.73 -23.21 11.72
C3B HEC IA . 6.09 -22.08 11.09
C4B HEC IA . 4.90 -21.23 11.10
CMB HEC IA . 6.65 -24.42 12.09
CAB HEC IA . 7.42 -21.70 10.42
CBB HEC IA . 7.79 -22.73 9.33
NC HEC IA . 2.59 -19.37 11.30
C1C HEC IA . 3.78 -19.11 10.64
C2C HEC IA . 3.71 -17.79 10.04
C3C HEC IA . 2.55 -17.22 10.42
C4C HEC IA . 1.84 -18.20 11.21
CMC HEC IA . 4.90 -17.17 9.30
CAC HEC IA . 2.07 -15.76 10.26
CBC HEC IA . 2.41 -15.16 8.89
ND HEC IA . 0.25 -20.34 12.62
C1D HEC IA . -0.16 -19.04 12.35
C2D HEC IA . -1.50 -18.85 12.80
C3D HEC IA . -1.93 -20.13 13.38
C4D HEC IA . -0.79 -20.98 13.25
CMD HEC IA . -2.31 -17.59 12.67
CAD HEC IA . -3.30 -20.43 13.96
CBD HEC IA . -4.04 -21.51 13.19
CGD HEC IA . -4.37 -21.20 11.76
O1D HEC IA . -4.45 -19.98 11.38
O2D HEC IA . -4.62 -22.15 10.96
HHA HEC IA . -1.59 -22.64 14.07
HHB HEC IA . 4.18 -24.78 13.26
HHC HEC IA . 5.58 -19.70 10.00
HHD HEC IA . 0.20 -17.18 11.68
HAA1 HEC IA . -1.42 -24.53 15.23
HAA2 HEC IA . -0.39 -25.60 15.76
HBA1 HEC IA . -0.67 -26.81 13.71
HBA2 HEC IA . -1.83 -25.80 13.32
HAD1 HEC IA . -3.84 -19.63 13.97
HAD2 HEC IA . -3.18 -20.72 14.88
HBD1 HEC IA . -4.86 -21.71 13.66
HBD2 HEC IA . -3.49 -22.33 13.20
FE HEC JA . 2.11 -13.08 2.85
CHA HEC JA . 2.05 -13.97 -0.43
CHB HEC JA . -1.24 -13.47 3.02
CHC HEC JA . 2.21 -12.50 6.21
CHD HEC JA . 5.36 -12.22 2.60
NA HEC JA . 0.70 -13.60 1.55
C1A HEC JA . 0.86 -13.92 0.22
C2A HEC JA . -0.42 -14.18 -0.38
C3A HEC JA . -1.34 -14.01 0.58
C4A HEC JA . -0.66 -13.68 1.81
CMA HEC JA . -2.86 -14.19 0.47
CAA HEC JA . -0.67 -14.50 -1.88
CBA HEC JA . -0.82 -16.05 -1.90
CBA HEC JA . -0.44 -15.93 -2.31
CGA HEC JA . -1.09 -16.69 -3.25
CGA HEC JA . -0.87 -15.90 -3.75
O1A HEC JA . -1.20 -17.96 -3.24
O1A HEC JA . -0.47 -14.97 -4.50
O2A HEC JA . -1.16 -15.94 -4.27
O2A HEC JA . -1.66 -16.79 -4.16
NB HEC JA . 0.77 -13.00 4.33
C1B HEC JA . -0.59 -13.23 4.20
C2B HEC JA . -1.18 -13.27 5.52
C3B HEC JA . -0.26 -12.93 6.43
C4B HEC JA . 0.98 -12.80 5.67
CMB HEC JA . -2.72 -13.41 5.71
CAB HEC JA . -0.47 -12.79 7.97
CBB HEC JA . -0.98 -14.15 8.56
NC HEC JA . 3.52 -12.49 4.15
C1C HEC JA . 3.36 -12.30 5.49
C2C HEC JA . 4.63 -11.88 6.07
C3C HEC JA . 5.47 -11.69 5.04
C4C HEC JA . 4.81 -12.11 3.83
CMC HEC JA . 4.81 -11.49 7.55
CAC HEC JA . 6.85 -10.98 5.06
CBC HEC JA . 7.93 -11.50 5.97
ND HEC JA . 3.45 -13.13 1.38
C1D HEC JA . 4.78 -12.76 1.49
C2D HEC JA . 5.47 -13.02 0.25
C3D HEC JA . 4.46 -13.57 -0.69
C4D HEC JA . 3.23 -13.59 0.07
CMD HEC JA . 6.97 -12.78 -0.03
CAD HEC JA . 4.69 -14.01 -2.14
CBD HEC JA . 4.35 -12.88 -3.08
CGD HEC JA . 4.12 -13.41 -4.47
O1D HEC JA . 4.86 -14.31 -4.88
O2D HEC JA . 3.17 -12.96 -5.18
HHA HEC JA . 2.05 -14.31 -1.35
HHB HEC JA . -2.22 -13.51 3.05
HHC HEC JA . 2.26 -12.42 7.17
HHD HEC JA . 6.27 -11.87 2.50
HAD1 HEC JA . 4.13 -14.78 -2.34
HAD2 HEC JA . 5.62 -14.26 -2.26
HBD1 HEC JA . 5.08 -12.24 -3.10
HBD2 HEC JA . 3.55 -12.44 -2.77
FE HEC KA . 5.14 -27.30 18.06
CHA HEC KA . 1.87 -27.40 19.06
CHB HEC KA . 4.65 -24.21 16.73
CHC HEC KA . 8.42 -27.13 17.18
CHD HEC KA . 5.59 -30.52 19.05
NA HEC KA . 3.59 -26.07 17.90
C1A HEC KA . 2.31 -26.27 18.41
C2A HEC KA . 1.48 -25.13 18.11
C3A HEC KA . 2.25 -24.25 17.46
C4A HEC KA . 3.59 -24.80 17.34
CMA HEC KA . 1.86 -22.85 16.95
CAA HEC KA . 0.00 -25.02 18.54
CBA HEC KA . -0.05 -24.28 19.84
CGA HEC KA . -1.43 -24.03 20.36
O1A HEC KA . -1.67 -22.98 21.01
O2A HEC KA . -2.31 -24.90 20.16
NB HEC KA . 6.31 -25.93 17.16
C1B HEC KA . 5.93 -24.69 16.68
C2B HEC KA . 7.09 -24.01 16.18
C3B HEC KA . 8.17 -24.81 16.27
C4B HEC KA . 7.67 -26.02 16.88
CMB HEC KA . 7.01 -22.63 15.50
CAB HEC KA . 9.63 -24.57 15.78
CBB HEC KA . 10.15 -23.23 16.38
NC HEC KA . 6.69 -28.60 18.12
C1C HEC KA . 7.97 -28.34 17.70
C2C HEC KA . 8.84 -29.45 18.11
C3C HEC KA . 8.02 -30.45 18.44
C4C HEC KA . 6.69 -29.91 18.55
CMC HEC KA . 10.30 -29.59 17.58
CAC HEC KA . 8.40 -31.94 18.73
CBC HEC KA . 9.41 -32.14 19.86
ND HEC KA . 3.97 -28.66 18.94
C1D HEC KA . 4.35 -29.98 19.21
C2D HEC KA . 3.21 -30.71 19.67
C3D HEC KA . 2.03 -29.78 19.68
C4D HEC KA . 2.61 -28.54 19.22
CMD HEC KA . 3.19 -32.18 20.07
CAD HEC KA . 0.58 -30.08 20.07
CBD HEC KA . -0.21 -30.39 18.80
CGD HEC KA . 0.25 -31.61 18.07
O1D HEC KA . 0.26 -32.73 18.69
O2D HEC KA . 0.62 -31.54 16.87
HHA HEC KA . 0.96 -27.39 19.43
HHB HEC KA . 4.48 -23.35 16.29
HHC HEC KA . 9.39 -27.06 17.04
HHD HEC KA . 5.70 -31.45 19.34
HAA1 HEC KA . -0.39 -25.91 18.63
HAA2 HEC KA . -0.49 -24.52 17.87
HBA1 HEC KA . 0.40 -23.42 19.74
HBA2 HEC KA . 0.44 -24.80 20.51
HAD1 HEC KA . 0.19 -29.32 20.51
HAD2 HEC KA . 0.56 -30.85 20.66
HBD1 HEC KA . -0.14 -29.63 18.20
HBD2 HEC KA . -1.15 -30.52 19.04
S SO3 LA . -25.67 -11.45 13.56
O1 SO3 LA . -26.23 -10.56 12.45
O2 SO3 LA . -25.99 -12.73 12.96
O3 SO3 LA . -26.53 -11.27 14.72
CA CA MA . -30.96 -18.14 12.03
CA CA NA . -23.85 -0.68 6.05
S SO3 OA . 0.77 -30.08 12.05
S SO3 OA . 0.91 -30.57 12.08
O1 SO3 OA . -0.12 -31.24 11.89
O1 SO3 OA . 1.01 -32.03 12.14
O2 SO3 OA . 1.25 -30.16 13.42
O3 SO3 OA . 1.95 -30.20 11.19
S1 THJ PA . -63.18 -6.56 20.88
O1 THJ PA . -62.71 -7.92 21.21
O2 THJ PA . -63.46 -5.82 22.12
O3 THJ PA . -64.39 -6.65 20.04
S2 THJ PA . -61.81 -5.65 19.91
NA NA QA . -53.11 -0.96 14.85
O1 PG6 RA . -42.03 -21.26 23.77
C2 PG6 RA . -41.13 -22.19 23.18
C3 PG6 RA . -41.30 -23.50 23.90
O2 PG6 RA . -42.69 -23.85 23.89
C4 PG6 RA . -42.97 -25.06 24.59
C5 PG6 RA . -44.34 -25.55 24.13
O3 PG6 RA . -44.19 -26.15 22.85
C6 PG6 RA . -45.37 -26.74 22.31
C7 PG6 RA . -45.10 -27.36 20.95
O4 PG6 RA . -44.82 -26.29 20.04
C8 PG6 RA . -44.59 -26.75 18.73
C9 PG6 RA . -44.23 -25.55 17.87
O5 PG6 RA . -45.23 -24.50 17.95
C10 PG6 RA . -46.43 -24.78 17.22
C11 PG6 RA . -47.13 -23.49 16.79
O6 PG6 RA . -46.35 -22.82 15.79
C12 PG6 RA . -46.53 -23.34 14.47
C TRS SA . -49.81 1.17 12.67
C1 TRS SA . -48.68 1.54 13.62
C2 TRS SA . -49.38 0.07 11.69
C3 TRS SA . -50.38 2.40 11.96
N TRS SA . -50.91 0.60 13.48
O1 TRS SA . -49.12 1.51 14.95
O2 TRS SA . -49.69 -1.22 12.16
O3 TRS SA . -51.79 2.45 12.02
S SO4 TA . -29.19 -30.82 6.28
O1 SO4 TA . -29.50 -31.40 7.57
O2 SO4 TA . -27.76 -30.96 5.97
O3 SO4 TA . -29.92 -31.40 5.18
O4 SO4 TA . -29.49 -29.40 6.32
C3 PG6 UA . 13.38 -23.12 5.81
O2 PG6 UA . 13.07 -21.99 6.64
C4 PG6 UA . 11.75 -21.51 6.35
C5 PG6 UA . 11.47 -20.35 7.29
O3 PG6 UA . 12.49 -19.35 7.16
C6 PG6 UA . 12.59 -19.00 5.78
C7 PG6 UA . 13.69 -17.97 5.63
O4 PG6 UA . 13.34 -16.70 6.17
O1 PG4 VA . -20.79 2.40 24.26
C1 PG4 VA . -21.53 3.60 24.09
C2 PG4 VA . -20.62 4.80 24.29
O2 PG4 VA . -19.96 4.90 25.54
C3 PG4 VA . -20.79 4.88 26.69
C4 PG4 VA . -20.13 5.78 27.73
O3 PG4 VA . -20.47 5.29 29.02
C5 PG4 VA . -21.17 6.28 29.80
O1 PG4 WA . -31.54 -23.52 26.70
C1 PG4 WA . -32.76 -23.21 26.04
C2 PG4 WA . -32.89 -21.71 25.83
O2 PG4 WA . -33.94 -21.44 24.89
C3 PG4 WA . -33.73 -20.26 24.13
C4 PG4 WA . -34.16 -19.00 24.89
O3 PG4 WA . -33.23 -17.94 24.67
C5 PG4 WA . -33.86 -16.68 24.84
C6 PG4 WA . -33.27 -15.95 26.03
O4 PG4 WA . -34.29 -15.24 26.73
O1 PG4 XA . -34.19 0.37 0.16
C1 PG4 XA . -34.03 -0.01 1.53
C2 PG4 XA . -34.51 1.11 2.44
O2 PG4 XA . -33.96 0.96 3.75
C3 PG4 XA . -33.18 2.09 4.09
C4 PG4 XA . -31.88 1.64 4.74
O3 PG4 XA . -31.47 2.61 5.70
O1 PG4 YA . -3.29 -28.88 25.01
C1 PG4 YA . -3.35 -29.81 23.94
C2 PG4 YA . -2.32 -30.91 24.15
O2 PG4 YA . -1.50 -31.10 23.00
C3 PG4 YA . -0.35 -31.90 23.33
O1 PG4 ZA . -18.53 -12.80 -16.54
C1 PG4 ZA . -17.66 -12.49 -15.47
C2 PG4 ZA . -16.96 -13.75 -15.01
O2 PG4 ZA . -16.10 -13.42 -13.91
O1 PG4 AB . -32.92 -4.84 34.44
C1 PG4 AB . -32.54 -3.69 35.16
C2 PG4 AB . -31.09 -3.35 34.87
O2 PG4 AB . -30.69 -2.24 35.68
C3 PG4 AB . -31.23 -0.99 35.24
C1 PG6 BB . -1.51 -27.42 -2.28
O1 PG6 BB . -2.73 -26.93 -2.83
C2 PG6 BB . -3.76 -26.81 -1.84
C3 PG6 BB . -5.11 -27.16 -2.46
O2 PG6 BB . -5.68 -28.27 -1.76
O1 PG4 CB . -10.66 9.45 20.96
C1 PG4 CB . -9.92 10.11 21.99
C2 PG4 CB . -10.71 10.11 23.29
O2 PG4 CB . -10.51 8.88 24.00
C2 PG4 DB . -52.21 -9.75 23.33
O2 PG4 DB . -51.03 -9.68 22.51
C3 PG4 DB . -49.86 -10.15 23.18
C4 PG4 DB . -48.89 -8.99 23.39
O3 PG4 DB . -48.06 -8.79 22.25
O1 PG4 EB . 2.30 -3.82 15.93
C1 PG4 EB . 1.44 -4.15 17.01
C2 PG4 EB . 1.15 -5.64 16.99
O2 PG4 EB . 1.30 -6.17 18.31
C ACT FB . -63.26 -9.02 12.75
O ACT FB . -63.18 -9.95 11.87
OXT ACT FB . -62.21 -8.49 13.20
CH3 ACT FB . -64.58 -8.55 13.25
O1 PG4 GB . -28.52 -16.03 20.78
C1 PG4 GB . -28.93 -16.35 22.10
C2 PG4 GB . -28.00 -17.41 22.65
O2 PG4 GB . -27.44 -17.21 23.94
C3 PG4 GB . -28.06 -17.96 24.99
C4 PG4 GB . -27.09 -19.04 25.44
O3 PG4 GB . -26.13 -18.41 26.26
NA NA HB . -25.37 2.31 3.64
NA NA IB . -18.20 -16.01 -16.81
#